data_2IW3
#
_entry.id   2IW3
#
_cell.length_a   98.800
_cell.length_b   107.700
_cell.length_c   209.700
_cell.angle_alpha   90.00
_cell.angle_beta   90.00
_cell.angle_gamma   90.00
#
_symmetry.space_group_name_H-M   'P 21 21 21'
#
loop_
_entity.id
_entity.type
_entity.pdbx_description
1 polymer 'ELONGATION FACTOR 3A'
2 non-polymer "ADENOSINE-5'-DIPHOSPHATE"
3 non-polymer 'SULFATE ION'
4 water water
#
_entity_poly.entity_id   1
_entity_poly.type   'polypeptide(L)'
_entity_poly.pdbx_seq_one_letter_code
;HHHHHHSDSQQSIKVLEELFQKLSVATADNRHEIASEVASFLNGNIIEHDVPEHFFGELAKGIKDKKTAANA(MSE)QAV
AHIANQSNLSPSVEPYIVQLVPAICTNAGNKDKEIQSVASETLISIVNAVNPVAIKALLPHLTNAIVETNKWQEKIAILA
AFSA(MSE)VDAAKDQVALR(MSE)PELIPVLSET(MSE)WDTKKEVKAAATAA(MSE)TKATETVDNKDIERFIPSLIQ
CIADPTEVPETVHLLGATTFVAEVTPATLSI(MSE)VPLLSRGLNERETGIKRKSAVIIDN(MSE)CKLVEDPQVIAPFL
GKLLPGLKSNFATIADPEAREVTLRALKTLRRVGNVGEDDAIPELSHAGDVSTTLQVVNELLKDETVAPRFKIVVEYIAA
IGADLIDERIIDQQAWFTHITPY(MSE)TIFLHEKKAKDILDEFRKRAVDNIPVGPNFDDEEDEGEDLCNCEFSLAYGAK
ILLNKTQLRLKRARRYGICGPNGCGKSTL(MSE)RAIANGQVDGFPTQEECRTVYVEHDIDGTHSDTSVLDFVFESGVGT
KEAIKDKLIEFGFTDE(MSE)IA(MSE)PISALSGGWK(MSE)KLALARAVLRNADILLLDEPTNHLDTVNVAWLVNYLN
TCGITSITISHDSVFLDNVCEYIINYEGLKLRKYKGNFTEFVKKCPAAKAYEELSNTDLEFKFPEPGYLEGVKTKQKAIV
KVTN(MSE)EFQYPGTSKPQITDINFQCSLSSRIAVIGPNGAGKSTLINVLTGELLPTSGEVYTHENCRIAYIKQHAFAH
IESHLDKTPSEYIQWRFQTGEDRET(MSE)DRANRQINENDAEA(MSE)NKIFKIEGTPRRIAGIHSRRKFKNTYEYECS
FLLGENIG(MSE)KSERWVP(MSE)(MSE)SVDNAWIPRGELVESHSK(MSE)VAEVD(MSE)KEALASGQFRPLTRKEI
EEHCS(MSE)LGLDPEIVSHSRIRGLSGGQKVKLVLAAGTWQRPHLIVLDEPTNYLDRDSLGALSKALKEFEGGVIIITH
SAEFTKNLTEEVWAVKDGR(MSE)TPSGHNWVSG
;
_entity_poly.pdbx_strand_id   A,B
#
# COMPACT_ATOMS: atom_id res chain seq x y z
N SER A 7 30.69 -43.00 21.26
CA SER A 7 29.94 -44.11 21.93
C SER A 7 28.46 -43.75 22.08
N ASP A 8 28.19 -42.64 22.76
CA ASP A 8 26.82 -42.18 22.93
C ASP A 8 26.41 -41.74 21.52
N SER A 9 27.43 -41.41 20.71
CA SER A 9 27.24 -41.01 19.32
C SER A 9 26.98 -42.27 18.50
N GLN A 10 27.76 -43.31 18.75
CA GLN A 10 27.59 -44.57 18.03
C GLN A 10 26.19 -45.09 18.36
N GLN A 11 25.70 -44.71 19.53
CA GLN A 11 24.38 -45.10 20.00
C GLN A 11 23.33 -44.48 19.06
N SER A 12 23.61 -43.25 18.61
CA SER A 12 22.71 -42.55 17.70
C SER A 12 22.51 -43.37 16.43
N ILE A 13 23.61 -43.83 15.84
CA ILE A 13 23.55 -44.63 14.62
C ILE A 13 22.59 -45.81 14.79
N LYS A 14 22.66 -46.48 15.94
CA LYS A 14 21.79 -47.61 16.21
C LYS A 14 20.32 -47.21 16.29
N VAL A 15 20.04 -46.14 17.04
CA VAL A 15 18.67 -45.67 17.19
C VAL A 15 18.06 -45.34 15.83
N LEU A 16 18.86 -44.73 14.96
CA LEU A 16 18.39 -44.40 13.61
C LEU A 16 18.06 -45.67 12.82
N GLU A 17 18.76 -46.76 13.10
CA GLU A 17 18.50 -48.03 12.43
C GLU A 17 17.16 -48.61 12.88
N GLU A 18 16.91 -48.59 14.18
CA GLU A 18 15.66 -49.12 14.70
C GLU A 18 14.50 -48.31 14.13
N LEU A 19 14.58 -47.00 14.22
CA LEU A 19 13.53 -46.11 13.70
C LEU A 19 13.35 -46.28 12.19
N PHE A 20 14.44 -46.39 11.44
CA PHE A 20 14.32 -46.55 10.01
C PHE A 20 13.70 -47.90 9.66
N GLN A 21 13.95 -48.89 10.51
CA GLN A 21 13.42 -50.23 10.28
C GLN A 21 11.90 -50.22 10.44
N LYS A 22 11.42 -49.45 11.42
CA LYS A 22 10.00 -49.33 11.68
C LYS A 22 9.33 -48.51 10.57
N LEU A 23 10.05 -47.49 10.09
CA LEU A 23 9.56 -46.61 9.04
C LEU A 23 9.30 -47.35 7.72
N SER A 24 10.29 -48.09 7.25
CA SER A 24 10.15 -48.83 5.98
C SER A 24 8.95 -49.77 6.00
N VAL A 25 8.45 -50.09 7.18
CA VAL A 25 7.30 -50.99 7.32
C VAL A 25 6.02 -50.20 7.53
N ALA A 26 6.18 -48.92 7.85
CA ALA A 26 5.06 -48.02 8.10
C ALA A 26 3.91 -48.12 7.10
N THR A 27 2.71 -47.88 7.60
CA THR A 27 1.50 -47.89 6.79
C THR A 27 0.98 -46.46 6.77
N ALA A 28 0.02 -46.18 5.89
CA ALA A 28 -0.53 -44.83 5.80
C ALA A 28 -1.14 -44.40 7.14
N ASP A 29 -1.34 -45.35 8.05
CA ASP A 29 -1.90 -45.06 9.36
C ASP A 29 -0.91 -44.58 10.40
N ASN A 30 0.25 -45.25 10.48
CA ASN A 30 1.28 -44.89 11.45
C ASN A 30 2.46 -44.12 10.83
N ARG A 31 2.40 -43.92 9.52
CA ARG A 31 3.45 -43.21 8.80
C ARG A 31 3.90 -41.88 9.41
N HIS A 32 2.93 -41.04 9.79
CA HIS A 32 3.25 -39.75 10.37
C HIS A 32 3.85 -39.82 11.77
N GLU A 33 3.44 -40.83 12.54
CA GLU A 33 3.95 -41.00 13.89
C GLU A 33 5.46 -41.25 13.89
N ILE A 34 5.90 -42.23 13.11
CA ILE A 34 7.32 -42.54 13.07
C ILE A 34 8.15 -41.50 12.32
N ALA A 35 7.61 -40.94 11.25
CA ALA A 35 8.34 -39.93 10.50
C ALA A 35 8.71 -38.85 11.51
N SER A 36 7.75 -38.51 12.37
CA SER A 36 7.94 -37.50 13.39
C SER A 36 9.07 -37.87 14.34
N GLU A 37 9.13 -39.14 14.73
CA GLU A 37 10.19 -39.61 15.62
C GLU A 37 11.53 -39.46 14.95
N VAL A 38 11.63 -39.97 13.72
CA VAL A 38 12.86 -39.89 12.97
C VAL A 38 13.28 -38.44 12.91
N ALA A 39 12.31 -37.59 12.63
CA ALA A 39 12.55 -36.16 12.51
C ALA A 39 13.11 -35.53 13.77
N SER A 40 12.43 -35.71 14.90
CA SER A 40 12.86 -35.12 16.15
C SER A 40 14.25 -35.58 16.58
N PHE A 41 14.55 -36.86 16.33
CA PHE A 41 15.85 -37.41 16.70
C PHE A 41 16.98 -36.97 15.77
N LEU A 42 16.75 -37.09 14.47
CA LEU A 42 17.76 -36.72 13.48
C LEU A 42 18.22 -35.25 13.51
N ASN A 43 17.32 -34.34 13.88
CA ASN A 43 17.67 -32.92 13.91
C ASN A 43 18.39 -32.42 15.16
N GLY A 44 18.59 -33.30 16.14
CA GLY A 44 19.28 -32.90 17.35
C GLY A 44 20.79 -33.10 17.26
N ASN A 45 21.51 -32.74 18.33
CA ASN A 45 22.96 -32.91 18.36
C ASN A 45 23.21 -34.38 18.67
N ILE A 46 23.19 -35.22 17.65
CA ILE A 46 23.35 -36.65 17.87
C ILE A 46 24.69 -37.26 17.47
N ILE A 47 25.32 -36.70 16.45
CA ILE A 47 26.59 -37.24 15.99
C ILE A 47 27.75 -36.27 16.09
N GLU A 48 28.86 -36.77 16.64
CA GLU A 48 30.06 -35.96 16.82
C GLU A 48 30.88 -35.84 15.54
N HIS A 49 30.88 -34.66 14.95
CA HIS A 49 31.64 -34.39 13.73
C HIS A 49 31.51 -35.44 12.62
N ASP A 50 30.31 -35.91 12.36
CA ASP A 50 30.10 -36.90 11.31
C ASP A 50 28.61 -36.99 11.01
N VAL A 51 28.26 -37.68 9.93
CA VAL A 51 26.86 -37.83 9.54
C VAL A 51 26.41 -39.29 9.54
N PRO A 52 25.11 -39.53 9.78
CA PRO A 52 24.61 -40.90 9.78
C PRO A 52 24.55 -41.39 8.34
N GLU A 53 25.73 -41.63 7.76
CA GLU A 53 25.87 -42.07 6.38
C GLU A 53 24.97 -43.23 5.97
N HIS A 54 24.98 -44.31 6.74
CA HIS A 54 24.15 -45.47 6.38
C HIS A 54 22.67 -45.11 6.30
N PHE A 55 22.22 -44.32 7.28
CA PHE A 55 20.82 -43.89 7.33
C PHE A 55 20.43 -43.12 6.06
N PHE A 56 21.20 -42.10 5.71
CA PHE A 56 20.88 -41.32 4.51
C PHE A 56 20.87 -42.22 3.28
N GLY A 57 21.72 -43.24 3.30
CA GLY A 57 21.80 -44.17 2.18
C GLY A 57 20.52 -44.96 2.04
N GLU A 58 20.00 -45.46 3.15
CA GLU A 58 18.76 -46.22 3.15
C GLU A 58 17.58 -45.33 2.79
N LEU A 59 17.63 -44.09 3.25
CA LEU A 59 16.57 -43.14 2.96
C LEU A 59 16.55 -42.88 1.45
N ALA A 60 17.72 -42.65 0.88
CA ALA A 60 17.82 -42.41 -0.56
C ALA A 60 17.24 -43.59 -1.33
N LYS A 61 17.71 -44.78 -1.00
CA LYS A 61 17.25 -46.00 -1.66
C LYS A 61 15.74 -46.18 -1.52
N GLY A 62 15.23 -45.98 -0.32
CA GLY A 62 13.81 -46.13 -0.08
C GLY A 62 12.96 -45.22 -0.94
N ILE A 63 13.44 -44.00 -1.18
CA ILE A 63 12.70 -43.04 -2.01
C ILE A 63 12.50 -43.53 -3.44
N LYS A 64 13.47 -44.29 -3.96
CA LYS A 64 13.39 -44.79 -5.33
C LYS A 64 12.59 -46.08 -5.50
N ASP A 65 12.08 -46.64 -4.42
CA ASP A 65 11.32 -47.88 -4.50
C ASP A 65 9.84 -47.69 -4.21
N LYS A 66 9.00 -48.09 -5.16
CA LYS A 66 7.54 -47.97 -5.05
C LYS A 66 7.04 -48.34 -3.66
N LYS A 67 7.44 -49.53 -3.19
CA LYS A 67 7.01 -50.05 -1.89
C LYS A 67 7.25 -49.14 -0.70
N THR A 68 8.30 -48.33 -0.75
CA THR A 68 8.59 -47.45 0.39
C THR A 68 8.71 -45.95 0.06
N ALA A 69 8.46 -45.58 -1.19
CA ALA A 69 8.55 -44.17 -1.62
C ALA A 69 7.82 -43.20 -0.69
N ALA A 70 6.55 -43.48 -0.44
CA ALA A 70 5.75 -42.63 0.43
C ALA A 70 6.29 -42.49 1.84
N ASN A 71 6.69 -43.61 2.44
CA ASN A 71 7.20 -43.56 3.81
C ASN A 71 8.51 -42.79 3.90
N ALA A 72 9.44 -43.10 3.01
CA ALA A 72 10.73 -42.44 3.00
C ALA A 72 10.59 -40.93 2.80
N GLN A 74 7.83 -39.10 3.31
CA GLN A 74 7.06 -38.49 4.38
C GLN A 74 7.98 -38.21 5.54
N ALA A 75 9.02 -39.02 5.69
CA ALA A 75 10.00 -38.82 6.76
C ALA A 75 10.79 -37.54 6.45
N VAL A 76 11.10 -37.33 5.17
CA VAL A 76 11.83 -36.15 4.77
C VAL A 76 11.02 -34.89 5.07
N ALA A 77 9.74 -34.92 4.76
CA ALA A 77 8.87 -33.78 5.01
C ALA A 77 8.88 -33.40 6.49
N HIS A 78 8.91 -34.40 7.37
CA HIS A 78 8.95 -34.13 8.81
C HIS A 78 10.33 -33.64 9.21
N ILE A 79 11.35 -34.24 8.62
CA ILE A 79 12.73 -33.85 8.89
C ILE A 79 12.93 -32.41 8.45
N ALA A 80 12.29 -32.07 7.33
CA ALA A 80 12.39 -30.74 6.75
C ALA A 80 11.23 -29.86 7.17
N ASN A 81 11.08 -29.62 8.47
CA ASN A 81 9.99 -28.76 8.90
C ASN A 81 10.54 -27.34 8.97
N GLN A 82 9.66 -26.35 9.14
CA GLN A 82 10.06 -24.94 9.14
C GLN A 82 10.93 -24.38 10.25
N SER A 83 10.97 -25.04 11.40
CA SER A 83 11.75 -24.48 12.50
C SER A 83 12.85 -25.33 13.08
N ASN A 84 12.96 -26.58 12.64
CA ASN A 84 13.95 -27.46 13.23
C ASN A 84 14.97 -28.17 12.33
N LEU A 85 14.99 -27.88 11.04
CA LEU A 85 15.96 -28.55 10.16
C LEU A 85 17.39 -28.20 10.58
N SER A 86 18.10 -29.21 11.08
CA SER A 86 19.47 -29.04 11.53
C SER A 86 20.42 -28.83 10.37
N PRO A 87 21.39 -27.92 10.52
CA PRO A 87 22.33 -27.70 9.41
C PRO A 87 23.21 -28.91 9.12
N SER A 88 23.34 -29.81 10.09
CA SER A 88 24.14 -31.03 9.93
C SER A 88 23.41 -32.00 9.02
N VAL A 89 22.13 -31.74 8.81
CA VAL A 89 21.27 -32.60 7.99
C VAL A 89 20.88 -31.96 6.66
N GLU A 90 20.64 -30.66 6.69
CA GLU A 90 20.21 -29.88 5.52
C GLU A 90 20.84 -30.25 4.17
N PRO A 91 22.18 -30.25 4.08
CA PRO A 91 22.78 -30.58 2.78
C PRO A 91 22.43 -31.98 2.26
N TYR A 92 22.22 -32.92 3.16
CA TYR A 92 21.87 -34.29 2.78
C TYR A 92 20.40 -34.41 2.36
N ILE A 93 19.57 -33.46 2.80
CA ILE A 93 18.16 -33.48 2.42
C ILE A 93 18.01 -32.92 1.02
N VAL A 94 18.66 -31.78 0.78
CA VAL A 94 18.60 -31.12 -0.52
C VAL A 94 19.12 -32.02 -1.63
N GLN A 95 20.07 -32.89 -1.27
CA GLN A 95 20.66 -33.81 -2.24
C GLN A 95 19.62 -34.82 -2.77
N LEU A 96 18.51 -34.98 -2.04
CA LEU A 96 17.45 -35.91 -2.41
C LEU A 96 16.37 -35.28 -3.31
N VAL A 97 16.42 -33.97 -3.49
CA VAL A 97 15.40 -33.30 -4.30
C VAL A 97 15.21 -33.91 -5.68
N PRO A 98 16.31 -34.20 -6.39
CA PRO A 98 16.19 -34.79 -7.73
C PRO A 98 15.34 -36.07 -7.73
N ALA A 99 15.67 -37.00 -6.84
CA ALA A 99 14.94 -38.26 -6.72
C ALA A 99 13.48 -37.96 -6.42
N ILE A 100 13.26 -36.98 -5.56
CA ILE A 100 11.91 -36.59 -5.18
C ILE A 100 11.12 -35.96 -6.34
N CYS A 101 11.79 -35.19 -7.19
CA CYS A 101 11.09 -34.59 -8.33
C CYS A 101 10.59 -35.69 -9.25
N THR A 102 11.39 -36.74 -9.40
CA THR A 102 10.98 -37.85 -10.24
C THR A 102 9.70 -38.45 -9.67
N ASN A 103 9.69 -38.66 -8.36
CA ASN A 103 8.51 -39.21 -7.72
C ASN A 103 7.29 -38.31 -7.91
N ALA A 104 7.51 -37.02 -8.18
CA ALA A 104 6.40 -36.09 -8.38
C ALA A 104 5.79 -36.33 -9.76
N GLY A 105 6.40 -37.24 -10.52
CA GLY A 105 5.90 -37.57 -11.84
C GLY A 105 5.41 -39.01 -11.91
N ASN A 106 5.44 -39.71 -10.77
CA ASN A 106 5.01 -41.09 -10.70
C ASN A 106 3.53 -41.26 -11.01
N LYS A 107 3.20 -42.39 -11.63
CA LYS A 107 1.83 -42.72 -12.01
C LYS A 107 0.94 -42.99 -10.80
N ASP A 108 1.54 -43.49 -9.72
CA ASP A 108 0.77 -43.78 -8.50
C ASP A 108 0.42 -42.49 -7.75
N LYS A 109 -0.87 -42.26 -7.58
CA LYS A 109 -1.40 -41.09 -6.91
C LYS A 109 -0.76 -40.74 -5.57
N GLU A 110 -0.62 -41.73 -4.68
CA GLU A 110 -0.04 -41.49 -3.36
C GLU A 110 1.40 -40.99 -3.40
N ILE A 111 2.24 -41.66 -4.18
CA ILE A 111 3.63 -41.28 -4.32
C ILE A 111 3.76 -39.88 -4.92
N GLN A 112 2.95 -39.60 -5.94
CA GLN A 112 2.96 -38.32 -6.64
C GLN A 112 2.57 -37.17 -5.70
N SER A 113 1.60 -37.45 -4.84
CA SER A 113 1.10 -36.46 -3.90
C SER A 113 2.10 -36.18 -2.80
N VAL A 114 2.67 -37.24 -2.22
CA VAL A 114 3.62 -37.07 -1.15
C VAL A 114 4.85 -36.33 -1.66
N ALA A 115 5.27 -36.63 -2.88
CA ALA A 115 6.43 -35.98 -3.47
C ALA A 115 6.21 -34.47 -3.61
N SER A 116 5.06 -34.09 -4.17
CA SER A 116 4.73 -32.68 -4.35
C SER A 116 4.81 -31.97 -3.00
N GLU A 117 4.20 -32.60 -2.00
CA GLU A 117 4.16 -32.09 -0.64
C GLU A 117 5.58 -31.93 -0.08
N THR A 118 6.40 -32.95 -0.25
CA THR A 118 7.76 -32.95 0.25
C THR A 118 8.62 -31.84 -0.35
N LEU A 119 8.40 -31.52 -1.62
CA LEU A 119 9.17 -30.45 -2.25
C LEU A 119 8.89 -29.11 -1.59
N ILE A 120 7.62 -28.85 -1.27
CA ILE A 120 7.25 -27.58 -0.64
C ILE A 120 7.89 -27.52 0.75
N SER A 121 7.84 -28.64 1.46
CA SER A 121 8.42 -28.69 2.79
C SER A 121 9.89 -28.35 2.78
N ILE A 122 10.62 -28.89 1.80
CA ILE A 122 12.05 -28.64 1.69
C ILE A 122 12.34 -27.18 1.35
N VAL A 123 11.56 -26.62 0.43
CA VAL A 123 11.75 -25.21 0.03
C VAL A 123 11.53 -24.29 1.25
N ASN A 124 10.59 -24.65 2.11
CA ASN A 124 10.32 -23.83 3.30
C ASN A 124 11.23 -24.10 4.49
N ALA A 125 12.04 -25.15 4.41
CA ALA A 125 12.92 -25.54 5.52
C ALA A 125 14.39 -25.17 5.39
N VAL A 126 14.88 -25.04 4.16
CA VAL A 126 16.29 -24.72 3.96
C VAL A 126 16.67 -23.30 4.34
N ASN A 127 17.96 -23.10 4.54
CA ASN A 127 18.50 -21.77 4.84
C ASN A 127 18.26 -21.05 3.52
N PRO A 128 17.49 -19.95 3.54
CA PRO A 128 17.20 -19.22 2.29
C PRO A 128 18.44 -18.82 1.48
N VAL A 129 19.54 -18.62 2.18
CA VAL A 129 20.80 -18.23 1.57
C VAL A 129 21.46 -19.35 0.76
N ALA A 130 20.98 -20.57 0.96
CA ALA A 130 21.52 -21.74 0.26
C ALA A 130 20.72 -22.01 -1.02
N ILE A 131 20.01 -21.01 -1.50
CA ILE A 131 19.19 -21.14 -2.69
C ILE A 131 19.91 -21.69 -3.92
N LYS A 132 21.19 -21.34 -4.07
CA LYS A 132 21.93 -21.80 -5.23
C LYS A 132 22.24 -23.30 -5.24
N ALA A 133 22.00 -23.96 -4.12
CA ALA A 133 22.23 -25.40 -4.04
C ALA A 133 20.93 -26.15 -4.32
N LEU A 134 19.82 -25.44 -4.25
CA LEU A 134 18.52 -26.06 -4.46
C LEU A 134 17.85 -25.70 -5.78
N LEU A 135 17.91 -24.44 -6.17
CA LEU A 135 17.26 -24.00 -7.40
C LEU A 135 17.64 -24.79 -8.64
N PRO A 136 18.96 -24.99 -8.89
CA PRO A 136 19.38 -25.75 -10.08
C PRO A 136 18.69 -27.13 -10.19
N HIS A 137 18.43 -27.75 -9.05
CA HIS A 137 17.76 -29.06 -9.06
C HIS A 137 16.34 -28.92 -9.60
N LEU A 138 15.67 -27.83 -9.23
CA LEU A 138 14.30 -27.60 -9.66
C LEU A 138 14.21 -27.15 -11.12
N THR A 139 15.15 -26.32 -11.56
CA THR A 139 15.15 -25.87 -12.96
C THR A 139 15.61 -27.02 -13.87
N ASN A 140 16.60 -27.80 -13.45
CA ASN A 140 17.03 -28.92 -14.27
C ASN A 140 15.86 -29.86 -14.49
N ALA A 141 15.21 -30.22 -13.38
CA ALA A 141 14.09 -31.14 -13.41
C ALA A 141 12.92 -30.73 -14.30
N ILE A 142 12.39 -29.54 -14.10
CA ILE A 142 11.23 -29.15 -14.89
C ILE A 142 11.52 -28.98 -16.38
N VAL A 143 12.77 -28.70 -16.72
CA VAL A 143 13.14 -28.53 -18.12
C VAL A 143 13.33 -29.87 -18.84
N GLU A 144 13.88 -30.86 -18.12
CA GLU A 144 14.16 -32.16 -18.70
C GLU A 144 13.07 -33.22 -18.60
N THR A 145 12.04 -33.00 -17.77
CA THR A 145 10.98 -33.98 -17.63
C THR A 145 9.90 -33.88 -18.69
N ASN A 146 9.18 -34.99 -18.89
CA ASN A 146 8.08 -35.03 -19.85
C ASN A 146 6.78 -35.35 -19.10
N LYS A 147 6.88 -35.54 -17.78
CA LYS A 147 5.70 -35.80 -16.96
C LYS A 147 5.07 -34.45 -16.60
N TRP A 148 3.85 -34.20 -17.04
CA TRP A 148 3.22 -32.91 -16.74
C TRP A 148 2.97 -32.67 -15.26
N GLN A 149 2.58 -33.72 -14.52
CA GLN A 149 2.32 -33.55 -13.10
C GLN A 149 3.60 -33.14 -12.38
N GLU A 150 4.74 -33.55 -12.92
CA GLU A 150 6.01 -33.18 -12.29
C GLU A 150 6.26 -31.68 -12.46
N LYS A 151 5.92 -31.17 -13.64
CA LYS A 151 6.09 -29.75 -13.91
C LYS A 151 5.24 -28.93 -12.94
N ILE A 152 4.01 -29.38 -12.71
CA ILE A 152 3.11 -28.66 -11.83
C ILE A 152 3.64 -28.63 -10.38
N ALA A 153 4.20 -29.75 -9.93
CA ALA A 153 4.73 -29.83 -8.57
C ALA A 153 5.95 -28.92 -8.40
N ILE A 154 6.79 -28.82 -9.42
CA ILE A 154 7.97 -27.97 -9.32
C ILE A 154 7.56 -26.50 -9.42
N LEU A 155 6.57 -26.21 -10.26
CA LEU A 155 6.09 -24.84 -10.37
C LEU A 155 5.51 -24.40 -9.02
N ALA A 156 4.89 -25.33 -8.30
CA ALA A 156 4.33 -25.02 -6.98
C ALA A 156 5.46 -24.75 -5.99
N ALA A 157 6.57 -25.47 -6.15
CA ALA A 157 7.73 -25.31 -5.29
C ALA A 157 8.41 -23.97 -5.59
N PHE A 158 8.31 -23.48 -6.82
CA PHE A 158 8.89 -22.20 -7.19
C PHE A 158 8.10 -21.12 -6.43
N SER A 159 6.78 -21.26 -6.42
CA SER A 159 5.93 -20.29 -5.75
C SER A 159 6.19 -20.23 -4.24
N ALA A 160 6.36 -21.38 -3.63
CA ALA A 160 6.61 -21.43 -2.20
C ALA A 160 7.94 -20.76 -1.89
N VAL A 162 9.22 -18.15 -3.41
CA VAL A 162 9.10 -16.70 -3.48
C VAL A 162 8.82 -16.13 -2.08
N ASP A 163 7.96 -16.83 -1.32
CA ASP A 163 7.63 -16.38 0.02
C ASP A 163 8.70 -16.75 1.03
N ALA A 164 9.40 -17.85 0.80
CA ALA A 164 10.44 -18.33 1.70
C ALA A 164 11.79 -17.60 1.58
N ALA A 165 12.11 -17.16 0.37
CA ALA A 165 13.38 -16.48 0.13
C ALA A 165 13.24 -15.39 -0.91
N LYS A 166 12.38 -14.41 -0.63
CA LYS A 166 12.13 -13.35 -1.59
C LYS A 166 13.35 -12.58 -2.07
N ASP A 167 14.24 -12.19 -1.18
CA ASP A 167 15.42 -11.45 -1.61
C ASP A 167 16.31 -12.34 -2.46
N GLN A 168 16.45 -13.60 -2.04
CA GLN A 168 17.30 -14.52 -2.77
C GLN A 168 16.69 -14.83 -4.13
N VAL A 169 15.38 -14.99 -4.21
CA VAL A 169 14.76 -15.27 -5.49
C VAL A 169 14.88 -14.07 -6.43
N ALA A 170 14.69 -12.87 -5.90
CA ALA A 170 14.76 -11.65 -6.70
C ALA A 170 16.00 -11.64 -7.60
N LEU A 171 17.15 -12.05 -7.04
CA LEU A 171 18.40 -12.05 -7.78
C LEU A 171 18.49 -13.17 -8.81
N ARG A 172 17.64 -14.17 -8.66
CA ARG A 172 17.62 -15.31 -9.58
C ARG A 172 16.60 -15.10 -10.70
N PRO A 174 16.40 -13.26 -13.45
CA PRO A 174 16.81 -13.36 -14.86
C PRO A 174 16.95 -14.79 -15.38
N GLU A 175 17.24 -15.73 -14.49
CA GLU A 175 17.36 -17.12 -14.89
C GLU A 175 16.03 -17.85 -14.76
N LEU A 176 15.23 -17.48 -13.76
CA LEU A 176 13.93 -18.10 -13.53
C LEU A 176 12.81 -17.69 -14.50
N ILE A 177 12.74 -16.40 -14.84
CA ILE A 177 11.68 -15.92 -15.73
C ILE A 177 11.64 -16.62 -17.08
N PRO A 178 12.80 -16.80 -17.73
CA PRO A 178 12.66 -17.49 -19.02
C PRO A 178 12.14 -18.92 -18.86
N VAL A 179 12.54 -19.60 -17.79
CA VAL A 179 12.07 -20.96 -17.54
C VAL A 179 10.54 -21.03 -17.35
N LEU A 180 10.00 -20.08 -16.59
CA LEU A 180 8.55 -20.04 -16.37
C LEU A 180 7.86 -19.65 -17.67
N SER A 181 8.49 -18.73 -18.42
CA SER A 181 7.93 -18.27 -19.70
C SER A 181 7.78 -19.45 -20.65
N GLU A 182 8.84 -20.25 -20.74
CA GLU A 182 8.83 -21.41 -21.60
C GLU A 182 7.73 -22.37 -21.17
N THR A 183 7.58 -22.56 -19.85
CA THR A 183 6.57 -23.48 -19.33
C THR A 183 5.15 -22.99 -19.61
N TRP A 185 4.06 -22.05 -22.18
CA TRP A 185 3.71 -22.47 -23.52
C TRP A 185 3.65 -23.99 -23.67
N ASP A 186 3.65 -24.68 -22.54
CA ASP A 186 3.57 -26.13 -22.53
C ASP A 186 2.26 -26.51 -23.24
N THR A 187 2.24 -27.67 -23.89
CA THR A 187 1.03 -28.11 -24.59
C THR A 187 -0.08 -28.57 -23.65
N LYS A 188 0.26 -28.93 -22.41
CA LYS A 188 -0.74 -29.36 -21.45
C LYS A 188 -1.43 -28.14 -20.82
N LYS A 189 -2.74 -28.05 -20.99
CA LYS A 189 -3.50 -26.93 -20.43
C LYS A 189 -3.25 -26.76 -18.94
N GLU A 190 -3.25 -27.85 -18.19
CA GLU A 190 -3.01 -27.79 -16.75
C GLU A 190 -1.67 -27.11 -16.47
N VAL A 191 -0.65 -27.46 -17.25
CA VAL A 191 0.67 -26.89 -17.08
C VAL A 191 0.62 -25.39 -17.36
N LYS A 192 -0.08 -25.01 -18.44
CA LYS A 192 -0.23 -23.58 -18.79
C LYS A 192 -0.80 -22.81 -17.59
N ALA A 193 -1.87 -23.35 -17.03
CA ALA A 193 -2.54 -22.75 -15.88
C ALA A 193 -1.59 -22.60 -14.71
N ALA A 194 -0.85 -23.66 -14.40
CA ALA A 194 0.07 -23.60 -13.29
C ALA A 194 1.25 -22.66 -13.56
N ALA A 195 1.72 -22.62 -14.80
CA ALA A 195 2.86 -21.76 -15.12
C ALA A 195 2.49 -20.29 -14.99
N THR A 196 1.30 -19.94 -15.44
CA THR A 196 0.85 -18.55 -15.33
C THR A 196 0.78 -18.12 -13.88
N ALA A 197 0.23 -19.00 -13.02
CA ALA A 197 0.12 -18.70 -11.60
C ALA A 197 1.51 -18.50 -10.97
N ALA A 198 2.44 -19.40 -11.25
CA ALA A 198 3.77 -19.26 -10.68
C ALA A 198 4.42 -17.97 -11.20
N THR A 200 2.90 -15.18 -12.00
CA THR A 200 2.34 -14.07 -11.26
C THR A 200 2.99 -14.04 -9.88
N LYS A 201 3.18 -15.21 -9.26
CA LYS A 201 3.80 -15.25 -7.94
C LYS A 201 5.23 -14.72 -7.99
N ALA A 202 6.02 -15.24 -8.93
CA ALA A 202 7.41 -14.82 -9.06
C ALA A 202 7.58 -13.31 -9.23
N THR A 203 6.66 -12.66 -9.93
CA THR A 203 6.76 -11.21 -10.17
C THR A 203 6.62 -10.39 -8.89
N GLU A 204 6.21 -11.02 -7.80
CA GLU A 204 6.07 -10.29 -6.56
C GLU A 204 7.43 -9.82 -6.06
N THR A 205 8.50 -10.37 -6.65
CA THR A 205 9.86 -10.00 -6.24
C THR A 205 10.39 -8.78 -7.00
N VAL A 206 9.65 -8.31 -8.00
CA VAL A 206 10.10 -7.15 -8.76
C VAL A 206 10.25 -6.00 -7.79
N ASP A 207 9.22 -5.80 -6.97
CA ASP A 207 9.23 -4.77 -5.94
C ASP A 207 9.60 -3.40 -6.53
N ASN A 208 8.96 -3.04 -7.63
CA ASN A 208 9.23 -1.75 -8.27
C ASN A 208 7.94 -1.01 -8.51
N LYS A 209 7.69 0.03 -7.71
CA LYS A 209 6.48 0.82 -7.81
C LYS A 209 6.15 1.39 -9.19
N ASP A 210 7.18 1.71 -9.96
CA ASP A 210 6.99 2.29 -11.30
C ASP A 210 6.29 1.42 -12.33
N ILE A 211 6.47 0.11 -12.30
CA ILE A 211 5.82 -0.76 -13.28
C ILE A 211 4.85 -1.75 -12.65
N GLU A 212 4.76 -1.72 -11.32
CA GLU A 212 3.89 -2.62 -10.58
C GLU A 212 2.53 -2.82 -11.23
N ARG A 213 1.82 -1.72 -11.49
CA ARG A 213 0.50 -1.76 -12.08
C ARG A 213 0.41 -2.35 -13.50
N PHE A 214 1.56 -2.62 -14.12
CA PHE A 214 1.54 -3.17 -15.47
C PHE A 214 1.95 -4.65 -15.52
N ILE A 215 2.34 -5.18 -14.37
CA ILE A 215 2.77 -6.56 -14.28
C ILE A 215 1.77 -7.57 -14.84
N PRO A 216 0.47 -7.40 -14.54
CA PRO A 216 -0.42 -8.41 -15.12
C PRO A 216 -0.55 -8.22 -16.63
N SER A 217 -0.16 -7.04 -17.12
CA SER A 217 -0.23 -6.75 -18.55
C SER A 217 1.00 -7.29 -19.27
N LEU A 218 2.06 -7.53 -18.49
CA LEU A 218 3.29 -8.07 -19.05
C LEU A 218 3.17 -9.58 -19.11
N ILE A 219 2.56 -10.13 -18.06
CA ILE A 219 2.34 -11.58 -17.96
C ILE A 219 1.50 -12.03 -19.14
N GLN A 220 0.41 -11.31 -19.39
CA GLN A 220 -0.47 -11.65 -20.50
C GLN A 220 0.32 -11.64 -21.82
N CYS A 221 1.20 -10.65 -21.98
CA CYS A 221 2.01 -10.56 -23.18
C CYS A 221 2.89 -11.78 -23.38
N ILE A 222 3.51 -12.27 -22.31
CA ILE A 222 4.34 -13.45 -22.41
C ILE A 222 3.47 -14.57 -22.97
N ALA A 223 2.20 -14.56 -22.57
CA ALA A 223 1.25 -15.58 -23.01
C ALA A 223 0.73 -15.33 -24.42
N ASP A 224 0.78 -14.07 -24.87
CA ASP A 224 0.32 -13.73 -26.20
C ASP A 224 1.02 -12.49 -26.74
N PRO A 225 1.96 -12.70 -27.68
CA PRO A 225 2.73 -11.63 -28.31
C PRO A 225 1.89 -10.54 -28.96
N THR A 226 0.73 -10.90 -29.49
CA THR A 226 -0.12 -9.93 -30.16
C THR A 226 -0.47 -8.72 -29.29
N GLU A 227 -0.37 -8.87 -27.96
CA GLU A 227 -0.68 -7.77 -27.06
C GLU A 227 0.53 -6.87 -26.82
N VAL A 228 1.65 -7.19 -27.48
CA VAL A 228 2.86 -6.39 -27.32
C VAL A 228 2.65 -4.95 -27.74
N PRO A 229 2.22 -4.72 -28.99
CA PRO A 229 2.02 -3.33 -29.40
C PRO A 229 1.11 -2.65 -28.38
N GLU A 230 0.01 -3.33 -28.10
CA GLU A 230 -0.99 -2.89 -27.13
C GLU A 230 -0.32 -2.54 -25.80
N THR A 231 0.58 -3.39 -25.32
CA THR A 231 1.27 -3.17 -24.04
C THR A 231 2.38 -2.13 -24.13
N VAL A 232 3.04 -2.03 -25.28
CA VAL A 232 4.09 -1.04 -25.44
C VAL A 232 3.41 0.31 -25.39
N HIS A 233 2.30 0.42 -26.14
CA HIS A 233 1.50 1.64 -26.19
C HIS A 233 1.04 1.99 -24.78
N LEU A 234 0.82 0.96 -23.98
CA LEU A 234 0.35 1.09 -22.60
C LEU A 234 1.46 1.47 -21.61
N LEU A 235 2.72 1.30 -22.00
CA LEU A 235 3.84 1.58 -21.10
C LEU A 235 4.61 2.88 -21.31
N GLY A 236 4.49 3.45 -22.50
CA GLY A 236 5.22 4.68 -22.81
C GLY A 236 5.35 5.75 -21.74
N ALA A 237 4.27 6.03 -21.02
CA ALA A 237 4.27 7.08 -20.01
C ALA A 237 4.89 6.78 -18.64
N THR A 238 5.28 5.55 -18.37
CA THR A 238 5.87 5.22 -17.07
C THR A 238 7.17 5.94 -16.79
N THR A 239 7.12 6.99 -15.99
CA THR A 239 8.33 7.74 -15.64
C THR A 239 9.03 7.03 -14.49
N PHE A 240 10.16 6.40 -14.80
CA PHE A 240 10.94 5.65 -13.82
C PHE A 240 11.61 6.51 -12.77
N VAL A 241 11.61 6.01 -11.54
CA VAL A 241 12.20 6.69 -10.40
C VAL A 241 13.09 5.74 -9.62
N ALA A 242 12.55 4.57 -9.28
CA ALA A 242 13.29 3.57 -8.50
C ALA A 242 14.29 2.81 -9.35
N GLU A 243 15.37 2.36 -8.71
CA GLU A 243 16.42 1.64 -9.41
C GLU A 243 15.89 0.50 -10.27
N VAL A 244 16.61 0.24 -11.36
CA VAL A 244 16.24 -0.83 -12.27
C VAL A 244 17.10 -2.05 -11.96
N THR A 245 16.50 -2.98 -11.23
CA THR A 245 17.17 -4.19 -10.80
C THR A 245 17.10 -5.32 -11.83
N PRO A 246 17.82 -6.42 -11.57
CA PRO A 246 17.82 -7.56 -12.50
C PRO A 246 16.38 -8.06 -12.69
N ALA A 247 15.63 -8.10 -11.59
CA ALA A 247 14.23 -8.54 -11.61
C ALA A 247 13.36 -7.63 -12.47
N THR A 248 13.68 -6.34 -12.49
CA THR A 248 12.90 -5.40 -13.29
C THR A 248 13.16 -5.66 -14.77
N LEU A 249 14.41 -5.94 -15.12
CA LEU A 249 14.78 -6.20 -16.50
C LEU A 249 14.23 -7.51 -17.06
N SER A 250 14.31 -8.58 -16.25
CA SER A 250 13.82 -9.87 -16.70
C SER A 250 12.32 -9.82 -17.04
N ILE A 251 11.65 -8.77 -16.59
CA ILE A 251 10.23 -8.61 -16.84
C ILE A 251 9.93 -7.57 -17.91
N VAL A 253 12.59 -6.22 -20.45
CA VAL A 253 13.30 -6.51 -21.69
C VAL A 253 12.57 -7.41 -22.67
N PRO A 254 12.16 -8.62 -22.26
CA PRO A 254 11.48 -9.44 -23.25
C PRO A 254 10.31 -8.75 -23.97
N LEU A 255 9.61 -7.86 -23.28
CA LEU A 255 8.50 -7.15 -23.91
C LEU A 255 9.06 -6.16 -24.93
N LEU A 256 10.05 -5.39 -24.49
CA LEU A 256 10.67 -4.39 -25.34
C LEU A 256 11.34 -5.03 -26.56
N SER A 257 12.15 -6.05 -26.31
CA SER A 257 12.83 -6.75 -27.38
C SER A 257 11.84 -7.06 -28.50
N ARG A 258 10.67 -7.58 -28.16
CA ARG A 258 9.66 -7.89 -29.16
C ARG A 258 9.07 -6.60 -29.71
N GLY A 259 9.19 -5.53 -28.94
CA GLY A 259 8.68 -4.25 -29.38
C GLY A 259 9.51 -3.79 -30.56
N LEU A 260 10.83 -3.75 -30.35
CA LEU A 260 11.75 -3.33 -31.39
C LEU A 260 11.54 -4.08 -32.70
N ASN A 261 11.50 -5.40 -32.61
CA ASN A 261 11.32 -6.21 -33.82
C ASN A 261 9.88 -6.23 -34.29
N GLU A 262 9.09 -5.25 -33.85
CA GLU A 262 7.70 -5.19 -34.26
C GLU A 262 7.62 -4.78 -35.74
N ARG A 263 6.42 -4.55 -36.24
CA ARG A 263 6.23 -4.18 -37.64
C ARG A 263 6.08 -2.68 -37.89
N GLU A 264 5.24 -2.03 -37.10
CA GLU A 264 4.96 -0.60 -37.23
C GLU A 264 6.05 0.30 -36.65
N THR A 265 6.35 1.38 -37.38
CA THR A 265 7.38 2.33 -36.96
C THR A 265 7.09 2.99 -35.61
N GLY A 266 5.82 3.27 -35.34
CA GLY A 266 5.46 3.90 -34.09
C GLY A 266 5.93 3.10 -32.88
N ILE A 267 5.63 1.80 -32.91
CA ILE A 267 6.01 0.88 -31.84
C ILE A 267 7.52 0.86 -31.63
N LYS A 268 8.26 0.64 -32.72
CA LYS A 268 9.73 0.61 -32.65
C LYS A 268 10.21 1.82 -31.88
N ARG A 269 9.65 2.97 -32.25
CA ARG A 269 9.99 4.24 -31.62
C ARG A 269 9.64 4.24 -30.14
N LYS A 270 8.42 3.78 -29.85
CA LYS A 270 7.95 3.74 -28.47
C LYS A 270 8.82 2.85 -27.60
N SER A 271 9.12 1.65 -28.11
CA SER A 271 9.95 0.71 -27.38
C SER A 271 11.28 1.36 -26.98
N ALA A 272 11.89 2.05 -27.94
CA ALA A 272 13.16 2.72 -27.70
C ALA A 272 13.04 3.74 -26.57
N VAL A 273 11.96 4.52 -26.61
CA VAL A 273 11.73 5.53 -25.58
C VAL A 273 11.74 4.86 -24.21
N ILE A 274 10.97 3.77 -24.11
CA ILE A 274 10.87 3.02 -22.87
C ILE A 274 12.23 2.43 -22.49
N ILE A 275 12.92 1.88 -23.48
CA ILE A 275 14.25 1.30 -23.25
C ILE A 275 15.13 2.42 -22.72
N ASP A 276 15.20 3.51 -23.48
CA ASP A 276 15.99 4.67 -23.10
C ASP A 276 15.64 5.11 -21.69
N ASN A 277 14.40 5.56 -21.51
CA ASN A 277 13.94 6.02 -20.20
C ASN A 277 14.31 5.10 -19.05
N CYS A 279 16.69 2.24 -18.96
CA CYS A 279 18.09 1.88 -18.79
C CYS A 279 19.01 2.95 -18.21
N LYS A 280 18.70 4.23 -18.41
CA LYS A 280 19.55 5.28 -17.86
C LYS A 280 19.56 5.17 -16.33
N LEU A 281 18.53 4.52 -15.79
CA LEU A 281 18.43 4.32 -14.34
C LEU A 281 19.17 3.06 -13.89
N VAL A 282 20.08 2.58 -14.74
CA VAL A 282 20.85 1.39 -14.40
C VAL A 282 22.20 1.83 -13.86
N GLU A 283 22.31 1.83 -12.54
CA GLU A 283 23.54 2.25 -11.88
C GLU A 283 24.74 1.31 -12.09
N ASP A 284 24.49 0.01 -12.26
CA ASP A 284 25.58 -0.96 -12.44
C ASP A 284 25.54 -1.63 -13.82
N PRO A 285 26.67 -1.66 -14.53
CA PRO A 285 26.80 -2.26 -15.87
C PRO A 285 26.64 -3.78 -15.87
N GLN A 286 27.07 -4.42 -14.79
CA GLN A 286 26.95 -5.86 -14.67
C GLN A 286 25.47 -6.28 -14.71
N VAL A 287 24.61 -5.38 -14.23
CA VAL A 287 23.18 -5.63 -14.19
C VAL A 287 22.55 -5.76 -15.58
N ILE A 288 22.80 -4.77 -16.44
CA ILE A 288 22.25 -4.75 -17.78
C ILE A 288 22.97 -5.70 -18.74
N ALA A 289 24.16 -6.15 -18.35
CA ALA A 289 24.97 -7.05 -19.17
C ALA A 289 24.23 -8.21 -19.83
N PRO A 290 23.67 -9.13 -19.03
CA PRO A 290 22.95 -10.28 -19.60
C PRO A 290 21.73 -9.97 -20.46
N PHE A 291 21.34 -8.70 -20.54
CA PHE A 291 20.18 -8.30 -21.33
C PHE A 291 20.55 -7.56 -22.61
N LEU A 292 21.75 -6.99 -22.63
CA LEU A 292 22.25 -6.23 -23.78
C LEU A 292 22.02 -6.92 -25.12
N GLY A 293 22.27 -8.22 -25.16
CA GLY A 293 22.10 -8.96 -26.40
C GLY A 293 20.69 -9.00 -26.96
N LYS A 294 19.68 -8.67 -26.16
CA LYS A 294 18.30 -8.72 -26.64
C LYS A 294 17.79 -7.37 -27.08
N LEU A 295 18.59 -6.33 -26.88
CA LEU A 295 18.20 -4.97 -27.24
C LEU A 295 19.07 -4.33 -28.32
N LEU A 296 20.39 -4.37 -28.11
CA LEU A 296 21.36 -3.77 -29.05
C LEU A 296 21.09 -4.11 -30.51
N PRO A 297 21.02 -5.40 -30.86
CA PRO A 297 20.75 -5.73 -32.27
C PRO A 297 19.49 -5.06 -32.80
N GLY A 298 18.41 -5.15 -32.04
CA GLY A 298 17.15 -4.56 -32.44
C GLY A 298 17.24 -3.06 -32.61
N LEU A 299 18.15 -2.43 -31.88
CA LEU A 299 18.34 -1.00 -31.98
C LEU A 299 19.20 -0.64 -33.21
N LYS A 300 20.29 -1.38 -33.42
CA LYS A 300 21.16 -1.12 -34.57
C LYS A 300 20.34 -1.26 -35.84
N SER A 301 19.59 -2.35 -35.90
CA SER A 301 18.76 -2.62 -37.06
C SER A 301 17.83 -1.45 -37.31
N ASN A 302 17.36 -0.82 -36.25
CA ASN A 302 16.46 0.31 -36.40
C ASN A 302 17.14 1.63 -36.70
N PHE A 303 18.23 1.93 -36.00
CA PHE A 303 18.95 3.19 -36.25
C PHE A 303 19.43 3.25 -37.69
N ALA A 304 19.09 2.22 -38.47
CA ALA A 304 19.51 2.17 -39.87
C ALA A 304 18.45 1.66 -40.84
N THR A 305 17.19 1.61 -40.40
CA THR A 305 16.13 1.11 -41.28
C THR A 305 14.83 1.94 -41.23
N ILE A 306 14.79 2.96 -40.38
CA ILE A 306 13.60 3.80 -40.28
C ILE A 306 13.85 5.22 -40.78
N ALA A 307 13.02 5.63 -41.73
CA ALA A 307 13.11 6.95 -42.35
C ALA A 307 12.99 8.12 -41.37
N ASP A 308 11.77 8.39 -40.91
CA ASP A 308 11.52 9.48 -39.98
C ASP A 308 12.69 9.80 -39.07
N PRO A 309 13.17 11.05 -39.09
CA PRO A 309 14.29 11.49 -38.26
C PRO A 309 13.98 11.57 -36.76
N GLU A 310 12.72 11.32 -36.40
CA GLU A 310 12.35 11.35 -35.00
C GLU A 310 12.62 10.00 -34.35
N ALA A 311 12.06 8.95 -34.95
CA ALA A 311 12.28 7.60 -34.43
C ALA A 311 13.77 7.32 -34.31
N ARG A 312 14.54 7.75 -35.30
CA ARG A 312 15.97 7.55 -35.32
C ARG A 312 16.65 8.17 -34.12
N GLU A 313 16.47 9.49 -33.96
CA GLU A 313 17.07 10.21 -32.85
C GLU A 313 16.80 9.44 -31.57
N VAL A 314 15.54 9.04 -31.38
CA VAL A 314 15.16 8.29 -30.20
C VAL A 314 16.05 7.06 -30.11
N THR A 315 15.91 6.18 -31.10
CA THR A 315 16.70 4.95 -31.15
C THR A 315 18.15 5.18 -30.78
N LEU A 316 18.81 6.13 -31.44
CA LEU A 316 20.21 6.40 -31.15
C LEU A 316 20.40 6.67 -29.67
N ARG A 317 19.55 7.53 -29.12
CA ARG A 317 19.63 7.88 -27.71
C ARG A 317 19.60 6.63 -26.84
N ALA A 318 18.70 5.71 -27.17
CA ALA A 318 18.59 4.46 -26.44
C ALA A 318 19.90 3.71 -26.59
N LEU A 319 20.30 3.52 -27.84
CA LEU A 319 21.53 2.83 -28.16
C LEU A 319 22.70 3.43 -27.39
N LYS A 320 22.83 4.75 -27.45
CA LYS A 320 23.92 5.41 -26.74
C LYS A 320 23.83 5.15 -25.25
N THR A 321 22.62 5.14 -24.73
CA THR A 321 22.39 4.90 -23.30
C THR A 321 22.84 3.49 -22.96
N LEU A 322 22.42 2.53 -23.78
CA LEU A 322 22.78 1.14 -23.56
C LEU A 322 24.29 1.01 -23.52
N ARG A 323 24.98 1.61 -24.49
CA ARG A 323 26.44 1.55 -24.52
C ARG A 323 27.09 2.21 -23.32
N ARG A 324 26.57 3.37 -22.90
CA ARG A 324 27.15 4.04 -21.74
C ARG A 324 26.86 3.20 -20.50
N VAL A 325 25.58 2.98 -20.24
CA VAL A 325 25.14 2.20 -19.09
C VAL A 325 25.77 0.83 -19.08
N GLY A 326 25.72 0.16 -20.24
CA GLY A 326 26.29 -1.16 -20.35
C GLY A 326 27.81 -1.17 -20.21
N ASN A 327 28.41 0.01 -20.34
CA ASN A 327 29.86 0.14 -20.25
C ASN A 327 30.47 -0.71 -21.35
N VAL A 328 29.69 -0.94 -22.41
CA VAL A 328 30.15 -1.74 -23.52
C VAL A 328 31.48 -1.21 -24.03
N GLY A 329 32.17 -2.05 -24.80
CA GLY A 329 33.44 -1.64 -25.35
C GLY A 329 33.35 -1.41 -26.84
N GLU A 330 34.51 -1.26 -27.47
CA GLU A 330 34.59 -1.02 -28.90
C GLU A 330 33.98 -2.19 -29.66
N ASP A 331 33.37 -1.89 -30.81
CA ASP A 331 32.77 -2.91 -31.65
C ASP A 331 31.55 -3.57 -31.00
N ASP A 332 30.88 -2.83 -30.13
CA ASP A 332 29.69 -3.36 -29.44
C ASP A 332 29.97 -4.69 -28.77
N ALA A 333 31.01 -4.73 -27.94
CA ALA A 333 31.37 -5.94 -27.24
C ALA A 333 30.96 -5.85 -25.78
N ILE A 334 30.06 -6.74 -25.36
CA ILE A 334 29.60 -6.74 -23.99
C ILE A 334 30.74 -7.14 -23.06
N PRO A 335 31.02 -6.33 -22.03
CA PRO A 335 32.10 -6.62 -21.08
C PRO A 335 31.98 -8.02 -20.51
N GLU A 336 33.05 -8.49 -19.87
CA GLU A 336 33.04 -9.83 -19.29
C GLU A 336 32.46 -9.83 -17.88
N LEU A 337 31.26 -10.39 -17.72
CA LEU A 337 30.60 -10.47 -16.42
C LEU A 337 31.54 -10.95 -15.31
N SER A 338 31.31 -10.42 -14.12
CA SER A 338 32.11 -10.81 -12.96
C SER A 338 31.59 -12.17 -12.53
N HIS A 339 32.47 -13.00 -11.99
CA HIS A 339 32.07 -14.32 -11.55
C HIS A 339 32.25 -14.43 -10.04
N ALA A 340 32.12 -13.28 -9.37
CA ALA A 340 32.27 -13.22 -7.93
C ALA A 340 31.20 -14.07 -7.23
N GLY A 341 29.97 -13.98 -7.74
CA GLY A 341 28.86 -14.73 -7.16
C GLY A 341 28.61 -16.10 -7.75
N ASP A 342 29.48 -16.55 -8.63
CA ASP A 342 29.31 -17.87 -9.23
C ASP A 342 29.71 -18.97 -8.26
N VAL A 343 28.86 -19.99 -8.16
CA VAL A 343 29.12 -21.12 -7.28
C VAL A 343 30.44 -21.78 -7.68
N SER A 344 30.64 -21.91 -8.99
CA SER A 344 31.86 -22.51 -9.50
C SER A 344 33.08 -21.81 -8.92
N THR A 345 32.98 -20.48 -8.80
CA THR A 345 34.09 -19.68 -8.26
C THR A 345 34.32 -19.91 -6.77
N THR A 346 33.28 -19.67 -5.96
CA THR A 346 33.42 -19.84 -4.52
C THR A 346 33.83 -21.28 -4.14
N LEU A 347 33.46 -22.24 -4.97
CA LEU A 347 33.82 -23.63 -4.72
C LEU A 347 35.33 -23.81 -4.89
N GLN A 348 35.89 -23.18 -5.92
CA GLN A 348 37.33 -23.29 -6.16
C GLN A 348 38.07 -22.71 -4.95
N VAL A 349 37.58 -21.59 -4.44
CA VAL A 349 38.21 -20.95 -3.29
C VAL A 349 38.19 -21.86 -2.06
N VAL A 350 37.04 -22.50 -1.81
CA VAL A 350 36.93 -23.38 -0.65
C VAL A 350 37.68 -24.70 -0.82
N ASN A 351 37.73 -25.23 -2.05
CA ASN A 351 38.46 -26.47 -2.28
C ASN A 351 39.93 -26.18 -2.06
N GLU A 352 40.37 -25.03 -2.57
CA GLU A 352 41.75 -24.62 -2.43
C GLU A 352 42.11 -24.49 -0.95
N LEU A 353 41.25 -23.82 -0.18
CA LEU A 353 41.49 -23.63 1.25
C LEU A 353 41.42 -24.93 2.04
N LEU A 354 40.88 -25.98 1.44
CA LEU A 354 40.76 -27.27 2.11
C LEU A 354 41.74 -28.31 1.57
N LYS A 355 42.63 -27.89 0.68
CA LYS A 355 43.60 -28.81 0.07
C LYS A 355 44.42 -29.61 1.08
N ASP A 356 44.81 -28.98 2.18
CA ASP A 356 45.60 -29.68 3.20
C ASP A 356 44.77 -30.37 4.26
N GLU A 357 43.47 -30.45 4.03
CA GLU A 357 42.55 -31.09 4.95
C GLU A 357 41.98 -32.28 4.19
N THR A 358 41.91 -33.44 4.83
CA THR A 358 41.38 -34.63 4.17
C THR A 358 39.87 -34.72 4.31
N VAL A 359 39.16 -34.27 3.29
CA VAL A 359 37.70 -34.30 3.31
C VAL A 359 37.16 -35.57 2.69
N ALA A 360 36.66 -36.47 3.54
CA ALA A 360 36.12 -37.73 3.08
C ALA A 360 35.01 -37.51 2.05
N PRO A 361 34.67 -38.56 1.30
CA PRO A 361 33.63 -38.52 0.26
C PRO A 361 32.27 -38.07 0.75
N ARG A 362 31.85 -38.60 1.89
CA ARG A 362 30.53 -38.28 2.43
C ARG A 362 30.34 -36.81 2.82
N PHE A 363 31.41 -36.03 2.91
CA PHE A 363 31.30 -34.63 3.27
C PHE A 363 31.41 -33.71 2.05
N LYS A 364 31.60 -34.28 0.87
CA LYS A 364 31.72 -33.49 -0.34
C LYS A 364 30.48 -32.63 -0.57
N ILE A 365 29.32 -33.22 -0.37
CA ILE A 365 28.06 -32.51 -0.56
C ILE A 365 28.01 -31.26 0.33
N VAL A 366 28.58 -31.36 1.53
CA VAL A 366 28.59 -30.24 2.45
C VAL A 366 29.46 -29.11 1.89
N VAL A 367 30.60 -29.49 1.30
CA VAL A 367 31.54 -28.52 0.73
C VAL A 367 30.84 -27.72 -0.36
N GLU A 368 30.00 -28.41 -1.12
CA GLU A 368 29.25 -27.78 -2.19
C GLU A 368 28.22 -26.82 -1.59
N TYR A 369 27.56 -27.26 -0.52
CA TYR A 369 26.55 -26.43 0.14
C TYR A 369 27.19 -25.14 0.60
N ILE A 370 28.33 -25.28 1.26
CA ILE A 370 29.10 -24.15 1.77
C ILE A 370 29.42 -23.18 0.63
N ALA A 371 29.89 -23.73 -0.49
CA ALA A 371 30.21 -22.91 -1.65
C ALA A 371 28.98 -22.14 -2.09
N ALA A 372 27.86 -22.84 -2.17
CA ALA A 372 26.59 -22.25 -2.59
C ALA A 372 26.20 -21.09 -1.68
N ILE A 373 26.28 -21.31 -0.38
CA ILE A 373 25.92 -20.26 0.55
C ILE A 373 26.88 -19.09 0.34
N GLY A 374 28.17 -19.39 0.28
CA GLY A 374 29.16 -18.34 0.07
C GLY A 374 28.84 -17.51 -1.16
N ALA A 375 28.53 -18.17 -2.26
CA ALA A 375 28.22 -17.47 -3.51
C ALA A 375 27.02 -16.53 -3.36
N ASP A 376 25.97 -16.99 -2.70
CA ASP A 376 24.79 -16.16 -2.51
C ASP A 376 25.08 -14.94 -1.65
N LEU A 377 25.87 -15.11 -0.60
CA LEU A 377 26.20 -13.99 0.26
C LEU A 377 26.90 -12.91 -0.56
N ILE A 378 27.64 -13.33 -1.59
CA ILE A 378 28.34 -12.37 -2.42
C ILE A 378 27.39 -11.58 -3.32
N ASP A 379 26.36 -12.24 -3.87
CA ASP A 379 25.40 -11.53 -4.71
C ASP A 379 24.58 -10.55 -3.88
N GLU A 380 24.32 -10.93 -2.62
CA GLU A 380 23.56 -10.09 -1.69
C GLU A 380 24.49 -9.07 -1.07
N ARG A 381 25.77 -9.16 -1.40
CA ARG A 381 26.79 -8.25 -0.89
C ARG A 381 26.87 -8.25 0.63
N ILE A 382 26.79 -9.43 1.23
CA ILE A 382 26.90 -9.57 2.67
C ILE A 382 28.35 -9.96 2.91
N ILE A 383 29.15 -9.01 3.42
CA ILE A 383 30.58 -9.26 3.61
C ILE A 383 31.17 -9.18 5.02
N ASP A 384 30.39 -8.79 6.03
CA ASP A 384 30.93 -8.70 7.39
C ASP A 384 31.18 -10.10 7.95
N GLN A 385 32.19 -10.21 8.81
CA GLN A 385 32.55 -11.50 9.38
C GLN A 385 31.46 -12.28 10.11
N GLN A 386 30.65 -11.61 10.92
CA GLN A 386 29.60 -12.32 11.67
C GLN A 386 28.57 -13.00 10.77
N ALA A 387 28.20 -12.31 9.68
CA ALA A 387 27.24 -12.85 8.73
C ALA A 387 27.72 -14.17 8.16
N TRP A 388 29.02 -14.27 7.85
CA TRP A 388 29.56 -15.51 7.31
C TRP A 388 29.63 -16.58 8.39
N PHE A 389 30.01 -16.21 9.61
CA PHE A 389 30.06 -17.19 10.69
C PHE A 389 28.66 -17.71 11.00
N THR A 390 27.66 -16.84 10.87
CA THR A 390 26.28 -17.21 11.14
C THR A 390 25.77 -18.28 10.18
N HIS A 391 26.10 -18.14 8.90
CA HIS A 391 25.63 -19.07 7.88
C HIS A 391 26.46 -20.30 7.50
N ILE A 392 27.78 -20.18 7.51
CA ILE A 392 28.60 -21.32 7.09
C ILE A 392 29.28 -22.17 8.16
N THR A 393 29.76 -21.55 9.23
CA THR A 393 30.44 -22.31 10.27
C THR A 393 29.71 -23.59 10.69
N PRO A 394 28.39 -23.49 10.97
CA PRO A 394 27.63 -24.68 11.38
C PRO A 394 27.71 -25.87 10.41
N TYR A 395 27.93 -25.59 9.13
CA TYR A 395 28.04 -26.65 8.15
C TYR A 395 29.45 -27.25 8.22
N THR A 397 31.61 -27.48 10.79
CA THR A 397 31.91 -28.35 11.93
C THR A 397 31.31 -29.74 11.78
N ILE A 398 30.75 -30.02 10.61
CA ILE A 398 30.21 -31.34 10.34
C ILE A 398 31.41 -32.27 10.16
N PHE A 399 32.50 -31.73 9.64
CA PHE A 399 33.70 -32.53 9.43
C PHE A 399 35.00 -31.89 9.94
N LEU A 400 34.94 -30.61 10.30
CA LEU A 400 36.12 -29.91 10.80
C LEU A 400 35.92 -29.47 12.25
N HIS A 401 37.02 -29.11 12.91
CA HIS A 401 36.94 -28.63 14.28
C HIS A 401 36.60 -27.15 14.20
N GLU A 402 35.97 -26.64 15.25
CA GLU A 402 35.57 -25.23 15.28
C GLU A 402 36.67 -24.22 14.97
N LYS A 403 37.80 -24.32 15.66
CA LYS A 403 38.88 -23.37 15.44
C LYS A 403 39.38 -23.40 14.00
N LYS A 404 39.57 -24.61 13.47
CA LYS A 404 40.04 -24.76 12.10
C LYS A 404 38.98 -24.20 11.15
N ALA A 405 37.74 -24.58 11.40
CA ALA A 405 36.62 -24.12 10.58
C ALA A 405 36.55 -22.60 10.55
N LYS A 406 36.70 -21.98 11.72
CA LYS A 406 36.63 -20.52 11.80
C LYS A 406 37.81 -19.83 11.12
N ASP A 407 39.01 -20.36 11.30
CA ASP A 407 40.18 -19.74 10.67
C ASP A 407 40.03 -19.86 9.16
N ILE A 408 39.57 -21.03 8.71
CA ILE A 408 39.39 -21.26 7.28
C ILE A 408 38.27 -20.41 6.72
N LEU A 409 37.19 -20.28 7.49
CA LEU A 409 36.04 -19.51 7.05
C LEU A 409 36.39 -18.04 6.86
N ASP A 410 37.03 -17.45 7.87
CA ASP A 410 37.40 -16.03 7.78
C ASP A 410 38.20 -15.79 6.50
N GLU A 411 39.09 -16.71 6.18
CA GLU A 411 39.93 -16.61 4.99
C GLU A 411 39.08 -16.75 3.72
N PHE A 412 38.09 -17.65 3.76
CA PHE A 412 37.21 -17.88 2.63
C PHE A 412 36.45 -16.61 2.25
N ARG A 413 35.95 -15.90 3.26
CA ARG A 413 35.19 -14.68 3.05
C ARG A 413 36.05 -13.54 2.51
N LYS A 414 37.28 -13.44 3.02
CA LYS A 414 38.18 -12.39 2.58
C LYS A 414 38.48 -12.54 1.08
N ARG A 415 38.74 -13.78 0.66
CA ARG A 415 39.05 -14.05 -0.74
C ARG A 415 37.82 -13.98 -1.64
N ALA A 416 36.68 -14.46 -1.12
CA ALA A 416 35.45 -14.43 -1.88
C ALA A 416 35.05 -12.97 -2.09
N VAL A 417 35.22 -12.16 -1.06
CA VAL A 417 34.87 -10.73 -1.11
C VAL A 417 35.73 -9.95 -2.10
N ASP A 418 37.04 -10.20 -2.09
CA ASP A 418 37.97 -9.50 -2.97
C ASP A 418 37.58 -9.59 -4.45
N ASN A 419 36.83 -10.63 -4.82
CA ASN A 419 36.40 -10.81 -6.21
C ASN A 419 35.31 -9.82 -6.62
N ILE A 420 34.66 -9.23 -5.62
CA ILE A 420 33.60 -8.26 -5.87
C ILE A 420 34.15 -7.10 -6.70
N PRO A 421 33.64 -6.95 -7.92
CA PRO A 421 34.05 -5.89 -8.84
C PRO A 421 33.79 -4.49 -8.30
N VAL A 422 34.69 -3.57 -8.61
CA VAL A 422 34.56 -2.18 -8.18
C VAL A 422 33.74 -1.43 -9.22
N GLY A 423 32.51 -1.10 -8.86
CA GLY A 423 31.63 -0.39 -9.79
C GLY A 423 32.05 1.05 -10.05
N PRO A 424 31.64 1.63 -11.20
CA PRO A 424 31.97 3.00 -11.58
C PRO A 424 31.25 4.04 -10.71
N ASN A 425 31.40 5.32 -11.08
CA ASN A 425 30.78 6.42 -10.35
C ASN A 425 29.60 6.98 -11.12
N PHE A 426 28.84 7.86 -10.46
CA PHE A 426 27.68 8.47 -11.09
C PHE A 426 28.17 9.26 -12.30
N ASP A 427 27.26 9.68 -13.16
CA ASP A 427 27.66 10.40 -14.34
C ASP A 427 27.08 11.82 -14.33
N ASP A 428 27.94 12.78 -14.02
CA ASP A 428 27.58 14.19 -13.96
C ASP A 428 26.76 14.75 -15.10
N GLU A 429 26.97 14.22 -16.32
CA GLU A 429 26.27 14.69 -17.53
C GLU A 429 24.77 14.54 -17.52
N GLU A 430 24.36 13.29 -17.43
CA GLU A 430 22.96 13.01 -17.42
C GLU A 430 22.44 13.01 -15.98
N ASP A 431 21.32 13.68 -15.82
CA ASP A 431 20.45 13.88 -14.66
C ASP A 431 19.59 14.95 -15.28
N GLU A 432 18.47 15.24 -14.65
CA GLU A 432 17.54 16.18 -15.24
C GLU A 432 17.43 17.58 -14.73
N GLY A 433 17.85 18.53 -15.51
CA GLY A 433 17.63 19.90 -15.05
C GLY A 433 18.77 20.89 -15.00
N GLU A 434 18.38 22.15 -15.04
CA GLU A 434 19.35 23.22 -15.01
C GLU A 434 20.05 23.11 -13.69
N ASP A 435 21.37 23.02 -13.78
CA ASP A 435 22.21 22.94 -12.62
C ASP A 435 22.05 24.21 -11.83
N LEU A 436 22.17 24.12 -10.51
CA LEU A 436 22.11 25.31 -9.69
C LEU A 436 23.56 25.76 -9.68
N CYS A 437 24.45 24.78 -9.81
CA CYS A 437 25.89 25.02 -9.83
C CYS A 437 26.57 23.80 -10.44
N ASN A 438 27.76 24.03 -10.99
CA ASN A 438 28.57 22.99 -11.61
C ASN A 438 30.01 23.44 -11.39
N CYS A 439 30.62 22.97 -10.31
CA CYS A 439 31.97 23.39 -9.97
C CYS A 439 33.06 22.33 -9.96
N GLU A 440 34.27 22.79 -10.23
CA GLU A 440 35.48 22.00 -10.19
C GLU A 440 36.21 22.80 -9.11
N PHE A 441 36.70 22.16 -8.06
CA PHE A 441 37.36 22.95 -7.03
C PHE A 441 38.12 22.13 -6.00
N SER A 442 38.79 22.84 -5.10
CA SER A 442 39.55 22.24 -4.01
C SER A 442 39.10 23.00 -2.78
N LEU A 443 39.32 22.42 -1.60
CA LEU A 443 38.91 23.08 -0.38
C LEU A 443 39.94 22.90 0.72
N ALA A 444 40.37 24.01 1.31
CA ALA A 444 41.37 23.99 2.37
C ALA A 444 40.89 24.79 3.58
N TYR A 445 41.05 24.19 4.75
CA TYR A 445 40.62 24.82 5.99
C TYR A 445 41.82 24.99 6.92
N GLY A 446 42.38 26.20 6.92
CA GLY A 446 43.54 26.44 7.77
C GLY A 446 44.75 25.70 7.27
N ALA A 447 44.99 25.79 5.96
CA ALA A 447 46.13 25.12 5.33
C ALA A 447 45.93 23.62 5.21
N LYS A 448 44.85 23.10 5.76
CA LYS A 448 44.57 21.67 5.68
C LYS A 448 43.64 21.39 4.49
N ILE A 449 44.03 20.43 3.66
CA ILE A 449 43.25 20.08 2.48
C ILE A 449 42.12 19.12 2.83
N LEU A 450 40.90 19.54 2.53
CA LEU A 450 39.74 18.71 2.80
C LEU A 450 39.29 18.06 1.49
N LEU A 451 39.42 18.82 0.41
CA LEU A 451 39.05 18.36 -0.92
C LEU A 451 40.05 18.86 -1.96
N ASN A 452 40.43 17.98 -2.88
CA ASN A 452 41.37 18.36 -3.92
C ASN A 452 40.86 18.02 -5.30
N LYS A 453 40.87 19.01 -6.18
CA LYS A 453 40.43 18.82 -7.56
C LYS A 453 39.21 17.92 -7.68
N THR A 454 38.15 18.28 -6.96
CA THR A 454 36.94 17.48 -7.00
C THR A 454 35.87 18.32 -7.72
N GLN A 455 34.70 17.74 -7.91
CA GLN A 455 33.61 18.43 -8.60
C GLN A 455 32.31 18.43 -7.80
N LEU A 456 31.50 19.46 -7.98
CA LEU A 456 30.23 19.57 -7.27
C LEU A 456 29.13 20.12 -8.18
N ARG A 457 28.16 19.28 -8.53
CA ARG A 457 27.05 19.71 -9.37
C ARG A 457 25.73 19.45 -8.66
N LEU A 458 24.96 20.50 -8.43
CA LEU A 458 23.68 20.35 -7.76
C LEU A 458 22.53 20.73 -8.69
N LYS A 459 21.51 19.88 -8.71
CA LYS A 459 20.34 20.10 -9.54
C LYS A 459 19.22 20.81 -8.77
N ARG A 460 18.49 21.67 -9.45
CA ARG A 460 17.40 22.42 -8.83
C ARG A 460 16.27 21.53 -8.31
N ALA A 461 15.69 21.92 -7.18
CA ALA A 461 14.60 21.18 -6.54
C ALA A 461 15.00 19.80 -6.03
N ARG A 462 16.29 19.51 -6.09
CA ARG A 462 16.79 18.23 -5.61
C ARG A 462 17.28 18.26 -4.16
N ARG A 463 17.06 17.16 -3.45
CA ARG A 463 17.47 17.07 -2.06
C ARG A 463 18.71 16.20 -1.89
N TYR A 464 19.75 16.77 -1.28
CA TYR A 464 21.02 16.09 -1.07
C TYR A 464 21.40 15.94 0.39
N GLY A 465 22.18 14.90 0.66
CA GLY A 465 22.68 14.63 1.99
C GLY A 465 24.20 14.48 1.86
N ILE A 466 24.95 15.03 2.81
CA ILE A 466 26.41 14.94 2.78
C ILE A 466 26.89 13.98 3.87
N CYS A 467 27.67 12.98 3.48
CA CYS A 467 28.19 12.01 4.45
C CYS A 467 29.69 11.86 4.32
N GLY A 468 30.31 11.30 5.35
CA GLY A 468 31.74 11.11 5.35
C GLY A 468 32.23 10.79 6.75
N PRO A 469 33.43 10.20 6.89
CA PRO A 469 33.94 9.87 8.22
C PRO A 469 34.03 11.11 9.08
N ASN A 470 33.62 11.00 10.33
CA ASN A 470 33.65 12.12 11.25
C ASN A 470 34.98 12.86 11.20
N GLY A 471 34.91 14.18 11.02
CA GLY A 471 36.12 15.00 10.95
C GLY A 471 36.67 15.19 9.56
N CYS A 472 35.91 14.80 8.54
CA CYS A 472 36.34 14.91 7.16
C CYS A 472 36.07 16.27 6.51
N GLY A 473 35.40 17.17 7.24
CA GLY A 473 35.12 18.49 6.70
C GLY A 473 33.71 18.73 6.18
N LYS A 474 32.75 17.93 6.65
CA LYS A 474 31.35 18.06 6.23
C LYS A 474 30.76 19.44 6.50
N SER A 475 30.86 19.87 7.74
CA SER A 475 30.36 21.19 8.13
C SER A 475 31.11 22.33 7.44
N THR A 476 32.42 22.16 7.25
CA THR A 476 33.21 23.19 6.60
C THR A 476 32.77 23.36 5.15
N LEU A 477 32.53 22.26 4.45
CA LEU A 477 32.08 22.36 3.06
C LEU A 477 30.76 23.13 3.01
N ARG A 479 29.61 25.25 5.18
CA ARG A 479 29.88 26.65 5.52
C ARG A 479 30.41 27.32 4.26
N ALA A 480 31.31 26.63 3.58
CA ALA A 480 31.91 27.13 2.35
C ALA A 480 30.83 27.43 1.30
N ILE A 481 29.88 26.51 1.16
CA ILE A 481 28.80 26.70 0.21
C ILE A 481 27.98 27.91 0.65
N ALA A 482 27.73 27.99 1.96
CA ALA A 482 26.95 29.07 2.53
C ALA A 482 27.59 30.44 2.32
N ASN A 483 28.92 30.50 2.31
CA ASN A 483 29.61 31.78 2.13
C ASN A 483 30.14 32.02 0.73
N GLY A 484 29.96 31.05 -0.16
CA GLY A 484 30.44 31.22 -1.52
C GLY A 484 31.96 31.20 -1.57
N GLN A 485 32.55 30.17 -0.98
CA GLN A 485 33.99 30.03 -0.96
C GLN A 485 34.39 28.75 -1.68
N VAL A 486 33.51 28.32 -2.59
CA VAL A 486 33.73 27.17 -3.43
C VAL A 486 33.98 27.81 -4.78
N ASP A 487 35.09 27.47 -5.42
CA ASP A 487 35.42 28.06 -6.72
C ASP A 487 34.41 27.71 -7.80
N GLY A 488 33.80 28.73 -8.38
CA GLY A 488 32.82 28.52 -9.43
C GLY A 488 31.38 28.53 -8.98
N PHE A 489 31.13 28.63 -7.68
CA PHE A 489 29.78 28.66 -7.18
C PHE A 489 29.11 29.99 -7.54
N PRO A 490 27.81 29.95 -7.87
CA PRO A 490 27.05 31.15 -8.23
C PRO A 490 26.99 32.12 -7.04
N THR A 491 26.78 33.39 -7.31
CA THR A 491 26.69 34.39 -6.25
C THR A 491 25.32 34.30 -5.58
N GLN A 492 25.15 34.97 -4.44
CA GLN A 492 23.90 34.95 -3.72
C GLN A 492 22.72 35.47 -4.54
N GLU A 493 22.98 36.42 -5.44
CA GLU A 493 21.90 36.96 -6.27
C GLU A 493 21.44 35.93 -7.29
N GLU A 494 22.39 35.16 -7.82
CA GLU A 494 22.09 34.12 -8.80
C GLU A 494 21.49 32.88 -8.14
N CYS A 495 22.00 32.54 -6.96
CA CYS A 495 21.54 31.37 -6.23
C CYS A 495 21.58 31.66 -4.73
N ARG A 496 20.44 31.97 -4.16
CA ARG A 496 20.36 32.30 -2.74
C ARG A 496 20.46 31.08 -1.81
N THR A 497 21.49 31.08 -0.96
CA THR A 497 21.65 29.99 -0.01
C THR A 497 21.31 30.51 1.38
N VAL A 498 20.65 29.67 2.17
CA VAL A 498 20.27 30.02 3.52
C VAL A 498 20.70 28.90 4.45
N TYR A 499 21.67 29.20 5.32
CA TYR A 499 22.16 28.23 6.28
C TYR A 499 21.17 28.30 7.42
N VAL A 500 20.18 27.41 7.39
CA VAL A 500 19.13 27.39 8.38
C VAL A 500 19.61 27.34 9.82
N GLU A 501 19.07 28.25 10.64
CA GLU A 501 19.37 28.37 12.05
C GLU A 501 20.83 28.74 12.40
N HIS A 502 21.65 29.04 11.40
CA HIS A 502 23.03 29.40 11.69
C HIS A 502 23.31 30.89 11.52
N ASP A 503 22.27 31.69 11.53
CA ASP A 503 22.41 33.13 11.38
C ASP A 503 22.73 33.78 12.73
N ILE A 504 23.62 34.76 12.70
CA ILE A 504 24.01 35.48 13.91
C ILE A 504 23.55 36.93 13.77
N ASP A 505 23.03 37.49 14.85
CA ASP A 505 22.62 38.89 14.83
C ASP A 505 22.55 39.43 16.26
N GLY A 506 22.21 40.71 16.40
CA GLY A 506 22.17 41.30 17.72
C GLY A 506 20.80 41.72 18.21
N THR A 507 19.82 40.85 18.06
CA THR A 507 18.47 41.16 18.51
C THR A 507 18.32 40.91 20.00
N HIS A 508 17.57 41.78 20.67
CA HIS A 508 17.34 41.67 22.11
C HIS A 508 16.40 40.50 22.38
N SER A 509 16.63 39.80 23.50
CA SER A 509 15.78 38.68 23.88
C SER A 509 14.36 39.18 24.14
N ASP A 510 14.24 40.51 24.11
CA ASP A 510 12.98 41.21 24.33
C ASP A 510 12.18 41.27 23.03
N THR A 511 12.89 41.57 21.94
CA THR A 511 12.30 41.69 20.61
C THR A 511 11.23 40.66 20.30
N SER A 512 10.21 41.09 19.56
CA SER A 512 9.12 40.21 19.18
C SER A 512 9.52 39.37 17.98
N VAL A 513 8.81 38.26 17.78
CA VAL A 513 9.08 37.40 16.64
C VAL A 513 8.92 38.20 15.36
N LEU A 514 7.90 39.06 15.32
CA LEU A 514 7.65 39.87 14.14
C LEU A 514 8.81 40.82 13.86
N ASP A 515 9.24 41.54 14.89
CA ASP A 515 10.33 42.49 14.70
C ASP A 515 11.68 41.83 14.52
N PHE A 516 11.80 40.58 14.94
CA PHE A 516 13.04 39.84 14.78
C PHE A 516 13.26 39.60 13.28
N VAL A 517 12.21 39.18 12.59
CA VAL A 517 12.29 38.92 11.16
C VAL A 517 12.34 40.23 10.38
N PHE A 518 11.61 41.23 10.85
CA PHE A 518 11.57 42.52 10.19
C PHE A 518 12.95 43.14 10.05
N GLU A 519 13.73 43.06 11.12
CA GLU A 519 15.08 43.63 11.11
C GLU A 519 16.00 43.01 10.08
N SER A 520 15.63 41.84 9.57
CA SER A 520 16.43 41.16 8.56
C SER A 520 16.25 41.78 7.20
N GLY A 521 15.37 42.78 7.11
CA GLY A 521 15.12 43.43 5.83
C GLY A 521 14.72 42.39 4.80
N VAL A 522 13.60 41.72 5.03
CA VAL A 522 13.10 40.70 4.13
C VAL A 522 11.71 41.03 3.62
N GLY A 523 11.26 42.27 3.85
CA GLY A 523 9.95 42.67 3.42
C GLY A 523 9.18 43.36 4.53
N THR A 524 8.04 43.94 4.18
CA THR A 524 7.20 44.64 5.14
C THR A 524 6.66 43.73 6.23
N LYS A 525 6.19 44.34 7.32
CA LYS A 525 5.63 43.58 8.43
C LYS A 525 4.38 42.81 8.01
N GLU A 526 3.62 43.39 7.08
CA GLU A 526 2.40 42.75 6.59
C GLU A 526 2.80 41.45 5.88
N ALA A 527 3.75 41.55 4.96
CA ALA A 527 4.22 40.40 4.22
C ALA A 527 4.77 39.34 5.17
N ILE A 528 5.36 39.78 6.28
CA ILE A 528 5.92 38.82 7.23
C ILE A 528 4.83 38.09 8.01
N LYS A 529 3.85 38.82 8.55
CA LYS A 529 2.76 38.18 9.28
C LYS A 529 2.04 37.19 8.36
N ASP A 530 1.89 37.59 7.09
CA ASP A 530 1.23 36.75 6.11
C ASP A 530 1.87 35.37 6.04
N LYS A 531 3.19 35.33 5.84
CA LYS A 531 3.90 34.06 5.76
C LYS A 531 3.98 33.31 7.07
N LEU A 532 4.15 34.03 8.17
CA LEU A 532 4.25 33.38 9.47
C LEU A 532 2.94 32.68 9.81
N ILE A 533 1.84 33.31 9.45
CA ILE A 533 0.52 32.75 9.71
C ILE A 533 0.38 31.49 8.86
N GLU A 534 0.72 31.62 7.58
CA GLU A 534 0.65 30.50 6.64
C GLU A 534 1.51 29.32 7.14
N PHE A 535 2.53 29.63 7.93
CA PHE A 535 3.41 28.60 8.48
C PHE A 535 2.93 27.98 9.77
N GLY A 536 1.77 28.42 10.25
CA GLY A 536 1.23 27.87 11.48
C GLY A 536 1.28 28.78 12.68
N PHE A 537 1.95 29.92 12.56
CA PHE A 537 2.06 30.86 13.67
C PHE A 537 0.71 31.54 13.95
N THR A 538 0.47 31.84 15.21
CA THR A 538 -0.74 32.53 15.62
C THR A 538 -0.37 33.98 15.92
N ASP A 539 -1.35 34.85 16.03
CA ASP A 539 -1.07 36.26 16.32
C ASP A 539 -0.28 36.41 17.62
N GLU A 540 -0.67 35.61 18.61
CA GLU A 540 -0.03 35.62 19.93
C GLU A 540 1.47 35.37 19.83
N ILE A 542 3.40 35.66 16.99
CA ILE A 542 4.02 36.67 16.17
C ILE A 542 4.40 37.89 17.00
N ALA A 543 3.61 38.16 18.03
CA ALA A 543 3.88 39.32 18.89
C ALA A 543 4.73 39.03 20.12
N PRO A 545 7.99 37.57 22.48
CA PRO A 545 9.45 37.68 22.40
C PRO A 545 10.10 36.40 21.87
N ILE A 546 11.08 36.54 20.98
CA ILE A 546 11.76 35.38 20.41
C ILE A 546 12.28 34.43 21.48
N SER A 547 12.64 34.97 22.63
CA SER A 547 13.17 34.17 23.72
C SER A 547 12.21 33.09 24.24
N ALA A 548 10.97 33.09 23.75
CA ALA A 548 9.99 32.11 24.19
C ALA A 548 9.69 30.98 23.19
N LEU A 549 10.18 31.10 21.96
CA LEU A 549 9.94 30.05 20.96
C LEU A 549 10.63 28.74 21.32
N SER A 550 9.95 27.63 21.10
CA SER A 550 10.51 26.32 21.38
C SER A 550 11.39 25.87 20.22
N GLY A 551 12.00 24.70 20.37
CA GLY A 551 12.86 24.17 19.33
C GLY A 551 12.13 23.98 18.02
N GLY A 552 10.88 23.53 18.12
CA GLY A 552 10.08 23.31 16.93
C GLY A 552 9.78 24.62 16.23
N TRP A 553 9.35 25.62 16.99
CA TRP A 553 8.99 26.91 16.40
C TRP A 553 10.15 27.76 15.89
N LYS A 554 11.36 27.51 16.37
CA LYS A 554 12.50 28.25 15.88
C LYS A 554 12.82 27.71 14.49
N LYS A 556 10.74 26.24 12.41
CA LYS A 556 9.67 26.69 11.54
C LYS A 556 9.92 28.14 11.18
N LEU A 557 10.33 28.91 12.19
CA LEU A 557 10.61 30.32 11.97
C LEU A 557 11.74 30.49 10.94
N ALA A 558 12.82 29.76 11.13
CA ALA A 558 13.95 29.83 10.20
C ALA A 558 13.54 29.47 8.78
N LEU A 559 12.78 28.39 8.61
CA LEU A 559 12.34 27.99 7.28
C LEU A 559 11.36 29.00 6.68
N ALA A 560 10.64 29.70 7.53
CA ALA A 560 9.70 30.72 7.06
C ALA A 560 10.51 31.90 6.52
N ARG A 561 11.63 32.18 7.20
CA ARG A 561 12.52 33.27 6.80
C ARG A 561 13.16 32.91 5.47
N ALA A 562 13.49 31.63 5.31
CA ALA A 562 14.09 31.16 4.07
C ALA A 562 13.16 31.50 2.90
N VAL A 563 11.87 31.22 3.04
CA VAL A 563 10.90 31.53 1.99
C VAL A 563 10.91 33.02 1.67
N LEU A 564 10.84 33.87 2.71
CA LEU A 564 10.83 35.30 2.50
C LEU A 564 12.13 35.81 1.86
N ARG A 565 13.21 35.08 2.10
CA ARG A 565 14.53 35.42 1.57
C ARG A 565 14.62 34.89 0.14
N ASN A 566 13.58 34.19 -0.29
CA ASN A 566 13.51 33.59 -1.64
C ASN A 566 14.70 32.66 -1.90
N ALA A 567 14.99 31.80 -0.93
CA ALA A 567 16.12 30.87 -1.03
C ALA A 567 16.02 29.89 -2.19
N ASP A 568 17.17 29.48 -2.69
CA ASP A 568 17.27 28.50 -3.78
C ASP A 568 17.82 27.21 -3.20
N ILE A 569 18.58 27.34 -2.11
CA ILE A 569 19.17 26.19 -1.44
C ILE A 569 19.09 26.33 0.07
N LEU A 570 18.53 25.31 0.71
CA LEU A 570 18.44 25.30 2.16
C LEU A 570 19.56 24.39 2.65
N LEU A 571 20.40 24.91 3.54
CA LEU A 571 21.50 24.15 4.10
C LEU A 571 21.17 23.83 5.54
N LEU A 572 21.09 22.54 5.89
CA LEU A 572 20.78 22.14 7.26
C LEU A 572 21.87 21.24 7.86
N ASP A 573 22.20 21.49 9.13
CA ASP A 573 23.24 20.76 9.87
C ASP A 573 22.64 20.23 11.19
N GLU A 574 22.45 18.92 11.28
CA GLU A 574 21.86 18.32 12.47
C GLU A 574 20.54 19.01 12.81
N PRO A 575 19.63 19.12 11.84
CA PRO A 575 18.32 19.76 12.01
C PRO A 575 17.37 19.09 12.98
N THR A 576 17.54 17.78 13.20
CA THR A 576 16.65 17.06 14.10
C THR A 576 17.04 17.16 15.56
N ASN A 577 18.12 17.88 15.87
CA ASN A 577 18.56 18.04 17.25
C ASN A 577 17.53 18.88 18.01
N HIS A 578 17.26 18.49 19.25
CA HIS A 578 16.31 19.21 20.10
C HIS A 578 14.91 19.26 19.48
N LEU A 579 14.60 18.29 18.61
CA LEU A 579 13.29 18.25 17.98
C LEU A 579 12.59 16.93 18.31
N ASP A 580 11.33 17.00 18.71
CA ASP A 580 10.56 15.80 19.04
C ASP A 580 10.04 15.13 17.77
N THR A 581 9.39 13.97 17.91
CA THR A 581 8.93 13.24 16.72
C THR A 581 7.92 13.93 15.83
N VAL A 582 6.99 14.68 16.40
CA VAL A 582 6.01 15.38 15.57
C VAL A 582 6.69 16.48 14.76
N ASN A 583 7.65 17.15 15.37
CA ASN A 583 8.35 18.23 14.68
C ASN A 583 9.35 17.71 13.64
N VAL A 584 9.88 16.52 13.84
CA VAL A 584 10.79 15.96 12.86
C VAL A 584 9.92 15.57 11.67
N ALA A 585 8.78 14.94 11.95
CA ALA A 585 7.86 14.52 10.90
C ALA A 585 7.40 15.75 10.12
N TRP A 586 7.18 16.85 10.82
CA TRP A 586 6.77 18.09 10.18
C TRP A 586 7.90 18.56 9.24
N LEU A 587 9.14 18.54 9.75
CA LEU A 587 10.29 18.96 8.96
C LEU A 587 10.50 18.08 7.73
N VAL A 588 10.30 16.77 7.88
CA VAL A 588 10.45 15.86 6.75
C VAL A 588 9.44 16.18 5.67
N ASN A 589 8.20 16.38 6.08
CA ASN A 589 7.12 16.69 5.15
C ASN A 589 7.40 18.01 4.42
N TYR A 590 7.87 19.01 5.15
CA TYR A 590 8.16 20.31 4.54
C TYR A 590 9.32 20.26 3.53
N LEU A 591 10.36 19.51 3.85
CA LEU A 591 11.49 19.42 2.93
C LEU A 591 11.08 18.73 1.64
N ASN A 592 10.34 17.62 1.77
CA ASN A 592 9.88 16.89 0.59
C ASN A 592 8.87 17.65 -0.26
N THR A 593 8.29 18.71 0.27
CA THR A 593 7.28 19.44 -0.49
C THR A 593 7.51 20.93 -0.74
N CYS A 594 8.55 21.51 -0.18
CA CYS A 594 8.77 22.94 -0.36
C CYS A 594 9.23 23.31 -1.77
N GLY A 595 9.64 22.29 -2.53
CA GLY A 595 10.06 22.52 -3.90
C GLY A 595 11.44 23.14 -4.08
N ILE A 596 12.15 23.31 -2.97
CA ILE A 596 13.48 23.90 -3.02
C ILE A 596 14.56 22.86 -2.73
N THR A 597 15.75 23.07 -3.29
CA THR A 597 16.86 22.17 -3.05
C THR A 597 17.28 22.30 -1.59
N SER A 598 17.71 21.20 -0.99
CA SER A 598 18.19 21.24 0.38
C SER A 598 19.37 20.29 0.50
N ILE A 599 20.33 20.68 1.33
CA ILE A 599 21.52 19.88 1.57
C ILE A 599 21.55 19.66 3.08
N THR A 600 21.62 18.40 3.47
CA THR A 600 21.58 18.06 4.89
C THR A 600 22.76 17.22 5.38
N ILE A 601 23.15 17.48 6.63
CA ILE A 601 24.20 16.73 7.31
C ILE A 601 23.49 16.23 8.58
N SER A 602 23.39 14.93 8.75
CA SER A 602 22.71 14.39 9.92
C SER A 602 23.16 13.00 10.36
N HIS A 603 23.31 12.83 11.66
CA HIS A 603 23.69 11.53 12.20
C HIS A 603 22.46 10.62 12.30
N ASP A 604 21.29 11.15 11.90
CA ASP A 604 20.03 10.39 11.93
C ASP A 604 19.74 9.80 10.55
N SER A 605 20.17 8.56 10.34
CA SER A 605 19.97 7.90 9.05
C SER A 605 18.50 7.79 8.65
N VAL A 606 17.62 7.66 9.63
CA VAL A 606 16.19 7.56 9.31
C VAL A 606 15.75 8.87 8.69
N PHE A 607 16.26 9.98 9.22
CA PHE A 607 15.92 11.29 8.68
C PHE A 607 16.42 11.41 7.24
N LEU A 608 17.69 11.07 7.03
CA LEU A 608 18.28 11.13 5.70
C LEU A 608 17.51 10.28 4.69
N ASP A 609 17.05 9.10 5.11
CA ASP A 609 16.30 8.22 4.23
C ASP A 609 14.97 8.84 3.81
N ASN A 610 14.35 9.57 4.73
CA ASN A 610 13.08 10.20 4.47
C ASN A 610 13.19 11.48 3.64
N VAL A 611 14.38 12.05 3.58
CA VAL A 611 14.56 13.31 2.86
C VAL A 611 15.43 13.30 1.61
N CYS A 612 16.61 12.71 1.69
CA CYS A 612 17.56 12.70 0.59
C CYS A 612 17.27 11.85 -0.65
N GLU A 613 17.60 12.41 -1.81
CA GLU A 613 17.42 11.75 -3.11
C GLU A 613 18.79 11.43 -3.66
N TYR A 614 19.79 12.07 -3.07
CA TYR A 614 21.18 11.89 -3.48
C TYR A 614 22.07 11.98 -2.25
N ILE A 615 23.22 11.33 -2.33
CA ILE A 615 24.17 11.39 -1.24
C ILE A 615 25.53 11.78 -1.77
N ILE A 616 26.10 12.82 -1.18
CA ILE A 616 27.41 13.32 -1.54
C ILE A 616 28.33 12.84 -0.40
N ASN A 617 29.21 11.91 -0.73
CA ASN A 617 30.10 11.32 0.25
C ASN A 617 31.57 11.74 0.10
N TYR A 618 32.25 11.88 1.23
CA TYR A 618 33.67 12.21 1.23
C TYR A 618 34.43 10.90 1.07
N GLU A 619 35.20 10.80 -0.01
CA GLU A 619 36.00 9.59 -0.25
C GLU A 619 37.38 10.11 -0.56
N GLY A 620 38.22 10.14 0.47
CA GLY A 620 39.55 10.67 0.31
C GLY A 620 39.37 12.17 0.29
N LEU A 621 39.99 12.84 -0.67
CA LEU A 621 39.86 14.28 -0.77
C LEU A 621 39.00 14.55 -2.00
N LYS A 622 38.03 13.66 -2.22
CA LYS A 622 37.12 13.76 -3.35
C LYS A 622 35.66 13.57 -2.95
N LEU A 623 34.77 14.22 -3.68
CA LEU A 623 33.34 14.11 -3.43
C LEU A 623 32.73 13.16 -4.47
N ARG A 624 32.07 12.11 -4.00
CA ARG A 624 31.45 11.14 -4.90
C ARG A 624 29.93 11.08 -4.72
N LYS A 625 29.22 11.31 -5.82
CA LYS A 625 27.76 11.32 -5.85
C LYS A 625 27.14 9.92 -5.98
N TYR A 626 26.03 9.71 -5.27
CA TYR A 626 25.31 8.44 -5.29
C TYR A 626 23.81 8.75 -5.34
N LYS A 627 23.11 8.18 -6.32
CA LYS A 627 21.68 8.41 -6.41
C LYS A 627 20.92 7.52 -5.43
N GLY A 628 20.12 8.15 -4.58
CA GLY A 628 19.34 7.42 -3.58
C GLY A 628 19.52 7.99 -2.19
N ASN A 629 18.78 7.46 -1.21
CA ASN A 629 18.91 7.95 0.15
C ASN A 629 20.07 7.26 0.84
N PHE A 630 20.22 7.50 2.14
CA PHE A 630 21.33 6.90 2.89
C PHE A 630 21.43 5.39 2.72
N THR A 631 20.30 4.69 2.87
CA THR A 631 20.26 3.23 2.73
C THR A 631 20.78 2.78 1.36
N GLU A 632 20.27 3.40 0.29
CA GLU A 632 20.72 3.05 -1.06
C GLU A 632 22.21 3.31 -1.15
N PHE A 633 22.63 4.44 -0.58
CA PHE A 633 24.01 4.85 -0.55
C PHE A 633 24.90 3.73 -0.01
N VAL A 634 24.54 3.24 1.17
CA VAL A 634 25.31 2.18 1.82
C VAL A 634 25.48 0.92 0.99
N LYS A 635 24.45 0.55 0.21
CA LYS A 635 24.54 -0.64 -0.63
C LYS A 635 25.66 -0.49 -1.66
N LYS A 636 25.83 0.74 -2.15
CA LYS A 636 26.84 1.03 -3.16
C LYS A 636 28.21 1.40 -2.59
N CYS A 637 28.27 1.68 -1.29
CA CYS A 637 29.52 2.06 -0.66
C CYS A 637 29.62 1.48 0.74
N PRO A 638 30.11 0.23 0.86
CA PRO A 638 30.26 -0.47 2.14
C PRO A 638 30.96 0.30 3.25
N ALA A 639 32.08 0.95 2.91
CA ALA A 639 32.85 1.73 3.87
C ALA A 639 32.01 2.71 4.68
N ALA A 640 30.79 2.93 4.22
CA ALA A 640 29.88 3.86 4.89
C ALA A 640 29.29 3.24 6.15
N LYS A 641 29.28 1.91 6.21
CA LYS A 641 28.74 1.21 7.37
C LYS A 641 29.64 1.38 8.59
N ALA A 642 30.77 2.06 8.40
CA ALA A 642 31.71 2.28 9.49
C ALA A 642 31.75 3.74 9.92
N TYR A 643 30.78 4.53 9.46
CA TYR A 643 30.70 5.94 9.81
C TYR A 643 29.99 6.11 11.15
N GLU A 644 29.61 7.35 11.46
CA GLU A 644 28.90 7.63 12.69
C GLU A 644 27.45 8.03 12.43
N GLU A 645 26.72 7.17 11.73
CA GLU A 645 25.32 7.40 11.44
C GLU A 645 24.54 6.55 12.44
N LEU A 646 23.26 6.85 12.62
CA LEU A 646 22.42 6.11 13.56
C LEU A 646 22.46 4.61 13.25
N SER A 647 22.52 4.26 11.97
CA SER A 647 22.55 2.88 11.53
C SER A 647 23.75 2.08 12.03
N ASN A 648 24.94 2.59 11.79
CA ASN A 648 26.19 1.92 12.17
C ASN A 648 26.43 1.72 13.66
N THR A 649 25.67 2.41 14.51
CA THR A 649 25.85 2.30 15.96
C THR A 649 25.57 0.89 16.50
N ASP A 650 26.63 0.24 16.99
CA ASP A 650 26.53 -1.10 17.57
C ASP A 650 27.41 -1.21 18.81
N LEU A 651 26.83 -1.70 19.90
CA LEU A 651 27.56 -1.86 21.16
C LEU A 651 27.20 -3.20 21.80
N GLU A 652 27.39 -3.32 23.11
CA GLU A 652 27.06 -4.55 23.81
C GLU A 652 25.61 -4.52 24.31
N PHE A 653 25.15 -5.66 24.82
CA PHE A 653 23.75 -5.76 25.25
C PHE A 653 23.50 -6.38 26.62
N LYS A 654 22.23 -6.32 27.03
CA LYS A 654 21.79 -6.88 28.30
C LYS A 654 20.46 -7.58 28.06
N PHE A 655 20.26 -8.72 28.72
CA PHE A 655 19.01 -9.42 28.56
C PHE A 655 18.05 -8.79 29.56
N PRO A 656 16.74 -8.93 29.32
CA PRO A 656 15.80 -8.34 30.27
C PRO A 656 15.69 -9.10 31.59
N GLU A 657 15.15 -8.43 32.60
CA GLU A 657 14.94 -9.06 33.89
C GLU A 657 13.81 -10.07 33.67
N PRO A 658 13.94 -11.27 34.22
CA PRO A 658 12.86 -12.24 34.03
C PRO A 658 11.57 -11.70 34.64
N GLY A 659 10.43 -12.27 34.25
CA GLY A 659 9.16 -11.83 34.77
C GLY A 659 8.99 -12.26 36.22
N TYR A 660 8.18 -11.50 36.95
CA TYR A 660 7.92 -11.79 38.35
C TYR A 660 7.27 -13.14 38.54
N LEU A 661 7.69 -13.84 39.59
CA LEU A 661 7.14 -15.15 39.92
C LEU A 661 6.78 -15.12 41.41
N GLU A 662 5.53 -15.44 41.74
CA GLU A 662 5.10 -15.43 43.13
C GLU A 662 5.51 -16.72 43.83
N GLY A 663 6.10 -16.59 45.02
CA GLY A 663 6.52 -17.76 45.76
C GLY A 663 8.00 -17.99 45.69
N VAL A 664 8.68 -17.27 44.81
CA VAL A 664 10.12 -17.38 44.64
C VAL A 664 10.81 -16.21 45.32
N LYS A 665 11.29 -16.46 46.54
CA LYS A 665 11.96 -15.45 47.34
C LYS A 665 13.48 -15.43 47.17
N THR A 666 14.06 -16.60 46.92
CA THR A 666 15.51 -16.72 46.75
C THR A 666 15.83 -17.23 45.34
N LYS A 667 16.89 -16.69 44.75
CA LYS A 667 17.28 -17.10 43.41
C LYS A 667 17.69 -18.57 43.37
N GLN A 668 17.68 -19.24 44.53
CA GLN A 668 18.06 -20.64 44.60
C GLN A 668 16.89 -21.59 44.66
N LYS A 669 15.70 -21.05 44.85
CA LYS A 669 14.49 -21.87 44.90
C LYS A 669 14.30 -22.48 43.51
N ALA A 670 13.94 -23.76 43.46
CA ALA A 670 13.75 -24.43 42.18
C ALA A 670 12.45 -24.00 41.54
N ILE A 671 12.52 -23.61 40.27
CA ILE A 671 11.33 -23.20 39.53
C ILE A 671 11.05 -24.31 38.51
N VAL A 672 11.99 -25.22 38.40
CA VAL A 672 11.90 -26.38 37.52
C VAL A 672 12.64 -27.53 38.19
N LYS A 673 11.93 -28.62 38.48
CA LYS A 673 12.56 -29.79 39.09
C LYS A 673 11.98 -31.07 38.49
N VAL A 674 12.87 -31.88 37.94
CA VAL A 674 12.51 -33.15 37.31
C VAL A 674 13.04 -34.33 38.13
N THR A 675 12.22 -35.36 38.27
CA THR A 675 12.63 -36.54 39.05
C THR A 675 12.32 -37.87 38.38
N ASN A 676 13.28 -38.79 38.44
CA ASN A 676 13.14 -40.13 37.86
C ASN A 676 12.60 -40.05 36.44
N GLU A 678 12.52 -40.26 32.36
CA GLU A 678 13.01 -41.17 31.34
C GLU A 678 12.30 -40.96 30.00
N PHE A 679 13.05 -41.09 28.90
CA PHE A 679 12.46 -40.97 27.59
C PHE A 679 12.89 -42.12 26.69
N GLN A 680 11.91 -42.73 26.04
CA GLN A 680 12.17 -43.82 25.13
C GLN A 680 11.28 -43.72 23.89
N TYR A 681 11.91 -43.61 22.73
CA TYR A 681 11.19 -43.52 21.46
C TYR A 681 10.40 -44.81 21.23
N PRO A 682 9.15 -44.68 20.78
CA PRO A 682 8.41 -45.93 20.54
C PRO A 682 9.08 -46.64 19.37
N GLY A 683 9.60 -47.84 19.62
CA GLY A 683 10.25 -48.60 18.57
C GLY A 683 11.69 -48.95 18.91
N THR A 684 12.34 -48.13 19.73
CA THR A 684 13.72 -48.39 20.12
C THR A 684 13.80 -49.51 21.16
N SER A 685 14.94 -50.19 21.20
CA SER A 685 15.14 -51.31 22.13
C SER A 685 15.26 -50.89 23.59
N LYS A 686 15.87 -49.74 23.82
CA LYS A 686 16.05 -49.24 25.17
C LYS A 686 15.94 -47.71 25.15
N PRO A 687 15.56 -47.12 26.29
CA PRO A 687 15.43 -45.66 26.35
C PRO A 687 16.73 -44.91 26.04
N GLN A 688 16.58 -43.69 25.55
CA GLN A 688 17.72 -42.85 25.20
C GLN A 688 18.28 -42.19 26.48
N ILE A 689 17.41 -41.98 27.46
CA ILE A 689 17.80 -41.41 28.75
C ILE A 689 16.85 -41.97 29.82
N THR A 690 17.38 -42.21 31.02
CA THR A 690 16.57 -42.76 32.10
C THR A 690 17.06 -42.28 33.47
N ASP A 691 16.23 -42.50 34.50
CA ASP A 691 16.54 -42.09 35.86
C ASP A 691 17.14 -40.69 35.90
N ILE A 692 16.53 -39.75 35.17
CA ILE A 692 17.02 -38.38 35.13
C ILE A 692 16.45 -37.54 36.29
N ASN A 693 17.32 -36.72 36.87
CA ASN A 693 16.94 -35.85 37.98
C ASN A 693 17.76 -34.57 37.94
N PHE A 694 17.08 -33.42 38.02
CA PHE A 694 17.78 -32.15 38.00
C PHE A 694 16.88 -31.01 38.47
N GLN A 695 17.49 -29.86 38.75
CA GLN A 695 16.75 -28.69 39.22
C GLN A 695 17.32 -27.42 38.63
N CYS A 696 16.44 -26.47 38.31
CA CYS A 696 16.86 -25.19 37.76
C CYS A 696 16.27 -24.07 38.61
N SER A 697 17.00 -22.97 38.71
CA SER A 697 16.55 -21.84 39.50
C SER A 697 17.03 -20.57 38.82
N LEU A 698 16.55 -19.43 39.29
CA LEU A 698 16.97 -18.16 38.74
C LEU A 698 18.47 -17.92 38.90
N SER A 699 19.12 -18.78 39.69
CA SER A 699 20.56 -18.65 39.91
C SER A 699 21.33 -19.71 39.12
N SER A 700 20.62 -20.67 38.52
CA SER A 700 21.27 -21.71 37.74
C SER A 700 22.33 -21.18 36.78
N ARG A 701 23.38 -21.96 36.61
CA ARG A 701 24.48 -21.63 35.72
C ARG A 701 25.03 -22.99 35.33
N ILE A 702 24.24 -23.69 34.52
CA ILE A 702 24.54 -25.03 34.07
C ILE A 702 25.17 -25.11 32.69
N ALA A 703 26.03 -26.11 32.50
CA ALA A 703 26.68 -26.34 31.22
C ALA A 703 26.50 -27.80 30.84
N VAL A 704 25.81 -28.04 29.74
CA VAL A 704 25.60 -29.40 29.25
C VAL A 704 26.80 -29.73 28.37
N ILE A 705 27.79 -30.39 28.96
CA ILE A 705 29.01 -30.74 28.24
C ILE A 705 28.98 -32.13 27.64
N GLY A 706 30.07 -32.50 26.96
CA GLY A 706 30.16 -33.81 26.35
C GLY A 706 30.04 -33.82 24.84
N PRO A 707 30.32 -34.96 24.19
CA PRO A 707 30.22 -35.04 22.73
C PRO A 707 28.76 -35.29 22.35
N ASN A 708 28.38 -34.94 21.13
CA ASN A 708 27.01 -35.16 20.69
C ASN A 708 26.69 -36.64 20.83
N GLY A 709 25.43 -36.96 21.09
CA GLY A 709 25.04 -38.35 21.24
C GLY A 709 23.56 -38.53 21.41
N ALA A 710 23.11 -39.78 21.49
CA ALA A 710 21.69 -40.07 21.65
C ALA A 710 21.11 -39.56 22.97
N GLY A 711 21.87 -39.75 24.04
CA GLY A 711 21.40 -39.34 25.34
C GLY A 711 21.49 -37.85 25.60
N LYS A 712 22.56 -37.21 25.13
CA LYS A 712 22.73 -35.78 25.34
C LYS A 712 21.71 -34.93 24.60
N SER A 713 21.41 -35.29 23.35
CA SER A 713 20.43 -34.52 22.58
C SER A 713 19.03 -34.73 23.14
N THR A 714 18.70 -35.98 23.44
CA THR A 714 17.38 -36.31 23.97
C THR A 714 17.13 -35.60 25.31
N LEU A 715 18.19 -35.39 26.08
CA LEU A 715 18.08 -34.69 27.35
C LEU A 715 17.72 -33.24 27.03
N ILE A 716 18.35 -32.71 26.00
CA ILE A 716 18.10 -31.34 25.57
C ILE A 716 16.66 -31.19 25.09
N ASN A 717 16.22 -32.14 24.26
CA ASN A 717 14.88 -32.12 23.71
C ASN A 717 13.75 -32.22 24.75
N VAL A 718 14.04 -32.85 25.89
CA VAL A 718 13.04 -32.96 26.94
C VAL A 718 13.05 -31.67 27.76
N LEU A 719 14.24 -31.10 27.94
CA LEU A 719 14.42 -29.86 28.69
C LEU A 719 13.74 -28.68 28.01
N THR A 720 13.93 -28.55 26.69
CA THR A 720 13.34 -27.44 25.93
C THR A 720 11.86 -27.62 25.55
N GLY A 721 11.26 -28.74 25.95
CA GLY A 721 9.85 -28.94 25.66
C GLY A 721 9.50 -29.71 24.39
N GLU A 722 10.48 -29.99 23.54
CA GLU A 722 10.19 -30.71 22.30
C GLU A 722 9.65 -32.11 22.53
N LEU A 723 10.30 -32.91 23.36
CA LEU A 723 9.87 -34.27 23.61
C LEU A 723 9.20 -34.47 24.97
N LEU A 724 8.07 -35.16 24.97
CA LEU A 724 7.31 -35.43 26.19
C LEU A 724 7.88 -36.66 26.88
N PRO A 725 8.39 -36.50 28.11
CA PRO A 725 8.96 -37.63 28.86
C PRO A 725 8.00 -38.83 28.91
N THR A 726 8.55 -40.02 28.67
CA THR A 726 7.77 -41.26 28.69
C THR A 726 7.42 -41.74 30.10
N SER A 727 8.12 -41.20 31.08
CA SER A 727 7.90 -41.56 32.48
C SER A 727 8.63 -40.57 33.37
N GLY A 728 8.15 -40.38 34.60
CA GLY A 728 8.79 -39.46 35.51
C GLY A 728 7.95 -38.25 35.84
N GLU A 729 8.37 -37.48 36.84
CA GLU A 729 7.64 -36.30 37.26
C GLU A 729 8.35 -35.03 36.88
N VAL A 730 7.57 -34.05 36.45
CA VAL A 730 8.10 -32.75 36.07
C VAL A 730 7.38 -31.64 36.82
N TYR A 731 8.10 -30.93 37.67
CA TYR A 731 7.52 -29.83 38.40
C TYR A 731 7.95 -28.55 37.71
N THR A 732 6.99 -27.70 37.43
CA THR A 732 7.27 -26.42 36.79
C THR A 732 6.47 -25.35 37.53
N HIS A 733 7.17 -24.30 37.95
CA HIS A 733 6.52 -23.22 38.65
C HIS A 733 5.56 -22.58 37.65
N GLU A 734 4.33 -22.29 38.07
CA GLU A 734 3.37 -21.68 37.15
C GLU A 734 4.04 -20.45 36.54
N ASN A 735 3.77 -20.21 35.26
CA ASN A 735 4.31 -19.03 34.58
C ASN A 735 5.81 -19.07 34.31
N CYS A 736 6.44 -20.23 34.38
CA CYS A 736 7.87 -20.31 34.12
C CYS A 736 8.10 -20.34 32.61
N ARG A 737 9.00 -19.48 32.13
CA ARG A 737 9.29 -19.42 30.70
C ARG A 737 10.75 -19.66 30.35
N ILE A 738 10.95 -20.43 29.30
CA ILE A 738 12.28 -20.80 28.82
C ILE A 738 12.51 -20.26 27.40
N ALA A 739 13.61 -19.55 27.20
CA ALA A 739 13.96 -19.04 25.88
C ALA A 739 15.05 -19.96 25.33
N TYR A 740 14.75 -20.63 24.24
CA TYR A 740 15.71 -21.55 23.63
C TYR A 740 16.37 -20.90 22.43
N ILE A 741 17.67 -20.60 22.56
CA ILE A 741 18.44 -19.95 21.49
C ILE A 741 19.22 -20.94 20.62
N LYS A 742 18.82 -21.02 19.34
CA LYS A 742 19.45 -21.89 18.34
C LYS A 742 19.97 -21.04 17.18
N GLN A 743 20.89 -21.57 16.38
CA GLN A 743 21.40 -20.79 15.26
C GLN A 743 20.37 -20.71 14.14
N HIS A 744 19.37 -21.59 14.17
CA HIS A 744 18.32 -21.61 13.16
C HIS A 744 17.69 -20.22 12.98
N ALA A 745 17.37 -19.57 14.10
CA ALA A 745 16.77 -18.24 14.03
C ALA A 745 17.71 -17.21 13.44
N PHE A 746 19.01 -17.35 13.72
CA PHE A 746 20.03 -16.42 13.21
C PHE A 746 20.20 -16.52 11.69
N ALA A 747 20.08 -17.72 11.15
CA ALA A 747 20.24 -17.87 9.71
C ALA A 747 18.95 -17.54 8.97
N HIS A 748 17.83 -18.01 9.50
CA HIS A 748 16.54 -17.80 8.86
C HIS A 748 15.93 -16.41 8.89
N ILE A 749 16.56 -15.49 9.60
CA ILE A 749 16.02 -14.13 9.64
C ILE A 749 16.19 -13.52 8.24
N GLU A 750 16.99 -14.19 7.41
CA GLU A 750 17.24 -13.72 6.04
C GLU A 750 16.01 -13.85 5.15
N SER A 751 14.96 -14.48 5.67
CA SER A 751 13.71 -14.61 4.91
C SER A 751 12.87 -13.37 5.21
N HIS A 752 13.30 -12.56 6.17
CA HIS A 752 12.55 -11.37 6.57
C HIS A 752 13.27 -10.04 6.42
N LEU A 753 14.12 -9.93 5.40
CA LEU A 753 14.85 -8.68 5.20
C LEU A 753 13.92 -7.54 4.79
N ASP A 754 12.69 -7.89 4.44
CA ASP A 754 11.71 -6.90 4.02
C ASP A 754 11.00 -6.19 5.18
N LYS A 755 11.18 -6.70 6.39
CA LYS A 755 10.51 -6.12 7.56
C LYS A 755 11.41 -5.31 8.47
N THR A 756 10.77 -4.53 9.34
CA THR A 756 11.49 -3.72 10.33
C THR A 756 11.75 -4.68 11.49
N PRO A 757 12.79 -4.44 12.28
CA PRO A 757 13.04 -5.34 13.41
C PRO A 757 11.76 -5.58 14.21
N SER A 758 10.96 -4.53 14.33
CA SER A 758 9.70 -4.60 15.07
C SER A 758 8.69 -5.57 14.47
N GLU A 759 8.48 -5.50 13.15
CA GLU A 759 7.53 -6.39 12.50
C GLU A 759 8.01 -7.83 12.56
N TYR A 760 9.34 -8.01 12.63
CA TYR A 760 9.92 -9.35 12.71
C TYR A 760 9.56 -9.93 14.06
N ILE A 761 9.66 -9.11 15.10
CA ILE A 761 9.33 -9.59 16.43
C ILE A 761 7.82 -9.86 16.50
N GLN A 762 7.04 -9.09 15.76
CA GLN A 762 5.61 -9.31 15.75
C GLN A 762 5.39 -10.62 15.01
N TRP A 763 6.07 -10.81 13.90
CA TRP A 763 5.91 -12.05 13.13
C TRP A 763 6.19 -13.29 13.98
N ARG A 764 7.30 -13.30 14.73
CA ARG A 764 7.66 -14.45 15.58
C ARG A 764 6.70 -14.75 16.74
N PHE A 765 5.96 -13.75 17.18
CA PHE A 765 5.04 -13.95 18.29
C PHE A 765 3.58 -13.74 17.86
N GLN A 766 3.34 -13.94 16.56
CA GLN A 766 2.03 -13.77 15.98
C GLN A 766 0.96 -14.53 16.77
N THR A 767 1.22 -15.80 17.02
CA THR A 767 0.29 -16.66 17.74
C THR A 767 0.41 -16.57 19.26
N GLY A 768 1.29 -15.71 19.75
CA GLY A 768 1.45 -15.58 21.18
C GLY A 768 2.61 -16.38 21.75
N GLU A 769 3.07 -17.37 21.00
CA GLU A 769 4.21 -18.18 21.42
C GLU A 769 5.32 -18.04 20.37
N ASP A 770 6.55 -18.35 20.74
CA ASP A 770 7.66 -18.23 19.80
C ASP A 770 7.59 -19.33 18.74
N ARG A 771 7.15 -18.96 17.54
CA ARG A 771 7.01 -19.94 16.46
C ARG A 771 8.36 -20.57 16.08
N GLU A 772 9.45 -19.91 16.44
CA GLU A 772 10.76 -20.44 16.13
C GLU A 772 11.11 -21.67 16.93
N THR A 773 10.74 -21.67 18.21
CA THR A 773 11.07 -22.78 19.10
C THR A 773 9.92 -23.64 19.59
N ASP A 775 6.76 -26.06 19.37
CA ASP A 775 6.37 -27.07 18.39
C ASP A 775 7.47 -27.52 17.40
N ARG A 776 8.70 -27.63 17.87
CA ARG A 776 9.77 -28.04 16.97
C ARG A 776 9.59 -29.48 16.50
N ALA A 777 8.77 -30.24 17.21
CA ALA A 777 8.52 -31.63 16.84
C ALA A 777 7.35 -31.82 15.90
N ASN A 778 6.76 -30.72 15.45
CA ASN A 778 5.62 -30.85 14.56
C ASN A 778 5.89 -30.21 13.23
N ARG A 779 5.24 -30.72 12.20
CA ARG A 779 5.40 -30.08 10.91
C ARG A 779 4.37 -28.97 11.12
N GLN A 780 4.83 -27.73 11.04
CA GLN A 780 3.96 -26.58 11.26
C GLN A 780 3.77 -25.85 9.96
N ILE A 781 3.75 -26.60 8.87
CA ILE A 781 3.58 -26.01 7.54
C ILE A 781 2.09 -25.87 7.23
N ASN A 782 1.25 -26.39 8.12
CA ASN A 782 -0.22 -26.35 7.98
C ASN A 782 -0.81 -24.98 8.37
N GLU A 783 -1.31 -24.29 7.34
CA GLU A 783 -1.93 -22.98 7.48
C GLU A 783 -3.11 -22.84 6.50
N ASN A 784 -2.98 -23.49 5.33
CA ASN A 784 -4.03 -23.48 4.32
C ASN A 784 -4.73 -24.83 4.41
N ASP A 785 -5.11 -25.21 5.62
CA ASP A 785 -5.75 -26.49 5.87
C ASP A 785 -7.21 -26.38 6.29
N ALA A 786 -8.07 -25.94 5.38
CA ALA A 786 -9.49 -25.84 5.69
C ALA A 786 -10.02 -27.24 6.00
N GLU A 787 -9.55 -28.22 5.21
CA GLU A 787 -9.98 -29.60 5.37
C GLU A 787 -9.18 -30.36 6.43
N ALA A 788 -7.91 -30.01 6.60
CA ALA A 788 -7.07 -30.67 7.59
C ALA A 788 -7.60 -30.42 8.99
N ASN A 790 -10.56 -31.28 9.74
CA ASN A 790 -11.51 -32.37 9.92
C ASN A 790 -10.79 -33.61 10.40
N LYS A 791 -9.60 -33.40 10.97
CA LYS A 791 -8.81 -34.51 11.49
C LYS A 791 -9.67 -35.24 12.52
N ILE A 792 -9.56 -36.57 12.54
CA ILE A 792 -10.33 -37.38 13.46
C ILE A 792 -9.50 -37.84 14.64
N PHE A 793 -9.98 -37.52 15.85
CA PHE A 793 -9.29 -37.91 17.07
C PHE A 793 -10.01 -39.13 17.67
N LYS A 794 -9.25 -40.08 18.17
CA LYS A 794 -9.84 -41.27 18.76
C LYS A 794 -9.80 -41.14 20.28
N ILE A 795 -10.97 -40.96 20.88
CA ILE A 795 -11.07 -40.81 22.32
C ILE A 795 -12.10 -41.76 22.90
N GLU A 796 -11.65 -42.59 23.83
CA GLU A 796 -12.52 -43.58 24.47
C GLU A 796 -13.13 -44.50 23.41
N GLY A 797 -12.34 -44.81 22.39
CA GLY A 797 -12.80 -45.70 21.33
C GLY A 797 -13.78 -45.14 20.32
N THR A 798 -14.04 -43.84 20.37
CA THR A 798 -14.97 -43.23 19.42
C THR A 798 -14.30 -42.19 18.54
N PRO A 799 -14.75 -42.07 17.28
CA PRO A 799 -14.20 -41.10 16.33
C PRO A 799 -14.73 -39.70 16.62
N ARG A 800 -13.84 -38.71 16.70
CA ARG A 800 -14.26 -37.36 17.01
C ARG A 800 -13.49 -36.27 16.28
N ARG A 801 -14.16 -35.13 16.11
CA ARG A 801 -13.58 -33.94 15.51
C ARG A 801 -13.63 -32.89 16.60
N ILE A 802 -12.70 -31.96 16.59
CA ILE A 802 -12.68 -30.93 17.63
C ILE A 802 -13.72 -29.86 17.35
N ALA A 803 -14.57 -29.60 18.33
CA ALA A 803 -15.60 -28.58 18.19
C ALA A 803 -15.09 -27.27 18.77
N GLY A 804 -14.27 -27.38 19.82
CA GLY A 804 -13.71 -26.21 20.44
C GLY A 804 -12.61 -26.55 21.42
N ILE A 805 -11.78 -25.55 21.74
CA ILE A 805 -10.70 -25.71 22.69
C ILE A 805 -10.99 -24.59 23.69
N HIS A 806 -11.17 -24.95 24.96
CA HIS A 806 -11.54 -23.97 25.98
C HIS A 806 -10.51 -23.51 27.00
N SER A 807 -9.61 -24.39 27.41
CA SER A 807 -8.62 -23.98 28.40
C SER A 807 -7.28 -24.68 28.25
N ARG A 808 -6.36 -24.35 29.15
CA ARG A 808 -5.02 -24.92 29.13
C ARG A 808 -4.49 -25.22 30.54
N ARG A 809 -3.54 -26.15 30.63
CA ARG A 809 -2.93 -26.51 31.90
C ARG A 809 -1.60 -27.20 31.60
N LYS A 810 -0.64 -27.08 32.51
CA LYS A 810 0.66 -27.72 32.32
C LYS A 810 0.56 -29.23 32.43
N PHE A 811 1.26 -29.92 31.55
CA PHE A 811 1.31 -31.37 31.57
C PHE A 811 2.79 -31.69 31.37
N LYS A 812 3.48 -31.88 32.48
CA LYS A 812 4.91 -32.18 32.47
C LYS A 812 5.66 -31.00 31.87
N ASN A 813 6.31 -31.21 30.74
CA ASN A 813 7.07 -30.11 30.13
C ASN A 813 6.38 -29.44 28.96
N THR A 814 5.05 -29.48 28.93
CA THR A 814 4.31 -28.82 27.87
C THR A 814 2.88 -28.54 28.32
N TYR A 815 1.97 -28.31 27.37
CA TYR A 815 0.59 -28.01 27.70
C TYR A 815 -0.45 -28.98 27.16
N GLU A 816 -1.58 -29.06 27.86
CA GLU A 816 -2.71 -29.89 27.47
C GLU A 816 -3.83 -28.88 27.20
N TYR A 817 -4.84 -29.28 26.46
CA TYR A 817 -5.92 -28.36 26.15
C TYR A 817 -7.28 -29.01 26.29
N GLU A 818 -8.19 -28.34 26.97
CA GLU A 818 -9.53 -28.87 27.12
C GLU A 818 -10.22 -28.73 25.78
N CYS A 819 -10.71 -29.84 25.24
CA CYS A 819 -11.37 -29.82 23.96
C CYS A 819 -12.79 -30.37 24.00
N SER A 820 -13.71 -29.70 23.31
CA SER A 820 -15.09 -30.16 23.23
C SER A 820 -15.15 -30.87 21.87
N PHE A 821 -16.07 -31.81 21.72
CA PHE A 821 -16.09 -32.58 20.47
C PHE A 821 -17.39 -32.71 19.69
N LEU A 822 -17.24 -33.30 18.51
CA LEU A 822 -18.34 -33.62 17.62
C LEU A 822 -18.13 -35.13 17.44
N LEU A 823 -19.16 -35.92 17.69
CA LEU A 823 -19.07 -37.38 17.57
C LEU A 823 -19.50 -37.82 16.17
N GLY A 824 -18.71 -38.71 15.57
CA GLY A 824 -19.03 -39.19 14.25
C GLY A 824 -20.02 -40.35 14.25
N GLU A 825 -21.09 -40.22 13.48
CA GLU A 825 -22.10 -41.27 13.39
C GLU A 825 -22.40 -41.62 11.94
N ASN A 826 -22.81 -42.86 11.71
CA ASN A 826 -23.14 -43.33 10.37
C ASN A 826 -21.99 -43.08 9.42
N ILE A 827 -20.77 -43.19 9.92
CA ILE A 827 -19.58 -42.96 9.11
C ILE A 827 -19.51 -43.77 7.82
N GLY A 828 -19.30 -43.08 6.70
CA GLY A 828 -19.21 -43.74 5.42
C GLY A 828 -20.52 -43.82 4.67
N LYS A 830 -24.53 -42.30 3.54
CA LYS A 830 -25.09 -41.07 3.04
C LYS A 830 -25.65 -40.21 4.15
N SER A 831 -25.91 -40.79 5.32
CA SER A 831 -26.44 -40.01 6.42
C SER A 831 -25.38 -39.70 7.49
N GLU A 832 -24.11 -39.78 7.10
CA GLU A 832 -23.02 -39.46 8.03
C GLU A 832 -23.23 -38.05 8.54
N ARG A 833 -22.92 -37.85 9.82
CA ARG A 833 -23.06 -36.54 10.43
C ARG A 833 -22.16 -36.50 11.65
N TRP A 834 -21.79 -35.29 12.06
CA TRP A 834 -20.95 -35.14 13.24
C TRP A 834 -21.75 -34.29 14.20
N VAL A 835 -22.26 -34.95 15.24
CA VAL A 835 -23.10 -34.32 16.23
C VAL A 835 -22.34 -33.75 17.42
N PRO A 836 -22.64 -32.50 17.79
CA PRO A 836 -21.95 -31.90 18.93
C PRO A 836 -22.21 -32.69 20.20
N SER A 839 -20.65 -31.17 27.28
CA SER A 839 -19.51 -30.75 28.10
C SER A 839 -18.81 -31.94 28.74
N VAL A 840 -19.62 -32.80 29.36
CA VAL A 840 -19.15 -33.99 30.04
C VAL A 840 -18.09 -34.77 29.27
N ASP A 841 -18.25 -34.87 27.96
CA ASP A 841 -17.31 -35.62 27.14
C ASP A 841 -16.06 -34.86 26.70
N ASN A 842 -15.85 -33.67 27.25
CA ASN A 842 -14.66 -32.90 26.90
C ASN A 842 -13.47 -33.70 27.38
N ALA A 843 -12.30 -33.42 26.82
CA ALA A 843 -11.10 -34.15 27.24
C ALA A 843 -9.85 -33.33 26.99
N TRP A 844 -8.82 -33.63 27.78
CA TRP A 844 -7.56 -32.93 27.68
C TRP A 844 -6.68 -33.57 26.62
N ILE A 845 -6.20 -32.77 25.67
CA ILE A 845 -5.37 -33.27 24.60
C ILE A 845 -4.07 -32.51 24.49
N PRO A 846 -2.93 -33.23 24.53
CA PRO A 846 -1.57 -32.67 24.45
C PRO A 846 -1.42 -31.71 23.27
N ARG A 847 -0.62 -30.67 23.47
CA ARG A 847 -0.38 -29.66 22.44
C ARG A 847 0.10 -30.27 21.12
N GLY A 848 0.98 -31.27 21.21
CA GLY A 848 1.51 -31.89 20.01
C GLY A 848 0.49 -32.54 19.09
N GLU A 849 -0.65 -32.94 19.64
CA GLU A 849 -1.69 -33.57 18.84
C GLU A 849 -2.67 -32.56 18.26
N LEU A 850 -2.53 -31.29 18.63
CA LEU A 850 -3.46 -30.25 18.18
C LEU A 850 -2.94 -29.22 17.21
N VAL A 851 -1.72 -28.75 17.44
CA VAL A 851 -1.16 -27.69 16.61
C VAL A 851 -1.19 -27.91 15.10
N GLU A 852 -0.91 -29.12 14.64
CA GLU A 852 -0.89 -29.36 13.20
C GLU A 852 -2.22 -29.07 12.52
N SER A 853 -3.33 -29.46 13.14
CA SER A 853 -4.65 -29.22 12.56
C SER A 853 -5.44 -28.05 13.15
N HIS A 854 -5.11 -27.62 14.37
CA HIS A 854 -5.86 -26.52 14.99
C HIS A 854 -4.99 -25.45 15.66
N SER A 855 -3.97 -24.97 14.95
CA SER A 855 -3.07 -23.96 15.51
C SER A 855 -3.80 -22.68 15.88
N LYS A 856 -4.78 -22.30 15.08
CA LYS A 856 -5.54 -21.10 15.34
C LYS A 856 -6.28 -21.16 16.68
N VAL A 858 -5.67 -23.20 19.14
CA VAL A 858 -4.70 -23.35 20.21
C VAL A 858 -4.20 -21.95 20.56
N ALA A 859 -3.87 -21.17 19.54
CA ALA A 859 -3.37 -19.82 19.78
C ALA A 859 -4.38 -18.97 20.54
N GLU A 860 -5.64 -18.96 20.11
CA GLU A 860 -6.65 -18.16 20.80
C GLU A 860 -6.71 -18.52 22.29
N VAL A 861 -6.50 -19.81 22.57
CA VAL A 861 -6.52 -20.30 23.94
C VAL A 861 -5.28 -19.87 24.71
N ASP A 862 -4.11 -19.95 24.08
CA ASP A 862 -2.88 -19.54 24.74
C ASP A 862 -2.97 -18.05 25.09
N LYS A 864 -5.65 -16.29 25.78
CA LYS A 864 -6.51 -16.11 26.95
C LYS A 864 -5.78 -16.41 28.24
N GLU A 865 -5.13 -17.56 28.29
CA GLU A 865 -4.43 -17.96 29.50
C GLU A 865 -3.32 -17.00 29.86
N ALA A 866 -2.62 -16.47 28.86
CA ALA A 866 -1.56 -15.53 29.13
C ALA A 866 -2.16 -14.31 29.83
N LEU A 867 -3.25 -13.80 29.28
CA LEU A 867 -3.91 -12.63 29.86
C LEU A 867 -4.48 -12.94 31.23
N ALA A 868 -5.12 -14.08 31.38
CA ALA A 868 -5.69 -14.45 32.67
C ALA A 868 -4.62 -14.57 33.77
N SER A 869 -3.40 -14.91 33.39
CA SER A 869 -2.33 -15.06 34.36
C SER A 869 -1.42 -13.84 34.40
N GLY A 870 -1.83 -12.77 33.72
CA GLY A 870 -1.05 -11.55 33.70
C GLY A 870 0.32 -11.67 33.06
N GLN A 871 0.55 -12.77 32.34
CA GLN A 871 1.84 -13.00 31.70
C GLN A 871 1.98 -12.47 30.28
N PHE A 872 0.89 -11.98 29.69
CA PHE A 872 0.94 -11.47 28.32
C PHE A 872 1.59 -10.10 28.19
N ARG A 873 2.53 -10.00 27.25
CA ARG A 873 3.25 -8.76 26.98
C ARG A 873 2.79 -8.29 25.60
N PRO A 874 2.11 -7.15 25.51
CA PRO A 874 1.62 -6.62 24.24
C PRO A 874 2.71 -6.23 23.26
N LEU A 875 2.45 -6.49 21.98
CA LEU A 875 3.40 -6.16 20.93
C LEU A 875 3.31 -4.72 20.44
N THR A 876 3.41 -3.76 21.36
CA THR A 876 3.36 -2.35 20.97
C THR A 876 4.73 -1.92 20.48
N ARG A 877 4.75 -0.97 19.56
CA ARG A 877 6.02 -0.50 19.03
C ARG A 877 6.89 0.04 20.14
N LYS A 878 6.28 0.75 21.08
CA LYS A 878 6.99 1.35 22.19
C LYS A 878 7.66 0.29 23.06
N GLU A 879 6.92 -0.76 23.44
CA GLU A 879 7.48 -1.84 24.24
C GLU A 879 8.60 -2.59 23.51
N ILE A 880 8.42 -2.81 22.21
CA ILE A 880 9.43 -3.51 21.44
C ILE A 880 10.70 -2.67 21.33
N GLU A 881 10.53 -1.36 21.16
CA GLU A 881 11.67 -0.46 21.06
C GLU A 881 12.44 -0.47 22.36
N GLU A 882 11.70 -0.43 23.45
CA GLU A 882 12.30 -0.43 24.78
C GLU A 882 13.10 -1.70 24.97
N HIS A 883 12.48 -2.83 24.63
CA HIS A 883 13.13 -4.11 24.77
C HIS A 883 14.38 -4.21 23.88
N CYS A 884 14.25 -3.79 22.63
CA CYS A 884 15.38 -3.82 21.71
C CYS A 884 16.51 -2.90 22.14
N SER A 885 16.17 -1.84 22.88
CA SER A 885 17.21 -0.91 23.34
C SER A 885 18.16 -1.66 24.27
N LEU A 887 19.00 -4.58 24.20
CA LEU A 887 19.87 -5.44 23.41
C LEU A 887 20.73 -4.66 22.43
N GLY A 888 20.86 -3.36 22.67
CA GLY A 888 21.72 -2.54 21.84
C GLY A 888 21.24 -2.04 20.50
N LEU A 889 19.92 -2.07 20.27
CA LEU A 889 19.38 -1.59 19.01
C LEU A 889 18.68 -0.27 19.25
N ASP A 890 18.83 0.66 18.31
CA ASP A 890 18.22 1.98 18.43
C ASP A 890 16.75 2.00 18.03
N PRO A 891 15.92 2.69 18.82
CA PRO A 891 14.47 2.82 18.58
C PRO A 891 14.05 3.22 17.16
N GLU A 892 14.69 4.24 16.60
CA GLU A 892 14.35 4.69 15.25
C GLU A 892 14.59 3.63 14.19
N ILE A 893 15.68 2.89 14.35
CA ILE A 893 16.04 1.84 13.41
C ILE A 893 15.12 0.64 13.56
N VAL A 894 14.67 0.38 14.78
CA VAL A 894 13.80 -0.75 15.06
C VAL A 894 12.39 -0.60 14.48
N SER A 895 11.86 0.62 14.52
CA SER A 895 10.52 0.89 14.04
C SER A 895 10.41 1.44 12.62
N HIS A 896 11.52 1.84 12.02
CA HIS A 896 11.47 2.44 10.69
C HIS A 896 12.44 1.90 9.64
N SER A 897 13.46 1.18 10.06
CA SER A 897 14.44 0.62 9.14
C SER A 897 14.18 -0.85 8.84
N ARG A 898 14.52 -1.27 7.62
CA ARG A 898 14.31 -2.66 7.26
C ARG A 898 15.54 -3.48 7.66
N ILE A 899 15.30 -4.70 8.14
CA ILE A 899 16.36 -5.60 8.58
C ILE A 899 17.44 -5.76 7.50
N ARG A 900 17.03 -5.62 6.24
CA ARG A 900 17.95 -5.74 5.11
C ARG A 900 19.21 -4.89 5.34
N GLY A 901 19.04 -3.71 5.94
CA GLY A 901 20.16 -2.82 6.19
C GLY A 901 20.96 -3.06 7.45
N LEU A 902 20.68 -4.13 8.18
CA LEU A 902 21.40 -4.42 9.42
C LEU A 902 22.63 -5.31 9.16
N SER A 903 23.62 -5.21 10.05
CA SER A 903 24.84 -6.00 9.94
C SER A 903 24.66 -7.34 10.61
N GLY A 904 25.57 -8.27 10.34
CA GLY A 904 25.48 -9.58 10.95
C GLY A 904 25.37 -9.46 12.46
N GLY A 905 26.21 -8.60 13.03
CA GLY A 905 26.18 -8.39 14.47
C GLY A 905 24.86 -7.81 14.93
N GLN A 906 24.31 -6.86 14.17
CA GLN A 906 23.03 -6.23 14.51
C GLN A 906 21.92 -7.27 14.43
N LYS A 907 22.02 -8.16 13.46
CA LYS A 907 21.03 -9.21 13.30
C LYS A 907 21.11 -10.16 14.48
N VAL A 908 22.30 -10.27 15.06
CA VAL A 908 22.49 -11.13 16.21
C VAL A 908 21.73 -10.51 17.38
N LYS A 909 21.84 -9.20 17.54
CA LYS A 909 21.13 -8.51 18.61
C LYS A 909 19.63 -8.65 18.41
N LEU A 910 19.17 -8.40 17.18
CA LEU A 910 17.75 -8.51 16.88
C LEU A 910 17.21 -9.90 17.18
N VAL A 911 17.96 -10.93 16.82
CA VAL A 911 17.53 -12.29 17.07
C VAL A 911 17.55 -12.63 18.56
N LEU A 912 18.50 -12.09 19.30
CA LEU A 912 18.56 -12.34 20.74
C LEU A 912 17.37 -11.62 21.42
N ALA A 913 17.06 -10.42 20.91
CA ALA A 913 15.93 -9.65 21.43
C ALA A 913 14.65 -10.44 21.19
N ALA A 914 14.47 -10.90 19.96
CA ALA A 914 13.29 -11.67 19.62
C ALA A 914 13.20 -12.92 20.50
N GLY A 915 14.35 -13.56 20.73
CA GLY A 915 14.35 -14.77 21.56
C GLY A 915 14.04 -14.56 23.03
N THR A 916 14.36 -13.39 23.55
CA THR A 916 14.15 -13.07 24.96
C THR A 916 12.98 -12.10 25.21
N TRP A 917 12.17 -11.86 24.18
CA TRP A 917 11.03 -10.95 24.27
C TRP A 917 10.02 -11.22 25.39
N GLN A 918 9.81 -12.48 25.73
CA GLN A 918 8.86 -12.80 26.78
C GLN A 918 9.47 -12.76 28.18
N ARG A 919 10.65 -12.18 28.30
CA ARG A 919 11.34 -12.09 29.59
C ARG A 919 11.36 -13.44 30.31
N PRO A 920 12.07 -14.43 29.73
CA PRO A 920 12.18 -15.78 30.29
C PRO A 920 12.97 -15.87 31.60
N HIS A 921 12.73 -16.94 32.35
CA HIS A 921 13.43 -17.17 33.61
C HIS A 921 14.67 -18.03 33.38
N LEU A 922 14.65 -18.78 32.29
CA LEU A 922 15.77 -19.65 31.95
C LEU A 922 16.12 -19.52 30.47
N ILE A 923 17.38 -19.17 30.19
CA ILE A 923 17.84 -19.05 28.83
C ILE A 923 18.74 -20.25 28.52
N VAL A 924 18.34 -21.03 27.52
CA VAL A 924 19.09 -22.21 27.11
C VAL A 924 19.73 -21.94 25.75
N LEU A 925 21.05 -21.89 25.72
CA LEU A 925 21.76 -21.65 24.48
C LEU A 925 22.31 -22.94 23.89
N ASP A 926 22.00 -23.16 22.61
CA ASP A 926 22.43 -24.35 21.89
C ASP A 926 23.70 -24.13 21.08
N GLU A 927 24.83 -24.47 21.67
CA GLU A 927 26.13 -24.30 21.02
C GLU A 927 26.30 -22.91 20.42
N PRO A 928 26.39 -21.88 21.28
CA PRO A 928 26.55 -20.53 20.73
C PRO A 928 27.90 -20.25 20.04
N THR A 929 28.95 -20.98 20.41
CA THR A 929 30.26 -20.75 19.80
C THR A 929 30.37 -21.34 18.41
N ASN A 930 29.37 -22.12 18.01
CA ASN A 930 29.37 -22.76 16.71
C ASN A 930 29.11 -21.80 15.55
N TYR A 931 28.52 -20.64 15.85
CA TYR A 931 28.19 -19.66 14.81
C TYR A 931 28.42 -18.20 15.15
N LEU A 932 29.01 -17.93 16.31
CA LEU A 932 29.30 -16.55 16.72
C LEU A 932 30.80 -16.34 16.77
N ASP A 933 31.27 -15.23 16.20
CA ASP A 933 32.70 -14.95 16.24
C ASP A 933 33.12 -14.50 17.64
N ARG A 934 34.42 -14.36 17.87
CA ARG A 934 34.93 -13.95 19.18
C ARG A 934 34.28 -12.65 19.67
N ASP A 935 34.11 -11.70 18.76
CA ASP A 935 33.52 -10.42 19.10
C ASP A 935 32.12 -10.57 19.69
N SER A 936 31.26 -11.33 19.02
CA SER A 936 29.89 -11.53 19.48
C SER A 936 29.87 -12.44 20.71
N LEU A 937 30.85 -13.32 20.79
CA LEU A 937 30.96 -14.24 21.92
C LEU A 937 31.29 -13.45 23.19
N GLY A 938 32.05 -12.37 23.03
CA GLY A 938 32.43 -11.55 24.16
C GLY A 938 31.22 -10.86 24.75
N ALA A 939 30.49 -10.14 23.91
CA ALA A 939 29.28 -9.42 24.33
C ALA A 939 28.28 -10.36 24.98
N LEU A 940 28.10 -11.54 24.39
CA LEU A 940 27.16 -12.53 24.90
C LEU A 940 27.60 -13.05 26.27
N SER A 941 28.91 -13.21 26.42
CA SER A 941 29.47 -13.71 27.67
C SER A 941 29.11 -12.80 28.84
N LYS A 942 29.34 -11.51 28.68
CA LYS A 942 29.04 -10.53 29.72
C LYS A 942 27.55 -10.52 30.05
N ALA A 943 26.72 -10.49 29.01
CA ALA A 943 25.27 -10.47 29.17
C ALA A 943 24.77 -11.67 29.97
N LEU A 944 25.42 -12.81 29.77
CA LEU A 944 25.04 -14.03 30.48
C LEU A 944 25.53 -14.01 31.93
N LYS A 945 26.62 -13.31 32.19
CA LYS A 945 27.13 -13.23 33.57
C LYS A 945 26.18 -12.38 34.41
N GLU A 946 25.65 -11.32 33.80
CA GLU A 946 24.74 -10.41 34.46
C GLU A 946 23.25 -10.78 34.40
N PHE A 947 22.92 -11.87 33.71
CA PHE A 947 21.52 -12.28 33.59
C PHE A 947 20.90 -12.67 34.94
N GLU A 948 19.81 -12.00 35.31
CA GLU A 948 19.16 -12.26 36.58
C GLU A 948 18.36 -13.55 36.63
N GLY A 949 18.39 -14.31 35.55
CA GLY A 949 17.68 -15.58 35.54
C GLY A 949 18.65 -16.73 35.33
N GLY A 950 18.12 -17.94 35.24
CA GLY A 950 18.96 -19.11 35.05
C GLY A 950 19.55 -19.23 33.65
N VAL A 951 20.69 -19.92 33.55
CA VAL A 951 21.37 -20.10 32.28
C VAL A 951 21.84 -21.55 32.08
N ILE A 952 21.58 -22.08 30.90
CA ILE A 952 21.99 -23.43 30.56
C ILE A 952 22.66 -23.35 29.20
N ILE A 953 23.99 -23.47 29.18
CA ILE A 953 24.72 -23.41 27.92
C ILE A 953 25.13 -24.80 27.46
N ILE A 954 24.76 -25.14 26.22
CA ILE A 954 25.14 -26.44 25.65
C ILE A 954 26.34 -26.15 24.77
N THR A 955 27.49 -26.71 25.13
CA THR A 955 28.68 -26.44 24.35
C THR A 955 29.74 -27.53 24.43
N HIS A 956 30.80 -27.35 23.66
CA HIS A 956 31.94 -28.26 23.61
C HIS A 956 33.14 -27.45 24.08
N SER A 957 32.98 -26.13 23.99
CA SER A 957 34.02 -25.18 24.36
C SER A 957 34.12 -24.92 25.86
N ALA A 958 35.15 -25.51 26.48
CA ALA A 958 35.36 -25.34 27.90
C ALA A 958 35.79 -23.89 28.18
N GLU A 959 36.54 -23.32 27.25
CA GLU A 959 37.02 -21.95 27.38
C GLU A 959 35.83 -20.99 27.53
N PHE A 960 34.71 -21.33 26.88
CA PHE A 960 33.51 -20.50 26.93
C PHE A 960 32.74 -20.70 28.22
N THR A 961 32.85 -21.90 28.81
CA THR A 961 32.15 -22.21 30.05
C THR A 961 32.82 -21.70 31.32
N LYS A 962 34.13 -21.52 31.29
CA LYS A 962 34.87 -21.04 32.45
C LYS A 962 34.46 -19.62 32.82
N ASN A 963 34.34 -19.37 34.12
CA ASN A 963 33.94 -18.06 34.64
C ASN A 963 32.51 -17.70 34.27
N LEU A 964 31.76 -18.68 33.76
CA LEU A 964 30.38 -18.46 33.37
C LEU A 964 29.48 -19.45 34.08
N THR A 965 29.79 -20.73 33.92
CA THR A 965 28.98 -21.78 34.54
C THR A 965 29.63 -22.33 35.81
N GLU A 966 28.93 -23.24 36.46
CA GLU A 966 29.42 -23.86 37.69
C GLU A 966 28.84 -25.26 37.88
N GLU A 967 27.66 -25.49 37.32
CA GLU A 967 27.04 -26.81 37.43
C GLU A 967 27.33 -27.52 36.11
N VAL A 968 27.33 -28.85 36.13
CA VAL A 968 27.63 -29.60 34.92
C VAL A 968 26.74 -30.82 34.69
N TRP A 969 26.23 -30.92 33.48
CA TRP A 969 25.39 -32.03 33.08
C TRP A 969 26.15 -32.85 32.03
N ALA A 970 26.25 -34.16 32.26
CA ALA A 970 26.95 -35.05 31.35
C ALA A 970 26.23 -36.39 31.29
N VAL A 971 25.88 -36.82 30.08
CA VAL A 971 25.17 -38.07 29.87
C VAL A 971 26.09 -39.24 29.53
N LYS A 972 26.08 -40.25 30.40
CA LYS A 972 26.88 -41.44 30.20
C LYS A 972 25.96 -42.64 30.27
N ASP A 973 25.91 -43.41 29.18
CA ASP A 973 25.07 -44.60 29.10
C ASP A 973 23.60 -44.31 29.43
N GLY A 974 23.04 -43.31 28.77
CA GLY A 974 21.64 -42.96 28.98
C GLY A 974 21.31 -42.46 30.37
N ARG A 975 22.33 -42.08 31.13
CA ARG A 975 22.12 -41.58 32.48
C ARG A 975 23.00 -40.38 32.73
N THR A 977 24.15 -37.37 36.25
CA THR A 977 23.98 -36.91 37.63
C THR A 977 24.54 -35.48 37.78
N PRO A 978 23.70 -34.54 38.24
CA PRO A 978 24.10 -33.15 38.43
C PRO A 978 25.24 -32.99 39.45
N SER A 979 26.41 -32.93 39.01
N HIS B 3 -42.58 32.09 -22.40
CA HIS B 3 -41.68 32.98 -21.63
C HIS B 3 -41.73 34.38 -22.24
N HIS B 4 -40.58 35.04 -22.20
CA HIS B 4 -40.39 36.35 -22.76
C HIS B 4 -39.16 36.08 -23.59
N HIS B 5 -39.12 36.57 -24.83
CA HIS B 5 -37.98 36.34 -25.69
C HIS B 5 -36.72 36.98 -25.08
N HIS B 6 -35.61 36.24 -25.17
CA HIS B 6 -34.35 36.71 -24.62
C HIS B 6 -33.34 37.02 -25.71
N SER B 7 -33.12 38.32 -25.88
CA SER B 7 -32.23 38.84 -26.92
C SER B 7 -30.81 38.30 -26.94
N ASP B 8 -30.09 38.45 -25.84
CA ASP B 8 -28.71 37.98 -25.78
C ASP B 8 -28.69 36.46 -26.01
N SER B 9 -29.73 35.78 -25.54
CA SER B 9 -29.84 34.33 -25.73
C SER B 9 -30.05 33.95 -27.19
N GLN B 10 -30.88 34.72 -27.91
CA GLN B 10 -31.13 34.44 -29.33
C GLN B 10 -29.85 34.72 -30.14
N GLN B 11 -29.05 35.66 -29.66
CA GLN B 11 -27.80 36.01 -30.32
C GLN B 11 -26.89 34.75 -30.29
N SER B 12 -26.98 33.99 -29.20
CA SER B 12 -26.17 32.77 -29.07
C SER B 12 -26.51 31.75 -30.17
N ILE B 13 -27.79 31.61 -30.50
CA ILE B 13 -28.20 30.69 -31.54
C ILE B 13 -27.54 31.12 -32.84
N LYS B 14 -27.51 32.43 -33.10
CA LYS B 14 -26.90 32.94 -34.33
C LYS B 14 -25.40 32.71 -34.38
N VAL B 15 -24.71 32.88 -33.25
CA VAL B 15 -23.28 32.64 -33.22
C VAL B 15 -22.96 31.17 -33.50
N LEU B 16 -23.69 30.25 -32.89
CA LEU B 16 -23.44 28.84 -33.11
C LEU B 16 -23.61 28.48 -34.58
N GLU B 17 -24.59 29.11 -35.24
CA GLU B 17 -24.83 28.86 -36.66
C GLU B 17 -23.63 29.31 -37.49
N GLU B 18 -23.06 30.45 -37.14
CA GLU B 18 -21.90 30.95 -37.87
C GLU B 18 -20.71 30.05 -37.58
N LEU B 19 -20.59 29.62 -36.34
CA LEU B 19 -19.48 28.74 -36.00
C LEU B 19 -19.63 27.38 -36.68
N PHE B 20 -20.85 26.88 -36.82
CA PHE B 20 -21.02 25.58 -37.47
C PHE B 20 -20.70 25.66 -38.96
N GLN B 21 -21.04 26.79 -39.57
CA GLN B 21 -20.81 27.00 -40.99
C GLN B 21 -19.31 26.91 -41.23
N LYS B 22 -18.55 27.56 -40.37
CA LYS B 22 -17.10 27.54 -40.49
C LYS B 22 -16.57 26.11 -40.26
N LEU B 23 -17.17 25.42 -39.29
CA LEU B 23 -16.77 24.06 -38.96
C LEU B 23 -16.93 23.04 -40.09
N SER B 24 -18.11 23.01 -40.69
CA SER B 24 -18.38 22.07 -41.77
C SER B 24 -17.47 22.29 -42.98
N VAL B 25 -16.78 23.42 -42.98
CA VAL B 25 -15.88 23.77 -44.08
C VAL B 25 -14.41 23.55 -43.71
N ALA B 26 -14.14 23.47 -42.42
CA ALA B 26 -12.78 23.27 -41.93
C ALA B 26 -12.06 22.10 -42.57
N THR B 27 -10.74 22.22 -42.65
CA THR B 27 -9.90 21.18 -43.21
C THR B 27 -9.01 20.61 -42.10
N ALA B 28 -8.42 19.45 -42.33
CA ALA B 28 -7.56 18.83 -41.32
C ALA B 28 -6.53 19.83 -40.78
N ASP B 29 -6.31 20.91 -41.52
CA ASP B 29 -5.34 21.93 -41.11
C ASP B 29 -5.88 22.81 -40.00
N ASN B 30 -6.99 23.49 -40.26
CA ASN B 30 -7.61 24.40 -39.32
C ASN B 30 -8.69 23.79 -38.42
N ARG B 31 -8.94 22.50 -38.59
CA ARG B 31 -9.93 21.76 -37.83
C ARG B 31 -9.96 22.07 -36.32
N HIS B 32 -8.84 21.80 -35.65
CA HIS B 32 -8.74 22.02 -34.21
C HIS B 32 -9.02 23.46 -33.76
N GLU B 33 -8.69 24.44 -34.59
CA GLU B 33 -8.91 25.83 -34.19
C GLU B 33 -10.37 26.20 -33.98
N ILE B 34 -11.22 25.82 -34.94
CA ILE B 34 -12.64 26.15 -34.80
C ILE B 34 -13.34 25.18 -33.84
N ALA B 35 -12.85 23.96 -33.75
CA ALA B 35 -13.43 22.99 -32.83
C ALA B 35 -13.31 23.62 -31.45
N SER B 36 -12.17 24.27 -31.21
CA SER B 36 -11.90 24.93 -29.95
C SER B 36 -12.87 26.09 -29.76
N GLU B 37 -13.12 26.85 -30.83
CA GLU B 37 -14.05 27.97 -30.76
C GLU B 37 -15.46 27.48 -30.40
N VAL B 38 -15.93 26.44 -31.09
CA VAL B 38 -17.25 25.90 -30.82
C VAL B 38 -17.34 25.43 -29.37
N ALA B 39 -16.30 24.75 -28.91
CA ALA B 39 -16.24 24.24 -27.56
C ALA B 39 -16.34 25.31 -26.49
N SER B 40 -15.45 26.31 -26.56
CA SER B 40 -15.44 27.38 -25.55
C SER B 40 -16.74 28.17 -25.50
N PHE B 41 -17.42 28.29 -26.63
CA PHE B 41 -18.67 29.04 -26.64
C PHE B 41 -19.84 28.21 -26.16
N LEU B 42 -19.98 27.01 -26.72
CA LEU B 42 -21.09 26.13 -26.36
C LEU B 42 -21.15 25.81 -24.86
N ASN B 43 -19.99 25.66 -24.23
CA ASN B 43 -19.97 25.33 -22.81
C ASN B 43 -20.22 26.50 -21.82
N GLY B 44 -20.51 27.69 -22.33
CA GLY B 44 -20.78 28.82 -21.44
C GLY B 44 -22.26 28.99 -21.14
N ASN B 45 -22.62 29.98 -20.32
CA ASN B 45 -24.02 30.23 -19.99
C ASN B 45 -24.60 31.01 -21.19
N ILE B 46 -24.80 30.34 -22.30
CA ILE B 46 -25.26 30.99 -23.51
C ILE B 46 -26.74 31.00 -23.83
N ILE B 47 -27.48 30.05 -23.27
CA ILE B 47 -28.91 29.99 -23.55
C ILE B 47 -29.78 29.95 -22.30
N GLU B 48 -30.80 30.80 -22.28
CA GLU B 48 -31.72 30.90 -21.15
C GLU B 48 -32.79 29.81 -21.14
N HIS B 49 -32.62 28.84 -20.25
CA HIS B 49 -33.54 27.71 -20.09
C HIS B 49 -33.94 27.01 -21.38
N ASP B 50 -32.96 26.61 -22.18
CA ASP B 50 -33.23 25.89 -23.41
C ASP B 50 -31.92 25.36 -23.97
N VAL B 51 -32.00 24.71 -25.12
CA VAL B 51 -30.83 24.14 -25.74
C VAL B 51 -30.73 24.56 -27.21
N PRO B 52 -29.50 24.61 -27.75
CA PRO B 52 -29.31 24.99 -29.16
C PRO B 52 -29.69 23.75 -29.96
N GLU B 53 -31.00 23.53 -30.05
CA GLU B 53 -31.60 22.39 -30.71
C GLU B 53 -31.13 22.15 -32.13
N HIS B 54 -31.22 23.19 -32.97
CA HIS B 54 -30.80 23.02 -34.35
C HIS B 54 -29.32 22.73 -34.48
N PHE B 55 -28.52 23.31 -33.59
CA PHE B 55 -27.07 23.08 -33.64
C PHE B 55 -26.74 21.61 -33.41
N PHE B 56 -27.41 20.98 -32.45
CA PHE B 56 -27.17 19.58 -32.15
C PHE B 56 -27.63 18.68 -33.28
N GLY B 57 -28.64 19.15 -34.03
CA GLY B 57 -29.14 18.39 -35.15
C GLY B 57 -28.12 18.44 -36.29
N GLU B 58 -27.54 19.61 -36.52
CA GLU B 58 -26.53 19.77 -37.58
C GLU B 58 -25.31 18.91 -37.25
N LEU B 59 -24.89 18.93 -35.99
CA LEU B 59 -23.75 18.17 -35.53
C LEU B 59 -23.98 16.68 -35.78
N ALA B 60 -25.18 16.20 -35.47
CA ALA B 60 -25.53 14.80 -35.65
C ALA B 60 -25.58 14.42 -37.13
N LYS B 61 -26.09 15.33 -37.96
CA LYS B 61 -26.18 15.05 -39.38
C LYS B 61 -24.77 15.09 -39.97
N GLY B 62 -23.91 15.91 -39.38
CA GLY B 62 -22.55 16.02 -39.86
C GLY B 62 -21.68 14.82 -39.50
N ILE B 63 -21.99 14.19 -38.38
CA ILE B 63 -21.25 13.03 -37.92
C ILE B 63 -21.56 11.82 -38.78
N LYS B 64 -22.79 11.78 -39.31
CA LYS B 64 -23.22 10.67 -40.15
C LYS B 64 -22.82 10.86 -41.62
N ASP B 65 -22.17 11.97 -41.92
CA ASP B 65 -21.76 12.29 -43.29
C ASP B 65 -20.24 12.26 -43.53
N LYS B 66 -19.82 11.40 -44.45
CA LYS B 66 -18.41 11.21 -44.80
C LYS B 66 -17.59 12.48 -44.90
N LYS B 67 -18.12 13.42 -45.69
CA LYS B 67 -17.47 14.69 -45.94
C LYS B 67 -17.20 15.50 -44.69
N THR B 68 -18.10 15.41 -43.70
CA THR B 68 -17.96 16.21 -42.49
C THR B 68 -17.80 15.45 -41.17
N ALA B 69 -17.75 14.13 -41.22
CA ALA B 69 -17.62 13.32 -40.01
C ALA B 69 -16.42 13.74 -39.14
N ALA B 70 -15.25 13.82 -39.76
CA ALA B 70 -14.05 14.21 -39.01
C ALA B 70 -14.24 15.54 -38.29
N ASN B 71 -14.59 16.59 -39.04
CA ASN B 71 -14.78 17.91 -38.47
C ASN B 71 -15.75 17.93 -37.30
N ALA B 72 -16.93 17.38 -37.53
CA ALA B 72 -17.98 17.33 -36.52
C ALA B 72 -17.64 16.55 -35.27
N GLN B 74 -14.57 16.05 -34.19
CA GLN B 74 -13.47 16.74 -33.53
C GLN B 74 -14.05 17.87 -32.69
N ALA B 75 -15.20 18.38 -33.10
CA ALA B 75 -15.86 19.43 -32.35
C ALA B 75 -16.41 18.82 -31.07
N VAL B 76 -17.06 17.66 -31.21
CA VAL B 76 -17.61 16.97 -30.06
C VAL B 76 -16.49 16.66 -29.06
N ALA B 77 -15.32 16.34 -29.60
CA ALA B 77 -14.15 16.02 -28.78
C ALA B 77 -13.68 17.20 -27.95
N HIS B 78 -13.66 18.38 -28.55
CA HIS B 78 -13.25 19.59 -27.85
C HIS B 78 -14.34 20.03 -26.86
N ILE B 79 -15.59 19.73 -27.19
CA ILE B 79 -16.73 20.08 -26.37
C ILE B 79 -16.69 19.22 -25.11
N ALA B 80 -16.24 17.99 -25.27
CA ALA B 80 -16.14 17.06 -24.16
C ALA B 80 -14.73 17.05 -23.58
N ASN B 81 -14.28 18.18 -23.04
CA ASN B 81 -12.95 18.17 -22.47
C ASN B 81 -13.13 17.91 -20.96
N GLN B 82 -12.09 17.36 -20.35
CA GLN B 82 -12.12 16.97 -18.94
C GLN B 82 -12.46 18.00 -17.90
N SER B 83 -12.41 19.29 -18.21
CA SER B 83 -12.69 20.23 -17.16
C SER B 83 -13.77 21.25 -17.42
N ASN B 84 -14.35 21.24 -18.62
CA ASN B 84 -15.33 22.26 -18.96
C ASN B 84 -16.65 21.82 -19.61
N LEU B 85 -16.95 20.52 -19.63
CA LEU B 85 -18.20 20.07 -20.23
C LEU B 85 -19.38 20.54 -19.36
N SER B 86 -20.25 21.35 -19.95
CA SER B 86 -21.40 21.90 -19.25
C SER B 86 -22.60 20.96 -19.17
N PRO B 87 -23.24 20.86 -18.00
CA PRO B 87 -24.39 19.96 -17.92
C PRO B 87 -25.50 20.33 -18.90
N SER B 88 -25.52 21.59 -19.33
CA SER B 88 -26.53 22.04 -20.29
C SER B 88 -26.37 21.34 -21.62
N VAL B 89 -25.18 20.82 -21.87
CA VAL B 89 -24.85 20.19 -23.13
C VAL B 89 -24.59 18.68 -23.05
N GLU B 90 -24.05 18.26 -21.90
CA GLU B 90 -23.70 16.87 -21.64
C GLU B 90 -24.65 15.79 -22.15
N PRO B 91 -25.95 15.87 -21.81
CA PRO B 91 -26.82 14.81 -22.31
C PRO B 91 -27.00 14.72 -23.82
N TYR B 92 -26.88 15.86 -24.51
CA TYR B 92 -27.04 15.90 -25.96
C TYR B 92 -25.76 15.38 -26.62
N ILE B 93 -24.65 15.43 -25.88
CA ILE B 93 -23.38 14.94 -26.37
C ILE B 93 -23.41 13.41 -26.30
N VAL B 94 -23.87 12.90 -25.16
CA VAL B 94 -23.96 11.45 -24.94
C VAL B 94 -24.94 10.84 -25.93
N GLN B 95 -25.99 11.59 -26.27
CA GLN B 95 -26.99 11.10 -27.22
C GLN B 95 -26.34 10.84 -28.60
N LEU B 96 -25.18 11.44 -28.85
CA LEU B 96 -24.46 11.26 -30.12
C LEU B 96 -23.50 10.06 -30.12
N VAL B 97 -23.31 9.42 -28.97
CA VAL B 97 -22.38 8.30 -28.89
C VAL B 97 -22.63 7.12 -29.83
N PRO B 98 -23.89 6.71 -30.02
CA PRO B 98 -24.15 5.58 -30.93
C PRO B 98 -23.63 5.85 -32.35
N ALA B 99 -23.83 7.06 -32.85
CA ALA B 99 -23.37 7.41 -34.19
C ALA B 99 -21.85 7.48 -34.21
N ILE B 100 -21.26 7.98 -33.13
CA ILE B 100 -19.82 8.07 -33.04
C ILE B 100 -19.22 6.66 -33.04
N CYS B 101 -19.92 5.72 -32.43
CA CYS B 101 -19.45 4.34 -32.39
C CYS B 101 -19.40 3.76 -33.80
N THR B 102 -20.48 3.95 -34.55
CA THR B 102 -20.54 3.45 -35.91
C THR B 102 -19.34 3.95 -36.72
N ASN B 103 -19.01 5.22 -36.56
CA ASN B 103 -17.87 5.78 -37.28
C ASN B 103 -16.55 5.12 -36.88
N ALA B 104 -16.49 4.54 -35.69
CA ALA B 104 -15.27 3.88 -35.23
C ALA B 104 -15.01 2.60 -36.02
N GLY B 105 -15.97 2.23 -36.86
CA GLY B 105 -15.82 1.05 -37.68
C GLY B 105 -15.85 1.38 -39.16
N ASN B 106 -15.62 2.67 -39.47
CA ASN B 106 -15.61 3.15 -40.86
C ASN B 106 -14.32 2.75 -41.59
N LYS B 107 -14.46 2.38 -42.86
CA LYS B 107 -13.32 1.99 -43.68
C LYS B 107 -12.29 3.11 -43.76
N ASP B 108 -12.76 4.36 -43.76
CA ASP B 108 -11.85 5.49 -43.84
C ASP B 108 -10.95 5.62 -42.62
N LYS B 109 -9.66 5.64 -42.88
CA LYS B 109 -8.63 5.75 -41.85
C LYS B 109 -8.78 6.93 -40.90
N GLU B 110 -9.10 8.10 -41.46
CA GLU B 110 -9.25 9.34 -40.67
C GLU B 110 -10.50 9.36 -39.80
N ILE B 111 -11.64 9.01 -40.38
CA ILE B 111 -12.91 8.98 -39.67
C ILE B 111 -12.87 7.99 -38.51
N GLN B 112 -12.35 6.80 -38.76
CA GLN B 112 -12.25 5.73 -37.77
C GLN B 112 -11.41 6.18 -36.57
N SER B 113 -10.28 6.80 -36.87
CA SER B 113 -9.34 7.28 -35.85
C SER B 113 -9.92 8.37 -34.95
N VAL B 114 -10.59 9.34 -35.57
CA VAL B 114 -11.20 10.47 -34.86
C VAL B 114 -12.32 9.99 -33.95
N ALA B 115 -13.08 9.01 -34.43
CA ALA B 115 -14.17 8.44 -33.65
C ALA B 115 -13.64 7.79 -32.39
N SER B 116 -12.62 6.95 -32.54
CA SER B 116 -12.02 6.26 -31.43
C SER B 116 -11.59 7.24 -30.35
N GLU B 117 -10.93 8.30 -30.80
CA GLU B 117 -10.44 9.35 -29.92
C GLU B 117 -11.58 10.09 -29.23
N THR B 118 -12.67 10.33 -29.96
CA THR B 118 -13.81 11.05 -29.41
C THR B 118 -14.53 10.28 -28.30
N LEU B 119 -14.63 8.96 -28.46
CA LEU B 119 -15.26 8.13 -27.44
C LEU B 119 -14.48 8.26 -26.12
N ILE B 120 -13.15 8.26 -26.21
CA ILE B 120 -12.32 8.39 -25.00
C ILE B 120 -12.60 9.75 -24.35
N SER B 121 -12.66 10.79 -25.18
CA SER B 121 -12.91 12.13 -24.69
C SER B 121 -14.23 12.25 -23.95
N ILE B 122 -15.28 11.64 -24.50
CA ILE B 122 -16.58 11.70 -23.88
C ILE B 122 -16.58 10.94 -22.57
N VAL B 123 -15.99 9.75 -22.57
CA VAL B 123 -15.90 8.96 -21.35
C VAL B 123 -15.22 9.76 -20.23
N ASN B 124 -14.16 10.46 -20.57
CA ASN B 124 -13.41 11.24 -19.58
C ASN B 124 -14.02 12.58 -19.24
N ALA B 125 -15.07 12.98 -19.95
CA ALA B 125 -15.69 14.28 -19.73
C ALA B 125 -17.03 14.30 -18.97
N VAL B 126 -17.80 13.24 -19.08
CA VAL B 126 -19.09 13.20 -18.41
C VAL B 126 -18.98 13.12 -16.89
N ASN B 127 -20.09 13.42 -16.23
CA ASN B 127 -20.19 13.33 -14.78
C ASN B 127 -20.12 11.83 -14.55
N PRO B 128 -19.11 11.34 -13.82
CA PRO B 128 -18.98 9.90 -13.57
C PRO B 128 -20.30 9.24 -13.11
N VAL B 129 -21.06 10.00 -12.33
CA VAL B 129 -22.32 9.51 -11.81
C VAL B 129 -23.40 9.24 -12.87
N ALA B 130 -23.20 9.72 -14.09
CA ALA B 130 -24.18 9.50 -15.15
C ALA B 130 -23.88 8.26 -15.99
N ILE B 131 -22.98 7.42 -15.49
CA ILE B 131 -22.57 6.20 -16.18
C ILE B 131 -23.69 5.37 -16.82
N LYS B 132 -24.79 5.19 -16.10
CA LYS B 132 -25.89 4.39 -16.65
C LYS B 132 -26.50 4.95 -17.93
N ALA B 133 -26.17 6.18 -18.27
CA ALA B 133 -26.68 6.79 -19.49
C ALA B 133 -25.73 6.55 -20.66
N LEU B 134 -24.45 6.31 -20.34
CA LEU B 134 -23.42 6.10 -21.36
C LEU B 134 -23.04 4.63 -21.61
N LEU B 135 -22.91 3.86 -20.54
CA LEU B 135 -22.52 2.46 -20.65
C LEU B 135 -23.37 1.64 -21.65
N PRO B 136 -24.71 1.69 -21.54
CA PRO B 136 -25.56 0.94 -22.46
C PRO B 136 -25.26 1.19 -23.93
N HIS B 137 -24.94 2.43 -24.28
CA HIS B 137 -24.62 2.74 -25.67
C HIS B 137 -23.42 1.93 -26.10
N LEU B 138 -22.42 1.83 -25.22
CA LEU B 138 -21.19 1.11 -25.52
C LEU B 138 -21.33 -0.42 -25.53
N THR B 139 -22.09 -0.97 -24.59
CA THR B 139 -22.25 -2.42 -24.56
C THR B 139 -23.07 -2.87 -25.76
N ASN B 140 -24.15 -2.15 -26.07
CA ASN B 140 -24.99 -2.49 -27.21
C ASN B 140 -24.21 -2.36 -28.52
N ALA B 141 -23.41 -1.31 -28.64
CA ALA B 141 -22.65 -1.11 -29.88
C ALA B 141 -21.63 -2.23 -30.12
N ILE B 142 -20.90 -2.64 -29.08
CA ILE B 142 -19.90 -3.68 -29.25
C ILE B 142 -20.46 -5.09 -29.47
N VAL B 143 -21.71 -5.31 -29.08
CA VAL B 143 -22.33 -6.62 -29.24
C VAL B 143 -23.05 -6.81 -30.58
N GLU B 144 -23.48 -5.72 -31.21
CA GLU B 144 -24.18 -5.89 -32.48
C GLU B 144 -23.35 -5.55 -33.71
N THR B 145 -22.20 -4.90 -33.51
CA THR B 145 -21.37 -4.55 -34.65
C THR B 145 -20.51 -5.73 -35.10
N ASN B 146 -20.13 -5.73 -36.38
CA ASN B 146 -19.29 -6.77 -36.92
C ASN B 146 -17.96 -6.22 -37.44
N LYS B 147 -17.72 -4.94 -37.18
CA LYS B 147 -16.47 -4.29 -37.60
C LYS B 147 -15.51 -4.43 -36.42
N TRP B 148 -14.37 -5.08 -36.61
CA TRP B 148 -13.44 -5.27 -35.51
C TRP B 148 -12.73 -4.03 -34.99
N GLN B 149 -12.63 -2.98 -35.79
CA GLN B 149 -11.97 -1.78 -35.30
C GLN B 149 -12.89 -1.04 -34.33
N GLU B 150 -14.21 -1.19 -34.55
CA GLU B 150 -15.19 -0.55 -33.68
C GLU B 150 -15.17 -1.22 -32.31
N LYS B 151 -14.92 -2.52 -32.29
CA LYS B 151 -14.86 -3.24 -31.03
C LYS B 151 -13.61 -2.80 -30.25
N ILE B 152 -12.49 -2.66 -30.95
CA ILE B 152 -11.27 -2.24 -30.29
C ILE B 152 -11.40 -0.83 -29.69
N ALA B 153 -12.13 0.04 -30.38
CA ALA B 153 -12.32 1.42 -29.91
C ALA B 153 -13.20 1.48 -28.66
N ILE B 154 -14.25 0.65 -28.65
CA ILE B 154 -15.17 0.60 -27.53
C ILE B 154 -14.48 -0.03 -26.32
N LEU B 155 -13.67 -1.06 -26.58
CA LEU B 155 -12.95 -1.72 -25.50
C LEU B 155 -12.04 -0.69 -24.85
N ALA B 156 -11.42 0.16 -25.67
CA ALA B 156 -10.55 1.20 -25.15
C ALA B 156 -11.36 2.17 -24.31
N ALA B 157 -12.61 2.41 -24.70
CA ALA B 157 -13.50 3.31 -23.96
C ALA B 157 -13.89 2.73 -22.60
N PHE B 158 -14.09 1.41 -22.54
CA PHE B 158 -14.43 0.76 -21.27
C PHE B 158 -13.24 0.95 -20.33
N SER B 159 -12.04 0.77 -20.88
CA SER B 159 -10.82 0.90 -20.09
C SER B 159 -10.67 2.30 -19.51
N ALA B 160 -10.98 3.32 -20.30
CA ALA B 160 -10.85 4.68 -19.81
C ALA B 160 -11.90 4.91 -18.73
N VAL B 162 -12.89 2.86 -16.44
CA VAL B 162 -12.42 2.34 -15.18
C VAL B 162 -11.64 3.39 -14.40
N ASP B 163 -10.87 4.22 -15.11
CA ASP B 163 -10.08 5.26 -14.46
C ASP B 163 -10.85 6.55 -14.20
N ALA B 164 -11.83 6.83 -15.05
CA ALA B 164 -12.61 8.04 -14.89
C ALA B 164 -13.72 7.89 -13.86
N ALA B 165 -14.26 6.69 -13.72
CA ALA B 165 -15.35 6.44 -12.78
C ALA B 165 -15.21 5.06 -12.17
N LYS B 166 -14.15 4.86 -11.40
CA LYS B 166 -13.91 3.55 -10.81
C LYS B 166 -15.00 3.02 -9.88
N ASP B 167 -15.51 3.85 -8.97
CA ASP B 167 -16.54 3.36 -8.06
C ASP B 167 -17.81 2.97 -8.78
N GLN B 168 -18.19 3.77 -9.77
CA GLN B 168 -19.41 3.53 -10.53
C GLN B 168 -19.29 2.30 -11.41
N VAL B 169 -18.11 2.07 -11.95
CA VAL B 169 -17.91 0.91 -12.81
C VAL B 169 -17.91 -0.38 -11.98
N ALA B 170 -17.35 -0.30 -10.77
CA ALA B 170 -17.31 -1.47 -9.89
C ALA B 170 -18.71 -2.02 -9.69
N LEU B 171 -19.68 -1.13 -9.53
CA LEU B 171 -21.06 -1.56 -9.32
C LEU B 171 -21.66 -2.14 -10.62
N ARG B 172 -21.03 -1.82 -11.75
CA ARG B 172 -21.50 -2.29 -13.06
C ARG B 172 -20.81 -3.58 -13.54
N PRO B 174 -20.92 -6.86 -12.78
CA PRO B 174 -21.69 -8.06 -13.18
C PRO B 174 -22.31 -7.93 -14.58
N GLU B 175 -22.35 -6.71 -15.10
CA GLU B 175 -22.93 -6.50 -16.42
C GLU B 175 -21.81 -6.34 -17.44
N LEU B 176 -20.72 -5.70 -17.03
CA LEU B 176 -19.60 -5.47 -17.92
C LEU B 176 -18.78 -6.74 -18.21
N ILE B 177 -18.41 -7.48 -17.16
CA ILE B 177 -17.61 -8.68 -17.33
C ILE B 177 -18.16 -9.67 -18.35
N PRO B 178 -19.46 -9.97 -18.29
CA PRO B 178 -19.92 -10.91 -19.32
C PRO B 178 -19.70 -10.38 -20.74
N VAL B 179 -19.83 -9.07 -20.91
CA VAL B 179 -19.64 -8.47 -22.23
C VAL B 179 -18.18 -8.56 -22.68
N LEU B 180 -17.26 -8.37 -21.74
CA LEU B 180 -15.85 -8.45 -22.07
C LEU B 180 -15.44 -9.89 -22.36
N SER B 181 -16.06 -10.83 -21.66
CA SER B 181 -15.77 -12.24 -21.84
C SER B 181 -16.19 -12.71 -23.24
N GLU B 182 -17.39 -12.34 -23.68
CA GLU B 182 -17.86 -12.75 -25.01
C GLU B 182 -16.86 -12.22 -26.02
N THR B 183 -16.50 -10.95 -25.88
CA THR B 183 -15.59 -10.31 -26.80
C THR B 183 -14.24 -11.01 -26.88
N TRP B 185 -13.89 -14.04 -27.08
CA TRP B 185 -14.12 -15.20 -27.93
C TRP B 185 -14.35 -14.82 -29.38
N ASP B 186 -14.01 -13.58 -29.72
CA ASP B 186 -14.16 -13.08 -31.07
C ASP B 186 -13.06 -13.68 -31.95
N THR B 187 -13.43 -14.14 -33.14
CA THR B 187 -12.46 -14.77 -34.03
C THR B 187 -11.22 -13.91 -34.31
N LYS B 188 -11.40 -12.60 -34.45
CA LYS B 188 -10.30 -11.68 -34.74
C LYS B 188 -9.24 -11.60 -33.64
N LYS B 189 -8.01 -11.97 -33.98
CA LYS B 189 -6.92 -11.95 -33.01
C LYS B 189 -6.61 -10.62 -32.32
N GLU B 190 -6.81 -9.50 -33.01
CA GLU B 190 -6.53 -8.20 -32.38
C GLU B 190 -7.62 -7.83 -31.38
N VAL B 191 -8.82 -8.36 -31.60
CA VAL B 191 -9.96 -8.12 -30.71
C VAL B 191 -9.81 -8.92 -29.42
N LYS B 192 -9.31 -10.14 -29.53
CA LYS B 192 -9.11 -10.99 -28.36
C LYS B 192 -8.09 -10.36 -27.43
N ALA B 193 -7.02 -9.83 -28.01
CA ALA B 193 -5.96 -9.22 -27.22
C ALA B 193 -6.49 -7.97 -26.52
N ALA B 194 -7.27 -7.18 -27.24
CA ALA B 194 -7.82 -5.94 -26.72
C ALA B 194 -8.87 -6.23 -25.63
N ALA B 195 -9.66 -7.27 -25.83
CA ALA B 195 -10.70 -7.64 -24.87
C ALA B 195 -10.03 -8.11 -23.58
N THR B 196 -8.99 -8.91 -23.74
CA THR B 196 -8.24 -9.43 -22.60
C THR B 196 -7.60 -8.26 -21.84
N ALA B 197 -7.16 -7.24 -22.56
CA ALA B 197 -6.54 -6.10 -21.92
C ALA B 197 -7.59 -5.31 -21.15
N ALA B 198 -8.78 -5.13 -21.74
CA ALA B 198 -9.87 -4.40 -21.10
C ALA B 198 -10.27 -5.15 -19.82
N THR B 200 -8.39 -7.13 -18.00
CA THR B 200 -7.35 -6.96 -17.00
C THR B 200 -7.51 -5.62 -16.30
N LYS B 201 -7.89 -4.60 -17.07
CA LYS B 201 -8.10 -3.25 -16.55
C LYS B 201 -9.32 -3.23 -15.62
N ALA B 202 -10.40 -3.90 -16.04
CA ALA B 202 -11.62 -3.96 -15.26
C ALA B 202 -11.41 -4.59 -13.88
N THR B 203 -10.56 -5.62 -13.78
CA THR B 203 -10.35 -6.26 -12.48
C THR B 203 -9.82 -5.28 -11.43
N GLU B 204 -9.33 -4.14 -11.88
CA GLU B 204 -8.81 -3.14 -10.94
C GLU B 204 -9.91 -2.65 -10.00
N THR B 205 -11.18 -2.88 -10.38
CA THR B 205 -12.31 -2.49 -9.55
C THR B 205 -12.43 -3.39 -8.31
N VAL B 206 -11.69 -4.50 -8.31
CA VAL B 206 -11.70 -5.38 -7.15
C VAL B 206 -10.88 -4.61 -6.10
N ASP B 207 -11.56 -4.11 -5.08
CA ASP B 207 -10.94 -3.29 -4.04
C ASP B 207 -10.12 -3.98 -2.93
N ASN B 208 -9.46 -5.09 -3.24
CA ASN B 208 -8.67 -5.77 -2.23
C ASN B 208 -7.52 -6.52 -2.91
N LYS B 209 -6.81 -7.33 -2.13
CA LYS B 209 -5.67 -8.07 -2.67
C LYS B 209 -5.87 -9.58 -2.53
N ASP B 210 -7.01 -9.98 -1.98
CA ASP B 210 -7.30 -11.39 -1.77
C ASP B 210 -6.98 -12.27 -2.98
N ILE B 211 -7.33 -11.81 -4.18
CA ILE B 211 -7.10 -12.60 -5.38
C ILE B 211 -6.13 -12.01 -6.41
N GLU B 212 -5.34 -11.02 -6.00
CA GLU B 212 -4.39 -10.40 -6.91
C GLU B 212 -3.51 -11.40 -7.67
N ARG B 213 -2.87 -12.31 -6.94
CA ARG B 213 -1.99 -13.29 -7.58
C ARG B 213 -2.69 -14.31 -8.49
N PHE B 214 -4.00 -14.24 -8.58
CA PHE B 214 -4.75 -15.17 -9.44
C PHE B 214 -5.48 -14.46 -10.58
N ILE B 215 -5.47 -13.13 -10.60
CA ILE B 215 -6.20 -12.42 -11.65
C ILE B 215 -5.81 -12.83 -13.08
N PRO B 216 -4.50 -12.86 -13.38
CA PRO B 216 -4.15 -13.27 -14.74
C PRO B 216 -4.59 -14.71 -15.05
N SER B 217 -4.61 -15.56 -14.03
CA SER B 217 -5.05 -16.95 -14.21
C SER B 217 -6.55 -17.02 -14.44
N LEU B 218 -7.31 -16.21 -13.71
CA LEU B 218 -8.75 -16.20 -13.88
C LEU B 218 -9.13 -15.72 -15.27
N ILE B 219 -8.44 -14.68 -15.72
CA ILE B 219 -8.69 -14.13 -17.05
C ILE B 219 -8.32 -15.16 -18.13
N GLN B 220 -7.17 -15.80 -17.95
CA GLN B 220 -6.71 -16.80 -18.89
C GLN B 220 -7.74 -17.93 -18.96
N CYS B 221 -8.33 -18.23 -17.81
CA CYS B 221 -9.33 -19.27 -17.67
C CYS B 221 -10.57 -18.96 -18.52
N ILE B 222 -11.00 -17.70 -18.49
CA ILE B 222 -12.15 -17.27 -19.28
C ILE B 222 -11.86 -17.53 -20.76
N ALA B 223 -10.61 -17.32 -21.16
CA ALA B 223 -10.21 -17.55 -22.53
C ALA B 223 -10.15 -19.04 -22.86
N ASP B 224 -9.67 -19.83 -21.90
CA ASP B 224 -9.56 -21.27 -22.10
C ASP B 224 -10.14 -22.04 -20.92
N PRO B 225 -11.47 -22.24 -20.91
CA PRO B 225 -12.20 -22.94 -19.85
C PRO B 225 -11.77 -24.38 -19.53
N THR B 226 -10.91 -24.96 -20.36
CA THR B 226 -10.43 -26.31 -20.09
C THR B 226 -9.42 -26.23 -18.94
N GLU B 227 -8.98 -25.01 -18.62
CA GLU B 227 -8.05 -24.80 -17.52
C GLU B 227 -8.79 -24.64 -16.18
N VAL B 228 -10.11 -24.67 -16.22
CA VAL B 228 -10.89 -24.50 -15.00
C VAL B 228 -10.45 -25.44 -13.87
N PRO B 229 -10.43 -26.77 -14.11
CA PRO B 229 -10.03 -27.74 -13.09
C PRO B 229 -8.75 -27.35 -12.35
N GLU B 230 -7.68 -27.12 -13.10
CA GLU B 230 -6.41 -26.73 -12.50
C GLU B 230 -6.48 -25.37 -11.80
N THR B 231 -7.25 -24.45 -12.38
CA THR B 231 -7.36 -23.14 -11.79
C THR B 231 -8.10 -23.25 -10.48
N VAL B 232 -9.06 -24.17 -10.41
CA VAL B 232 -9.80 -24.36 -9.16
C VAL B 232 -8.83 -24.88 -8.11
N HIS B 233 -7.90 -25.73 -8.54
CA HIS B 233 -6.90 -26.30 -7.63
C HIS B 233 -6.07 -25.12 -7.09
N LEU B 234 -5.67 -24.18 -7.95
CA LEU B 234 -4.90 -23.02 -7.52
C LEU B 234 -5.52 -22.10 -6.47
N LEU B 235 -6.81 -21.80 -6.61
CA LEU B 235 -7.48 -20.88 -5.67
C LEU B 235 -7.82 -21.50 -4.34
N GLY B 236 -7.80 -22.84 -4.31
CA GLY B 236 -8.10 -23.60 -3.09
C GLY B 236 -7.44 -22.98 -1.88
N ALA B 237 -6.27 -22.44 -2.17
CA ALA B 237 -5.44 -21.89 -1.14
C ALA B 237 -5.81 -20.40 -0.85
N THR B 238 -6.94 -19.92 -1.30
CA THR B 238 -7.24 -18.53 -1.04
C THR B 238 -7.98 -18.30 0.28
N THR B 239 -7.45 -17.41 1.12
CA THR B 239 -8.07 -17.06 2.39
C THR B 239 -8.70 -15.68 2.14
N PHE B 240 -10.02 -15.68 1.94
CA PHE B 240 -10.81 -14.47 1.65
C PHE B 240 -10.95 -13.70 2.94
N VAL B 241 -10.57 -12.41 2.94
CA VAL B 241 -10.66 -11.62 4.16
C VAL B 241 -11.52 -10.40 3.95
N ALA B 242 -11.31 -9.71 2.82
CA ALA B 242 -12.08 -8.52 2.51
C ALA B 242 -13.51 -8.90 2.11
N GLU B 243 -14.43 -7.94 2.28
CA GLU B 243 -15.81 -8.17 1.94
C GLU B 243 -15.92 -8.48 0.44
N VAL B 244 -16.82 -9.41 0.11
CA VAL B 244 -17.06 -9.79 -1.28
C VAL B 244 -18.06 -8.81 -1.87
N THR B 245 -17.64 -8.15 -2.94
CA THR B 245 -18.46 -7.15 -3.61
C THR B 245 -18.92 -7.67 -4.95
N PRO B 246 -19.71 -6.87 -5.70
CA PRO B 246 -20.18 -7.28 -7.01
C PRO B 246 -19.00 -7.51 -7.97
N ALA B 247 -17.96 -6.71 -7.83
CA ALA B 247 -16.78 -6.86 -8.69
C ALA B 247 -16.12 -8.22 -8.48
N THR B 248 -15.90 -8.57 -7.21
CA THR B 248 -15.26 -9.85 -6.90
C THR B 248 -16.12 -11.00 -7.42
N LEU B 249 -17.42 -10.94 -7.16
CA LEU B 249 -18.31 -12.01 -7.61
C LEU B 249 -18.35 -12.12 -9.13
N SER B 250 -18.35 -11.00 -9.84
CA SER B 250 -18.43 -11.06 -11.30
C SER B 250 -17.25 -11.82 -11.90
N ILE B 251 -16.12 -11.79 -11.22
CA ILE B 251 -14.92 -12.48 -11.68
C ILE B 251 -14.80 -13.92 -11.18
N VAL B 253 -17.57 -16.12 -9.66
CA VAL B 253 -18.68 -17.01 -9.95
C VAL B 253 -18.61 -17.76 -11.28
N PRO B 254 -18.33 -17.07 -12.39
CA PRO B 254 -18.28 -17.85 -13.62
C PRO B 254 -17.31 -19.04 -13.49
N LEU B 255 -16.19 -18.83 -12.82
CA LEU B 255 -15.21 -19.90 -12.61
C LEU B 255 -15.77 -21.03 -11.74
N LEU B 256 -16.33 -20.64 -10.59
CA LEU B 256 -16.86 -21.61 -9.64
C LEU B 256 -18.08 -22.36 -10.18
N SER B 257 -18.87 -21.69 -11.01
CA SER B 257 -20.05 -22.29 -11.58
C SER B 257 -19.62 -23.45 -12.50
N ARG B 258 -18.58 -23.24 -13.32
CA ARG B 258 -18.11 -24.31 -14.19
C ARG B 258 -17.45 -25.40 -13.33
N GLY B 259 -16.72 -24.98 -12.29
CA GLY B 259 -16.08 -25.94 -11.42
C GLY B 259 -17.08 -26.93 -10.84
N LEU B 260 -18.25 -26.42 -10.45
CA LEU B 260 -19.30 -27.25 -9.88
C LEU B 260 -19.83 -28.30 -10.85
N ASN B 261 -19.87 -27.95 -12.13
CA ASN B 261 -20.38 -28.81 -13.18
C ASN B 261 -19.31 -29.69 -13.80
N GLU B 262 -18.09 -29.62 -13.27
CA GLU B 262 -16.98 -30.40 -13.77
C GLU B 262 -17.18 -31.88 -13.41
N ARG B 263 -16.49 -32.78 -14.10
CA ARG B 263 -16.62 -34.22 -13.87
C ARG B 263 -15.99 -34.75 -12.57
N GLU B 264 -14.71 -34.47 -12.37
CA GLU B 264 -14.00 -34.95 -11.19
C GLU B 264 -14.62 -34.49 -9.87
N THR B 265 -14.90 -35.44 -9.00
CA THR B 265 -15.47 -35.15 -7.68
C THR B 265 -14.55 -34.23 -6.89
N GLY B 266 -13.26 -34.32 -7.17
CA GLY B 266 -12.30 -33.48 -6.47
C GLY B 266 -12.50 -32.02 -6.83
N ILE B 267 -12.88 -31.76 -8.08
CA ILE B 267 -13.10 -30.39 -8.53
C ILE B 267 -14.44 -29.88 -8.01
N LYS B 268 -15.42 -30.77 -7.92
CA LYS B 268 -16.72 -30.39 -7.38
C LYS B 268 -16.54 -30.03 -5.91
N ARG B 269 -15.69 -30.78 -5.22
CA ARG B 269 -15.43 -30.53 -3.81
C ARG B 269 -14.65 -29.24 -3.58
N LYS B 270 -13.57 -29.04 -4.34
CA LYS B 270 -12.76 -27.83 -4.20
C LYS B 270 -13.60 -26.58 -4.48
N SER B 271 -14.43 -26.66 -5.52
CA SER B 271 -15.31 -25.55 -5.87
C SER B 271 -16.19 -25.17 -4.68
N ALA B 272 -16.85 -26.16 -4.08
CA ALA B 272 -17.71 -25.90 -2.93
C ALA B 272 -16.95 -25.22 -1.80
N VAL B 273 -15.75 -25.70 -1.49
CA VAL B 273 -14.93 -25.11 -0.43
C VAL B 273 -14.70 -23.62 -0.66
N ILE B 274 -14.27 -23.28 -1.88
CA ILE B 274 -14.02 -21.88 -2.26
C ILE B 274 -15.30 -21.05 -2.18
N ILE B 275 -16.42 -21.63 -2.63
CA ILE B 275 -17.71 -20.96 -2.59
C ILE B 275 -18.11 -20.65 -1.15
N ASP B 276 -17.87 -21.62 -0.27
CA ASP B 276 -18.19 -21.45 1.14
C ASP B 276 -17.37 -20.31 1.77
N ASN B 277 -16.05 -20.41 1.67
CA ASN B 277 -15.16 -19.39 2.23
C ASN B 277 -15.41 -17.98 1.67
N CYS B 279 -18.22 -16.74 -0.04
CA CYS B 279 -19.54 -16.20 0.19
C CYS B 279 -19.93 -15.87 1.62
N LYS B 280 -19.30 -16.47 2.61
CA LYS B 280 -19.68 -16.09 3.96
C LYS B 280 -19.10 -14.71 4.28
N LEU B 281 -18.48 -14.08 3.30
CA LEU B 281 -17.93 -12.75 3.46
C LEU B 281 -18.86 -11.75 2.74
N VAL B 282 -20.02 -12.25 2.32
CA VAL B 282 -21.00 -11.41 1.67
C VAL B 282 -21.85 -10.83 2.80
N GLU B 283 -22.01 -9.52 2.83
CA GLU B 283 -22.75 -8.85 3.89
C GLU B 283 -24.13 -8.34 3.50
N ASP B 284 -24.37 -8.21 2.20
CA ASP B 284 -25.66 -7.74 1.69
C ASP B 284 -26.17 -8.83 0.73
N PRO B 285 -27.33 -9.44 1.04
CA PRO B 285 -27.84 -10.48 0.14
C PRO B 285 -28.12 -9.99 -1.28
N GLN B 286 -28.45 -8.71 -1.42
CA GLN B 286 -28.72 -8.16 -2.76
C GLN B 286 -27.45 -8.22 -3.61
N VAL B 287 -26.30 -8.32 -2.96
CA VAL B 287 -25.02 -8.40 -3.68
C VAL B 287 -24.85 -9.77 -4.33
N ILE B 288 -25.28 -10.82 -3.65
CA ILE B 288 -25.12 -12.15 -4.20
C ILE B 288 -26.37 -12.67 -4.92
N ALA B 289 -27.50 -11.99 -4.75
CA ALA B 289 -28.77 -12.41 -5.38
C ALA B 289 -28.69 -12.73 -6.88
N PRO B 290 -28.12 -11.84 -7.70
CA PRO B 290 -28.05 -12.14 -9.13
C PRO B 290 -27.13 -13.30 -9.51
N PHE B 291 -26.38 -13.80 -8.55
CA PHE B 291 -25.42 -14.88 -8.79
C PHE B 291 -25.88 -16.24 -8.25
N LEU B 292 -26.86 -16.22 -7.35
CA LEU B 292 -27.38 -17.44 -6.73
C LEU B 292 -27.82 -18.50 -7.73
N GLY B 293 -28.47 -18.08 -8.80
CA GLY B 293 -28.97 -19.01 -9.80
C GLY B 293 -27.90 -19.80 -10.53
N LYS B 294 -26.65 -19.39 -10.37
CA LYS B 294 -25.53 -20.06 -11.02
C LYS B 294 -24.75 -20.91 -10.02
N LEU B 295 -25.20 -20.96 -8.78
CA LEU B 295 -24.51 -21.73 -7.76
C LEU B 295 -25.38 -22.79 -7.08
N LEU B 296 -26.59 -22.38 -6.69
CA LEU B 296 -27.53 -23.28 -6.02
C LEU B 296 -27.83 -24.60 -6.75
N PRO B 297 -28.22 -24.52 -8.04
CA PRO B 297 -28.51 -25.76 -8.77
C PRO B 297 -27.33 -26.72 -8.86
N GLY B 298 -26.13 -26.18 -9.10
CA GLY B 298 -24.95 -27.04 -9.17
C GLY B 298 -24.68 -27.72 -7.83
N LEU B 299 -24.75 -26.96 -6.74
CA LEU B 299 -24.50 -27.53 -5.41
C LEU B 299 -25.56 -28.59 -5.07
N LYS B 300 -26.82 -28.30 -5.38
CA LYS B 300 -27.89 -29.26 -5.13
C LYS B 300 -27.68 -30.55 -5.90
N SER B 301 -27.33 -30.41 -7.17
CA SER B 301 -27.09 -31.56 -8.04
C SER B 301 -25.90 -32.38 -7.54
N ASN B 302 -24.83 -31.70 -7.13
CA ASN B 302 -23.65 -32.38 -6.64
C ASN B 302 -23.88 -33.16 -5.35
N PHE B 303 -24.72 -32.62 -4.47
CA PHE B 303 -25.00 -33.28 -3.20
C PHE B 303 -25.74 -34.61 -3.42
N ALA B 304 -26.59 -34.62 -4.44
CA ALA B 304 -27.36 -35.81 -4.76
C ALA B 304 -26.56 -36.82 -5.58
N THR B 305 -25.61 -36.33 -6.35
CA THR B 305 -24.78 -37.17 -7.23
C THR B 305 -23.51 -37.75 -6.64
N ILE B 306 -22.84 -37.00 -5.78
CA ILE B 306 -21.59 -37.46 -5.18
C ILE B 306 -21.83 -38.52 -4.11
N ALA B 307 -20.93 -39.50 -4.04
CA ALA B 307 -21.04 -40.56 -3.05
C ALA B 307 -20.16 -40.27 -1.83
N ASP B 308 -18.94 -39.80 -2.09
CA ASP B 308 -17.97 -39.49 -1.04
C ASP B 308 -18.57 -38.54 0.00
N PRO B 309 -18.66 -39.00 1.25
CA PRO B 309 -19.21 -38.19 2.34
C PRO B 309 -18.54 -36.84 2.58
N GLU B 310 -17.22 -36.78 2.40
CA GLU B 310 -16.49 -35.53 2.61
C GLU B 310 -16.94 -34.47 1.60
N ALA B 311 -16.91 -34.85 0.33
CA ALA B 311 -17.32 -33.95 -0.73
C ALA B 311 -18.78 -33.54 -0.50
N ARG B 312 -19.57 -34.46 0.04
CA ARG B 312 -20.97 -34.17 0.32
C ARG B 312 -21.15 -33.13 1.42
N GLU B 313 -20.39 -33.28 2.50
CA GLU B 313 -20.48 -32.35 3.62
C GLU B 313 -20.04 -30.96 3.17
N VAL B 314 -18.96 -30.90 2.40
CA VAL B 314 -18.44 -29.63 1.89
C VAL B 314 -19.47 -28.95 0.98
N THR B 315 -20.06 -29.75 0.11
CA THR B 315 -21.07 -29.25 -0.81
C THR B 315 -22.29 -28.73 -0.03
N LEU B 316 -22.70 -29.47 0.99
CA LEU B 316 -23.85 -29.10 1.81
C LEU B 316 -23.57 -27.86 2.66
N ARG B 317 -22.33 -27.74 3.13
CA ARG B 317 -21.95 -26.59 3.95
C ARG B 317 -22.03 -25.31 3.12
N ALA B 318 -21.54 -25.38 1.88
CA ALA B 318 -21.57 -24.23 1.00
C ALA B 318 -23.01 -23.86 0.67
N LEU B 319 -23.87 -24.87 0.53
CA LEU B 319 -25.27 -24.64 0.23
C LEU B 319 -25.98 -23.93 1.39
N LYS B 320 -25.63 -24.29 2.62
CA LYS B 320 -26.24 -23.64 3.77
C LYS B 320 -25.75 -22.20 3.90
N THR B 321 -24.47 -21.96 3.58
CA THR B 321 -23.92 -20.61 3.64
C THR B 321 -24.61 -19.74 2.59
N LEU B 322 -24.76 -20.28 1.39
CA LEU B 322 -25.40 -19.56 0.30
C LEU B 322 -26.83 -19.17 0.66
N ARG B 323 -27.57 -20.09 1.28
CA ARG B 323 -28.95 -19.82 1.69
C ARG B 323 -29.03 -18.80 2.82
N ARG B 324 -28.06 -18.82 3.72
CA ARG B 324 -28.04 -17.87 4.82
C ARG B 324 -27.67 -16.49 4.29
N VAL B 325 -26.50 -16.41 3.69
CA VAL B 325 -25.98 -15.17 3.14
C VAL B 325 -26.82 -14.61 1.98
N GLY B 326 -27.58 -15.47 1.32
CA GLY B 326 -28.38 -15.00 0.20
C GLY B 326 -29.80 -14.71 0.64
N ASN B 327 -30.10 -14.97 1.90
CA ASN B 327 -31.45 -14.73 2.40
C ASN B 327 -32.45 -15.45 1.49
N VAL B 328 -32.18 -16.71 1.15
CA VAL B 328 -33.11 -17.41 0.27
C VAL B 328 -34.35 -17.85 1.03
N GLY B 329 -35.49 -17.72 0.40
CA GLY B 329 -36.73 -18.07 1.03
C GLY B 329 -37.17 -19.51 0.81
N GLU B 330 -38.45 -19.73 1.00
CA GLU B 330 -39.03 -21.06 0.84
C GLU B 330 -38.82 -21.60 -0.55
N ASP B 331 -38.57 -22.91 -0.61
CA ASP B 331 -38.34 -23.65 -1.84
C ASP B 331 -37.17 -23.07 -2.61
N ASP B 332 -36.20 -22.55 -1.87
CA ASP B 332 -35.00 -21.97 -2.46
C ASP B 332 -35.27 -20.82 -3.41
N ALA B 333 -36.27 -20.01 -3.08
CA ALA B 333 -36.61 -18.86 -3.91
C ALA B 333 -35.60 -17.75 -3.64
N ILE B 334 -35.11 -17.16 -4.72
CA ILE B 334 -34.16 -16.06 -4.64
C ILE B 334 -34.98 -14.86 -4.17
N PRO B 335 -34.48 -14.13 -3.15
CA PRO B 335 -35.20 -12.97 -2.63
C PRO B 335 -35.54 -11.94 -3.70
N GLU B 336 -36.69 -11.29 -3.55
CA GLU B 336 -37.12 -10.29 -4.53
C GLU B 336 -36.04 -9.24 -4.72
N LEU B 337 -35.63 -9.06 -5.97
CA LEU B 337 -34.60 -8.08 -6.30
C LEU B 337 -35.16 -6.66 -6.18
N SER B 338 -34.49 -5.82 -5.41
CA SER B 338 -34.98 -4.45 -5.29
C SER B 338 -34.62 -3.79 -6.59
N HIS B 339 -35.52 -2.95 -7.10
CA HIS B 339 -35.27 -2.26 -8.35
C HIS B 339 -35.09 -0.78 -8.03
N ALA B 340 -34.65 -0.49 -6.81
CA ALA B 340 -34.45 0.87 -6.36
C ALA B 340 -33.43 1.59 -7.23
N GLY B 341 -32.43 0.84 -7.70
CA GLY B 341 -31.38 1.42 -8.53
C GLY B 341 -31.54 1.29 -10.03
N ASP B 342 -32.71 0.85 -10.49
CA ASP B 342 -32.97 0.72 -11.91
C ASP B 342 -33.37 2.07 -12.51
N VAL B 343 -32.88 2.37 -13.70
CA VAL B 343 -33.22 3.61 -14.34
C VAL B 343 -34.73 3.67 -14.58
N SER B 344 -35.32 2.53 -14.92
CA SER B 344 -36.76 2.50 -15.17
C SER B 344 -37.52 2.88 -13.90
N THR B 345 -36.95 2.57 -12.75
CA THR B 345 -37.61 2.92 -11.50
C THR B 345 -37.51 4.44 -11.23
N THR B 346 -36.31 5.01 -11.26
CA THR B 346 -36.19 6.44 -11.03
C THR B 346 -36.88 7.24 -12.15
N LEU B 347 -36.84 6.73 -13.38
CA LEU B 347 -37.50 7.42 -14.50
C LEU B 347 -39.00 7.54 -14.25
N GLN B 348 -39.62 6.47 -13.76
CA GLN B 348 -41.06 6.49 -13.48
C GLN B 348 -41.36 7.52 -12.41
N VAL B 349 -40.48 7.60 -11.42
CA VAL B 349 -40.63 8.55 -10.33
C VAL B 349 -40.58 10.01 -10.80
N VAL B 350 -39.59 10.36 -11.62
CA VAL B 350 -39.51 11.74 -12.10
C VAL B 350 -40.61 12.12 -13.06
N ASN B 351 -41.00 11.18 -13.93
CA ASN B 351 -42.06 11.46 -14.88
C ASN B 351 -43.37 11.76 -14.15
N GLU B 352 -43.61 11.02 -13.05
CA GLU B 352 -44.82 11.22 -12.26
C GLU B 352 -44.75 12.60 -11.62
N LEU B 353 -43.57 12.95 -11.11
CA LEU B 353 -43.40 14.26 -10.47
C LEU B 353 -43.45 15.39 -11.49
N LEU B 354 -43.28 15.06 -12.77
CA LEU B 354 -43.34 16.06 -13.83
C LEU B 354 -44.64 16.00 -14.64
N LYS B 355 -45.58 15.17 -14.22
CA LYS B 355 -46.85 15.01 -14.92
C LYS B 355 -47.63 16.30 -15.22
N ASP B 356 -47.56 17.30 -14.35
CA ASP B 356 -48.28 18.56 -14.58
C ASP B 356 -47.40 19.61 -15.22
N GLU B 357 -46.22 19.18 -15.65
CA GLU B 357 -45.27 20.06 -16.29
C GLU B 357 -45.21 19.66 -17.76
N THR B 358 -45.25 20.64 -18.65
CA THR B 358 -45.18 20.32 -20.07
C THR B 358 -43.72 20.26 -20.50
N VAL B 359 -43.21 19.04 -20.65
CA VAL B 359 -41.83 18.83 -21.05
C VAL B 359 -41.72 18.61 -22.55
N ALA B 360 -41.19 19.59 -23.26
CA ALA B 360 -41.04 19.50 -24.70
C ALA B 360 -40.17 18.31 -25.13
N PRO B 361 -40.46 17.76 -26.33
CA PRO B 361 -39.71 16.63 -26.88
C PRO B 361 -38.20 16.78 -26.81
N ARG B 362 -37.72 17.99 -27.05
CA ARG B 362 -36.28 18.22 -27.04
C ARG B 362 -35.64 18.10 -25.67
N PHE B 363 -36.45 18.00 -24.62
CA PHE B 363 -35.93 17.87 -23.26
C PHE B 363 -36.06 16.44 -22.73
N LYS B 364 -36.67 15.56 -23.52
CA LYS B 364 -36.86 14.17 -23.11
C LYS B 364 -35.53 13.53 -22.74
N ILE B 365 -34.52 13.77 -23.55
CA ILE B 365 -33.20 13.21 -23.31
C ILE B 365 -32.65 13.65 -21.94
N VAL B 366 -32.96 14.87 -21.51
CA VAL B 366 -32.47 15.37 -20.23
C VAL B 366 -33.15 14.67 -19.05
N VAL B 367 -34.46 14.42 -19.18
CA VAL B 367 -35.19 13.75 -18.11
C VAL B 367 -34.60 12.37 -17.92
N GLU B 368 -34.31 11.71 -19.04
CA GLU B 368 -33.72 10.38 -19.01
C GLU B 368 -32.33 10.43 -18.36
N TYR B 369 -31.58 11.50 -18.65
CA TYR B 369 -30.25 11.68 -18.09
C TYR B 369 -30.37 11.84 -16.57
N ILE B 370 -31.32 12.67 -16.17
CA ILE B 370 -31.57 12.90 -14.76
C ILE B 370 -31.94 11.59 -14.08
N ALA B 371 -32.72 10.76 -14.77
CA ALA B 371 -33.14 9.48 -14.21
C ALA B 371 -31.96 8.53 -14.01
N ALA B 372 -31.01 8.58 -14.95
CA ALA B 372 -29.84 7.73 -14.87
C ALA B 372 -29.01 8.13 -13.66
N ILE B 373 -28.71 9.42 -13.55
CA ILE B 373 -27.93 9.93 -12.44
C ILE B 373 -28.55 9.49 -11.11
N GLY B 374 -29.85 9.72 -10.96
CA GLY B 374 -30.53 9.34 -9.74
C GLY B 374 -30.42 7.85 -9.43
N ALA B 375 -30.51 7.04 -10.47
CA ALA B 375 -30.41 5.59 -10.28
C ALA B 375 -29.03 5.21 -9.77
N ASP B 376 -28.00 5.96 -10.16
CA ASP B 376 -26.66 5.67 -9.69
C ASP B 376 -26.42 6.18 -8.26
N LEU B 377 -27.03 7.31 -7.92
CA LEU B 377 -26.84 7.84 -6.58
C LEU B 377 -27.37 6.80 -5.58
N ILE B 378 -28.50 6.20 -5.92
CA ILE B 378 -29.09 5.18 -5.08
C ILE B 378 -28.19 3.96 -4.96
N ASP B 379 -27.61 3.52 -6.09
CA ASP B 379 -26.72 2.36 -6.06
C ASP B 379 -25.48 2.65 -5.23
N GLU B 380 -25.06 3.91 -5.19
CA GLU B 380 -23.89 4.31 -4.42
C GLU B 380 -24.29 4.70 -3.00
N ARG B 381 -25.59 4.62 -2.72
CA ARG B 381 -26.13 4.97 -1.42
C ARG B 381 -25.74 6.40 -1.01
N ILE B 382 -26.00 7.33 -1.92
CA ILE B 382 -25.76 8.74 -1.69
C ILE B 382 -27.20 9.25 -1.58
N ILE B 383 -27.60 9.56 -0.34
CA ILE B 383 -28.97 9.97 -0.05
C ILE B 383 -29.25 11.37 0.50
N ASP B 384 -28.23 12.13 0.87
CA ASP B 384 -28.48 13.46 1.42
C ASP B 384 -28.96 14.46 0.35
N GLN B 385 -29.66 15.50 0.81
CA GLN B 385 -30.21 16.52 -0.08
C GLN B 385 -29.17 17.27 -0.91
N GLN B 386 -28.08 17.70 -0.28
CA GLN B 386 -27.06 18.44 -1.00
C GLN B 386 -26.40 17.63 -2.12
N ALA B 387 -26.22 16.34 -1.90
CA ALA B 387 -25.62 15.48 -2.91
C ALA B 387 -26.49 15.47 -4.16
N TRP B 388 -27.80 15.34 -3.99
CA TRP B 388 -28.70 15.34 -5.14
C TRP B 388 -28.76 16.74 -5.81
N PHE B 389 -28.70 17.82 -5.03
CA PHE B 389 -28.73 19.15 -5.63
C PHE B 389 -27.45 19.41 -6.43
N THR B 390 -26.33 18.86 -5.97
CA THR B 390 -25.06 19.03 -6.68
C THR B 390 -25.11 18.39 -8.07
N HIS B 391 -25.65 17.17 -8.13
CA HIS B 391 -25.69 16.41 -9.37
C HIS B 391 -26.85 16.60 -10.33
N ILE B 392 -28.06 16.72 -9.82
CA ILE B 392 -29.24 16.80 -10.68
C ILE B 392 -29.83 18.16 -11.03
N THR B 393 -29.90 19.08 -10.08
CA THR B 393 -30.47 20.41 -10.33
C THR B 393 -29.96 21.08 -11.62
N PRO B 394 -28.65 21.04 -11.88
CA PRO B 394 -28.12 21.67 -13.09
C PRO B 394 -28.69 21.18 -14.42
N TYR B 395 -29.15 19.94 -14.47
CA TYR B 395 -29.75 19.43 -15.70
C TYR B 395 -31.21 19.87 -15.77
N THR B 397 -32.65 22.65 -14.66
CA THR B 397 -32.88 24.05 -15.00
C THR B 397 -32.70 24.32 -16.47
N ILE B 398 -32.44 23.26 -17.23
CA ILE B 398 -32.32 23.39 -18.66
C ILE B 398 -33.73 23.70 -19.17
N PHE B 399 -34.74 23.08 -18.57
CA PHE B 399 -36.11 23.30 -18.99
C PHE B 399 -37.08 23.71 -17.88
N LEU B 400 -36.55 23.97 -16.69
CA LEU B 400 -37.38 24.39 -15.55
C LEU B 400 -36.75 25.52 -14.74
N HIS B 401 -37.58 26.26 -14.01
CA HIS B 401 -37.11 27.34 -13.16
C HIS B 401 -36.47 26.69 -11.92
N GLU B 402 -35.46 27.35 -11.37
CA GLU B 402 -34.76 26.84 -10.21
C GLU B 402 -35.64 26.38 -9.04
N LYS B 403 -36.59 27.22 -8.63
CA LYS B 403 -37.44 26.84 -7.51
C LYS B 403 -38.26 25.59 -7.76
N LYS B 404 -38.92 25.53 -8.90
CA LYS B 404 -39.71 24.37 -9.26
C LYS B 404 -38.77 23.16 -9.31
N ALA B 405 -37.60 23.35 -9.89
CA ALA B 405 -36.65 22.25 -10.00
C ALA B 405 -36.21 21.73 -8.63
N LYS B 406 -35.87 22.63 -7.73
CA LYS B 406 -35.45 22.21 -6.39
C LYS B 406 -36.57 21.54 -5.61
N ASP B 407 -37.80 22.02 -5.78
CA ASP B 407 -38.92 21.41 -5.07
C ASP B 407 -39.19 19.98 -5.55
N ILE B 408 -39.16 19.78 -6.87
CA ILE B 408 -39.39 18.47 -7.44
C ILE B 408 -38.21 17.57 -7.12
N LEU B 409 -37.00 18.12 -7.24
CA LEU B 409 -35.80 17.36 -6.97
C LEU B 409 -35.80 16.79 -5.56
N ASP B 410 -36.22 17.60 -4.59
CA ASP B 410 -36.23 17.12 -3.23
C ASP B 410 -37.24 16.01 -3.01
N GLU B 411 -38.34 16.05 -3.76
CA GLU B 411 -39.38 15.02 -3.65
C GLU B 411 -38.89 13.76 -4.38
N PHE B 412 -38.20 13.96 -5.50
CA PHE B 412 -37.65 12.86 -6.29
C PHE B 412 -36.67 12.05 -5.45
N ARG B 413 -35.80 12.75 -4.75
CA ARG B 413 -34.81 12.13 -3.89
C ARG B 413 -35.49 11.29 -2.79
N LYS B 414 -36.43 11.90 -2.09
CA LYS B 414 -37.15 11.22 -1.02
C LYS B 414 -37.85 9.96 -1.51
N ARG B 415 -38.54 10.06 -2.63
CA ARG B 415 -39.25 8.90 -3.14
C ARG B 415 -38.29 7.82 -3.61
N ALA B 416 -37.20 8.22 -4.27
CA ALA B 416 -36.24 7.24 -4.76
C ALA B 416 -35.54 6.56 -3.60
N VAL B 417 -35.09 7.37 -2.64
CA VAL B 417 -34.39 6.84 -1.47
C VAL B 417 -35.27 5.87 -0.69
N ASP B 418 -36.56 6.16 -0.68
CA ASP B 418 -37.49 5.33 0.05
C ASP B 418 -37.58 3.91 -0.50
N ASN B 419 -37.12 3.72 -1.74
CA ASN B 419 -37.16 2.39 -2.36
C ASN B 419 -35.98 1.54 -1.93
N ILE B 420 -35.01 2.14 -1.25
CA ILE B 420 -33.85 1.37 -0.82
C ILE B 420 -34.34 0.31 0.16
N PRO B 421 -34.04 -0.97 -0.13
CA PRO B 421 -34.45 -2.10 0.71
C PRO B 421 -33.94 -2.05 2.15
N VAL B 422 -34.68 -2.68 3.04
CA VAL B 422 -34.36 -2.75 4.46
C VAL B 422 -32.94 -3.24 4.73
N GLY B 423 -32.68 -4.51 4.43
CA GLY B 423 -31.37 -5.09 4.67
C GLY B 423 -31.30 -5.70 6.04
N PRO B 424 -31.22 -7.04 6.14
CA PRO B 424 -31.16 -7.75 7.43
C PRO B 424 -29.95 -7.32 8.27
N ASN B 425 -30.01 -7.60 9.57
CA ASN B 425 -28.90 -7.26 10.44
C ASN B 425 -27.65 -8.02 9.97
N PHE B 426 -26.51 -7.88 10.67
CA PHE B 426 -25.21 -8.48 10.38
C PHE B 426 -24.92 -9.58 11.38
N ASP B 427 -24.20 -10.60 10.93
CA ASP B 427 -23.91 -11.79 11.71
C ASP B 427 -22.51 -11.94 12.25
N ASP B 428 -22.39 -12.22 13.54
CA ASP B 428 -21.08 -12.39 14.17
C ASP B 428 -20.61 -13.86 14.19
N GLU B 429 -21.53 -14.78 14.47
CA GLU B 429 -21.25 -16.22 14.58
C GLU B 429 -20.01 -16.86 13.93
N GLU B 430 -19.93 -16.76 12.61
CA GLU B 430 -18.82 -17.36 11.87
C GLU B 430 -17.51 -16.59 11.93
N ASP B 431 -17.50 -15.50 12.68
CA ASP B 431 -16.29 -14.70 12.81
C ASP B 431 -15.42 -15.38 13.86
N GLU B 432 -14.23 -14.85 14.08
CA GLU B 432 -13.33 -15.48 15.04
C GLU B 432 -13.35 -15.03 16.48
N GLY B 433 -14.03 -15.81 17.32
CA GLY B 433 -14.12 -15.52 18.75
C GLY B 433 -15.02 -16.43 19.54
N GLU B 434 -14.70 -16.65 20.83
CA GLU B 434 -15.53 -17.42 21.74
C GLU B 434 -16.41 -16.21 22.20
N ASP B 435 -17.62 -16.45 22.69
CA ASP B 435 -18.50 -15.35 23.06
C ASP B 435 -18.30 -14.95 24.51
N LEU B 436 -18.19 -13.64 24.74
CA LEU B 436 -18.00 -13.16 26.10
C LEU B 436 -19.38 -13.05 26.69
N CYS B 437 -20.35 -12.72 25.85
CA CYS B 437 -21.74 -12.57 26.29
C CYS B 437 -22.69 -12.73 25.11
N ASN B 438 -23.96 -12.91 25.42
CA ASN B 438 -25.01 -13.04 24.41
C ASN B 438 -26.31 -12.71 25.13
N CYS B 439 -26.72 -11.45 25.06
CA CYS B 439 -27.90 -10.99 25.76
C CYS B 439 -29.08 -10.50 24.94
N GLU B 440 -30.27 -10.68 25.52
CA GLU B 440 -31.53 -10.22 24.97
C GLU B 440 -31.97 -9.31 26.12
N PHE B 441 -32.08 -8.02 25.86
CA PHE B 441 -32.42 -7.10 26.95
C PHE B 441 -33.01 -5.78 26.50
N SER B 442 -33.48 -5.03 27.49
CA SER B 442 -34.03 -3.69 27.30
C SER B 442 -33.23 -2.81 28.26
N LEU B 443 -33.19 -1.52 28.01
CA LEU B 443 -32.44 -0.61 28.87
C LEU B 443 -33.27 0.65 29.15
N ALA B 444 -33.47 0.91 30.43
CA ALA B 444 -34.23 2.07 30.88
C ALA B 444 -33.38 2.90 31.84
N TYR B 445 -33.42 4.21 31.65
CA TYR B 445 -32.67 5.14 32.46
C TYR B 445 -33.62 6.19 33.00
N GLY B 446 -33.96 6.08 34.28
CA GLY B 446 -34.89 7.02 34.88
C GLY B 446 -36.22 6.94 34.18
N ALA B 447 -36.68 5.72 33.93
CA ALA B 447 -37.94 5.46 33.26
C ALA B 447 -37.92 5.82 31.78
N LYS B 448 -36.78 6.32 31.30
CA LYS B 448 -36.67 6.67 29.89
C LYS B 448 -36.13 5.46 29.11
N ILE B 449 -36.88 5.03 28.10
CA ILE B 449 -36.48 3.88 27.31
C ILE B 449 -35.35 4.19 26.34
N LEU B 450 -34.20 3.55 26.54
CA LEU B 450 -33.06 3.76 25.67
C LEU B 450 -33.00 2.68 24.60
N LEU B 451 -33.29 1.45 25.01
CA LEU B 451 -33.29 0.30 24.10
C LEU B 451 -34.43 -0.64 24.47
N ASN B 452 -35.19 -1.10 23.47
CA ASN B 452 -36.32 -1.99 23.69
C ASN B 452 -36.17 -3.37 23.03
N LYS B 453 -36.13 -4.41 23.85
CA LYS B 453 -36.01 -5.79 23.36
C LYS B 453 -35.03 -5.92 22.19
N THR B 454 -33.75 -5.79 22.47
CA THR B 454 -32.71 -5.89 21.45
C THR B 454 -31.68 -6.90 21.95
N GLN B 455 -30.60 -7.08 21.21
CA GLN B 455 -29.58 -8.04 21.63
C GLN B 455 -28.17 -7.48 21.58
N LEU B 456 -27.29 -8.12 22.35
CA LEU B 456 -25.90 -7.73 22.42
C LEU B 456 -25.03 -8.98 22.52
N ARG B 457 -24.19 -9.20 21.52
CA ARG B 457 -23.29 -10.34 21.51
C ARG B 457 -21.88 -9.81 21.30
N LEU B 458 -20.99 -10.07 22.27
CA LEU B 458 -19.62 -9.61 22.18
C LEU B 458 -18.67 -10.80 22.11
N LYS B 459 -17.67 -10.70 21.25
CA LYS B 459 -16.68 -11.76 21.06
C LYS B 459 -15.35 -11.47 21.75
N ARG B 460 -14.76 -12.49 22.37
CA ARG B 460 -13.49 -12.34 23.07
C ARG B 460 -12.39 -11.87 22.13
N ALA B 461 -11.59 -10.92 22.61
CA ALA B 461 -10.47 -10.36 21.87
C ALA B 461 -10.91 -9.52 20.68
N ARG B 462 -12.19 -9.19 20.61
CA ARG B 462 -12.67 -8.37 19.51
C ARG B 462 -12.90 -6.93 19.91
N ARG B 463 -12.76 -6.02 18.95
CA ARG B 463 -12.91 -4.59 19.23
C ARG B 463 -14.15 -3.97 18.63
N TYR B 464 -14.94 -3.35 19.51
CA TYR B 464 -16.19 -2.73 19.13
C TYR B 464 -16.23 -1.22 19.36
N GLY B 465 -17.06 -0.56 18.56
CA GLY B 465 -17.25 0.86 18.68
C GLY B 465 -18.76 1.06 18.77
N ILE B 466 -19.21 1.91 19.70
CA ILE B 466 -20.62 2.18 19.84
C ILE B 466 -20.94 3.52 19.21
N CYS B 467 -21.94 3.55 18.34
CA CYS B 467 -22.33 4.77 17.65
C CYS B 467 -23.83 5.01 17.74
N GLY B 468 -24.24 6.24 17.48
CA GLY B 468 -25.65 6.58 17.54
C GLY B 468 -25.79 8.08 17.67
N PRO B 469 -26.96 8.63 17.30
CA PRO B 469 -27.17 10.08 17.40
C PRO B 469 -26.89 10.62 18.79
N ASN B 470 -26.52 11.89 18.86
CA ASN B 470 -26.22 12.53 20.13
C ASN B 470 -27.39 12.41 21.11
N GLY B 471 -27.12 11.90 22.30
CA GLY B 471 -28.15 11.77 23.32
C GLY B 471 -28.96 10.48 23.31
N CYS B 472 -28.57 9.50 22.48
CA CYS B 472 -29.32 8.24 22.42
C CYS B 472 -29.08 7.28 23.60
N GLY B 473 -27.99 7.46 24.33
CA GLY B 473 -27.75 6.59 25.48
C GLY B 473 -26.45 5.79 25.47
N LYS B 474 -25.55 6.09 24.53
CA LYS B 474 -24.29 5.37 24.42
C LYS B 474 -23.54 5.27 25.73
N SER B 475 -23.42 6.38 26.46
CA SER B 475 -22.72 6.37 27.73
C SER B 475 -23.43 5.56 28.80
N THR B 476 -24.75 5.62 28.81
CA THR B 476 -25.54 4.88 29.79
C THR B 476 -25.35 3.38 29.55
N LEU B 477 -25.40 2.96 28.29
CA LEU B 477 -25.21 1.55 27.95
C LEU B 477 -23.87 1.06 28.48
N ARG B 479 -22.06 2.35 30.87
CA ARG B 479 -22.08 2.37 32.33
C ARG B 479 -22.84 1.13 32.79
N ALA B 480 -23.88 0.79 32.03
CA ALA B 480 -24.70 -0.37 32.33
C ALA B 480 -23.87 -1.64 32.27
N ILE B 481 -23.09 -1.77 31.20
CA ILE B 481 -22.23 -2.94 31.00
C ILE B 481 -21.22 -3.07 32.14
N ALA B 482 -20.57 -1.96 32.48
CA ALA B 482 -19.56 -1.93 33.54
C ALA B 482 -20.11 -2.30 34.91
N ASN B 483 -21.38 -2.02 35.14
CA ASN B 483 -21.98 -2.34 36.43
C ASN B 483 -22.89 -3.56 36.34
N GLY B 484 -22.80 -4.30 35.24
CA GLY B 484 -23.61 -5.49 35.06
C GLY B 484 -25.11 -5.24 35.20
N GLN B 485 -25.62 -4.27 34.47
CA GLN B 485 -27.03 -3.94 34.53
C GLN B 485 -27.75 -4.26 33.23
N VAL B 486 -27.07 -5.03 32.38
CA VAL B 486 -27.65 -5.46 31.10
C VAL B 486 -28.05 -6.90 31.39
N ASP B 487 -29.35 -7.19 31.33
CA ASP B 487 -29.85 -8.53 31.63
C ASP B 487 -29.08 -9.66 30.97
N GLY B 488 -28.68 -10.63 31.79
CA GLY B 488 -27.95 -11.78 31.30
C GLY B 488 -26.47 -11.57 31.10
N PHE B 489 -25.98 -10.38 31.43
CA PHE B 489 -24.56 -10.11 31.25
C PHE B 489 -23.76 -10.86 32.30
N PRO B 490 -22.59 -11.40 31.92
CA PRO B 490 -21.75 -12.15 32.86
C PRO B 490 -21.37 -11.34 34.08
N THR B 491 -21.21 -12.01 35.21
CA THR B 491 -20.84 -11.35 36.45
C THR B 491 -19.37 -10.94 36.28
N GLN B 492 -18.85 -10.18 37.23
CA GLN B 492 -17.47 -9.74 37.14
C GLN B 492 -16.48 -10.92 37.17
N GLU B 493 -16.79 -11.97 37.93
CA GLU B 493 -15.92 -13.13 38.03
C GLU B 493 -15.82 -13.90 36.70
N GLU B 494 -16.89 -13.87 35.93
CA GLU B 494 -16.90 -14.57 34.66
C GLU B 494 -16.36 -13.69 33.55
N CYS B 495 -16.66 -12.39 33.63
CA CYS B 495 -16.20 -11.45 32.63
C CYS B 495 -15.83 -10.14 33.29
N ARG B 496 -14.55 -9.96 33.60
CA ARG B 496 -14.11 -8.75 34.26
C ARG B 496 -14.04 -7.56 33.31
N THR B 497 -14.82 -6.53 33.61
CA THR B 497 -14.84 -5.32 32.80
C THR B 497 -14.17 -4.18 33.56
N VAL B 498 -13.43 -3.35 32.83
CA VAL B 498 -12.79 -2.20 33.44
C VAL B 498 -13.21 -0.96 32.67
N TYR B 499 -13.88 -0.04 33.37
CA TYR B 499 -14.32 1.21 32.77
C TYR B 499 -13.11 2.14 32.92
N VAL B 500 -12.23 2.09 31.93
CA VAL B 500 -10.99 2.87 31.93
C VAL B 500 -11.12 4.33 32.33
N GLU B 501 -10.40 4.68 33.40
CA GLU B 501 -10.36 6.04 33.96
C GLU B 501 -11.65 6.54 34.61
N HIS B 502 -12.58 5.65 34.89
CA HIS B 502 -13.84 6.07 35.52
C HIS B 502 -13.98 5.42 36.89
N ASP B 503 -12.84 5.05 37.47
CA ASP B 503 -12.84 4.43 38.78
C ASP B 503 -12.78 5.51 39.84
N ILE B 504 -13.52 5.29 40.92
CA ILE B 504 -13.58 6.22 42.03
C ILE B 504 -13.01 5.57 43.28
N ASP B 505 -12.18 6.32 44.02
CA ASP B 505 -11.59 5.83 45.25
C ASP B 505 -11.15 7.04 46.05
N GLY B 506 -10.61 6.82 47.24
CA GLY B 506 -10.19 7.94 48.08
C GLY B 506 -8.71 8.12 48.28
N THR B 507 -7.94 8.11 47.19
CA THR B 507 -6.50 8.28 47.28
C THR B 507 -6.08 9.73 47.51
N HIS B 508 -5.07 9.92 48.36
CA HIS B 508 -4.55 11.26 48.64
C HIS B 508 -3.73 11.72 47.44
N SER B 509 -3.60 13.03 47.27
CA SER B 509 -2.80 13.55 46.16
C SER B 509 -1.32 13.36 46.50
N ASP B 510 -1.08 12.70 47.64
CA ASP B 510 0.26 12.44 48.12
C ASP B 510 0.69 11.01 47.79
N THR B 511 -0.28 10.11 47.72
CA THR B 511 0.01 8.70 47.42
C THR B 511 0.81 8.50 46.14
N SER B 512 1.83 7.66 46.23
CA SER B 512 2.69 7.37 45.09
C SER B 512 1.97 6.46 44.09
N VAL B 513 2.46 6.47 42.85
CA VAL B 513 1.89 5.65 41.80
C VAL B 513 1.83 4.21 42.24
N LEU B 514 2.92 3.71 42.82
CA LEU B 514 2.96 2.33 43.25
C LEU B 514 1.89 2.02 44.30
N ASP B 515 1.82 2.83 45.35
CA ASP B 515 0.83 2.59 46.41
C ASP B 515 -0.60 2.73 45.88
N PHE B 516 -0.79 3.62 44.92
CA PHE B 516 -2.09 3.84 44.32
C PHE B 516 -2.58 2.52 43.73
N VAL B 517 -1.75 1.91 42.91
CA VAL B 517 -2.11 0.65 42.27
C VAL B 517 -2.20 -0.46 43.31
N PHE B 518 -1.34 -0.40 44.32
CA PHE B 518 -1.31 -1.41 45.36
C PHE B 518 -2.55 -1.38 46.25
N GLU B 519 -3.06 -0.19 46.52
CA GLU B 519 -4.25 -0.04 47.36
C GLU B 519 -5.52 -0.61 46.72
N SER B 520 -5.40 -1.04 45.46
CA SER B 520 -6.55 -1.61 44.76
C SER B 520 -6.58 -3.12 44.95
N GLY B 521 -5.62 -3.64 45.70
CA GLY B 521 -5.56 -5.07 45.94
C GLY B 521 -5.48 -5.83 44.63
N VAL B 522 -4.34 -5.71 43.95
CA VAL B 522 -4.17 -6.37 42.66
C VAL B 522 -2.81 -7.04 42.54
N GLY B 523 -2.33 -7.59 43.65
CA GLY B 523 -1.04 -8.24 43.65
C GLY B 523 -0.05 -7.54 44.56
N THR B 524 1.04 -8.23 44.89
CA THR B 524 2.07 -7.66 45.75
C THR B 524 2.73 -6.47 45.07
N LYS B 525 3.51 -5.70 45.83
CA LYS B 525 4.18 -4.53 45.26
C LYS B 525 5.27 -4.90 44.27
N GLU B 526 5.85 -6.08 44.43
CA GLU B 526 6.90 -6.54 43.53
C GLU B 526 6.29 -6.80 42.16
N ALA B 527 5.18 -7.54 42.16
CA ALA B 527 4.47 -7.89 40.94
C ALA B 527 4.01 -6.66 40.19
N ILE B 528 3.48 -5.68 40.93
CA ILE B 528 3.00 -4.44 40.32
C ILE B 528 4.14 -3.69 39.66
N LYS B 529 5.27 -3.57 40.35
CA LYS B 529 6.42 -2.86 39.79
C LYS B 529 6.88 -3.51 38.49
N ASP B 530 6.88 -4.84 38.47
CA ASP B 530 7.28 -5.62 37.31
C ASP B 530 6.45 -5.23 36.07
N LYS B 531 5.13 -5.13 36.23
CA LYS B 531 4.27 -4.77 35.10
C LYS B 531 4.42 -3.31 34.67
N LEU B 532 4.44 -2.39 35.64
CA LEU B 532 4.57 -0.97 35.32
C LEU B 532 5.83 -0.70 34.50
N ILE B 533 6.93 -1.35 34.88
CA ILE B 533 8.18 -1.17 34.17
C ILE B 533 8.03 -1.74 32.77
N GLU B 534 7.52 -2.98 32.70
CA GLU B 534 7.29 -3.61 31.41
C GLU B 534 6.44 -2.69 30.54
N PHE B 535 5.49 -2.00 31.16
CA PHE B 535 4.58 -1.09 30.49
C PHE B 535 5.24 0.19 30.00
N GLY B 536 6.33 0.60 30.65
CA GLY B 536 7.00 1.82 30.23
C GLY B 536 7.28 2.82 31.34
N PHE B 537 6.83 2.53 32.55
CA PHE B 537 7.04 3.42 33.69
C PHE B 537 8.48 3.33 34.20
N THR B 538 9.05 4.46 34.60
CA THR B 538 10.41 4.49 35.12
C THR B 538 10.32 4.27 36.62
N ASP B 539 11.47 4.09 37.28
CA ASP B 539 11.49 3.90 38.72
C ASP B 539 11.05 5.19 39.39
N GLU B 540 11.49 6.31 38.84
CA GLU B 540 11.14 7.61 39.38
C GLU B 540 9.63 7.80 39.45
N ILE B 542 7.23 5.52 39.30
CA ILE B 542 6.59 4.55 40.17
C ILE B 542 6.61 5.02 41.62
N ALA B 543 7.58 5.85 41.96
CA ALA B 543 7.73 6.36 43.32
C ALA B 543 7.14 7.75 43.55
N PRO B 545 4.29 11.00 43.30
CA PRO B 545 2.87 11.13 43.65
C PRO B 545 2.00 11.07 42.40
N ILE B 546 0.86 10.38 42.49
CA ILE B 546 -0.02 10.26 41.34
C ILE B 546 -0.43 11.62 40.78
N SER B 547 -0.52 12.61 41.65
CA SER B 547 -0.89 13.96 41.25
C SER B 547 0.11 14.56 40.26
N ALA B 548 1.22 13.86 40.06
CA ALA B 548 2.28 14.33 39.15
C ALA B 548 2.17 13.83 37.71
N LEU B 549 1.39 12.79 37.47
CA LEU B 549 1.27 12.25 36.11
C LEU B 549 0.54 13.15 35.12
N SER B 550 0.96 13.12 33.87
CA SER B 550 0.33 13.91 32.82
C SER B 550 -0.90 13.14 32.32
N GLY B 551 -1.65 13.72 31.41
CA GLY B 551 -2.82 13.02 30.89
C GLY B 551 -2.44 11.70 30.26
N GLY B 552 -1.34 11.71 29.50
CA GLY B 552 -0.89 10.50 28.84
C GLY B 552 -0.52 9.37 29.76
N TRP B 553 0.15 9.66 30.86
CA TRP B 553 0.55 8.62 31.79
C TRP B 553 -0.60 8.14 32.69
N LYS B 554 -1.66 8.94 32.78
CA LYS B 554 -2.81 8.53 33.58
C LYS B 554 -3.53 7.47 32.76
N LYS B 556 -2.17 5.60 30.43
CA LYS B 556 -1.31 4.42 30.42
C LYS B 556 -1.41 3.67 31.74
N LEU B 557 -1.45 4.41 32.85
CA LEU B 557 -1.55 3.78 34.17
C LEU B 557 -2.88 3.04 34.26
N ALA B 558 -3.95 3.69 33.81
CA ALA B 558 -5.29 3.08 33.83
C ALA B 558 -5.31 1.74 33.06
N LEU B 559 -4.65 1.69 31.91
CA LEU B 559 -4.63 0.43 31.16
C LEU B 559 -3.78 -0.63 31.86
N ALA B 560 -2.70 -0.19 32.50
CA ALA B 560 -1.82 -1.10 33.21
C ALA B 560 -2.58 -1.73 34.39
N ARG B 561 -3.35 -0.91 35.09
CA ARG B 561 -4.13 -1.41 36.22
C ARG B 561 -5.16 -2.41 35.71
N ALA B 562 -5.63 -2.20 34.48
CA ALA B 562 -6.60 -3.10 33.87
C ALA B 562 -5.96 -4.46 33.64
N VAL B 563 -4.67 -4.44 33.25
CA VAL B 563 -3.96 -5.69 33.02
C VAL B 563 -3.73 -6.45 34.33
N LEU B 564 -3.45 -5.73 35.40
CA LEU B 564 -3.22 -6.39 36.68
C LEU B 564 -4.51 -7.00 37.23
N ARG B 565 -5.66 -6.46 36.83
CA ARG B 565 -6.95 -6.98 37.27
C ARG B 565 -7.44 -8.09 36.32
N ASN B 566 -6.63 -8.40 35.32
CA ASN B 566 -6.96 -9.43 34.34
C ASN B 566 -8.33 -9.15 33.71
N ALA B 567 -8.45 -7.96 33.13
CA ALA B 567 -9.68 -7.53 32.49
C ALA B 567 -9.98 -8.32 31.23
N ASP B 568 -11.25 -8.68 31.03
CA ASP B 568 -11.64 -9.39 29.82
C ASP B 568 -12.15 -8.36 28.83
N ILE B 569 -12.71 -7.27 29.35
CA ILE B 569 -13.24 -6.21 28.52
C ILE B 569 -12.85 -4.82 29.00
N LEU B 570 -12.32 -4.00 28.09
CA LEU B 570 -11.94 -2.62 28.39
C LEU B 570 -13.05 -1.72 27.82
N LEU B 571 -13.51 -0.76 28.62
CA LEU B 571 -14.55 0.17 28.18
C LEU B 571 -13.94 1.57 28.12
N LEU B 572 -14.02 2.22 26.97
CA LEU B 572 -13.45 3.56 26.83
C LEU B 572 -14.46 4.57 26.32
N ASP B 573 -14.58 5.68 27.04
CA ASP B 573 -15.51 6.76 26.69
C ASP B 573 -14.74 8.02 26.33
N GLU B 574 -14.78 8.44 25.07
CA GLU B 574 -14.05 9.63 24.63
C GLU B 574 -12.61 9.56 25.16
N PRO B 575 -11.89 8.47 24.85
CA PRO B 575 -10.52 8.35 25.35
C PRO B 575 -9.49 9.31 24.75
N THR B 576 -9.75 9.86 23.56
CA THR B 576 -8.77 10.76 22.95
C THR B 576 -8.79 12.18 23.51
N ASN B 577 -9.72 12.49 24.40
CA ASN B 577 -9.79 13.82 25.01
C ASN B 577 -8.54 14.04 25.86
N HIS B 578 -7.98 15.25 25.80
CA HIS B 578 -6.79 15.57 26.59
C HIS B 578 -5.61 14.69 26.24
N LEU B 579 -5.49 14.34 24.97
CA LEU B 579 -4.39 13.50 24.53
C LEU B 579 -3.82 14.07 23.24
N ASP B 580 -2.52 14.28 23.21
CA ASP B 580 -1.88 14.81 22.00
C ASP B 580 -1.78 13.67 21.00
N THR B 581 -1.39 13.98 19.76
CA THR B 581 -1.31 12.95 18.73
C THR B 581 -0.37 11.78 19.04
N VAL B 582 0.70 12.03 19.78
CA VAL B 582 1.64 10.96 20.11
C VAL B 582 0.98 9.96 21.07
N ASN B 583 0.29 10.48 22.08
CA ASN B 583 -0.37 9.61 23.03
C ASN B 583 -1.62 8.93 22.43
N VAL B 584 -2.23 9.56 21.43
CA VAL B 584 -3.39 8.95 20.80
C VAL B 584 -2.89 7.80 19.94
N ALA B 585 -1.76 8.00 19.27
CA ALA B 585 -1.21 6.96 18.42
C ALA B 585 -0.78 5.76 19.27
N TRP B 586 -0.28 6.03 20.48
CA TRP B 586 0.12 4.98 21.40
C TRP B 586 -1.10 4.17 21.87
N LEU B 587 -2.22 4.85 22.14
CA LEU B 587 -3.44 4.17 22.59
C LEU B 587 -3.97 3.26 21.49
N VAL B 588 -4.04 3.79 20.27
CA VAL B 588 -4.48 3.01 19.13
C VAL B 588 -3.68 1.70 19.07
N ASN B 589 -2.36 1.85 19.06
CA ASN B 589 -1.44 0.71 18.98
C ASN B 589 -1.68 -0.27 20.13
N TYR B 590 -1.88 0.27 21.34
CA TYR B 590 -2.11 -0.61 22.48
C TYR B 590 -3.40 -1.38 22.34
N LEU B 591 -4.49 -0.71 21.99
CA LEU B 591 -5.77 -1.36 21.84
C LEU B 591 -5.74 -2.44 20.77
N ASN B 592 -4.98 -2.21 19.70
CA ASN B 592 -4.89 -3.20 18.62
C ASN B 592 -4.01 -4.41 18.97
N THR B 593 -3.15 -4.28 19.98
CA THR B 593 -2.26 -5.38 20.34
C THR B 593 -2.41 -5.95 21.76
N CYS B 594 -3.24 -5.33 22.60
CA CYS B 594 -3.42 -5.80 23.97
C CYS B 594 -4.08 -7.18 24.06
N GLY B 595 -4.70 -7.62 22.97
CA GLY B 595 -5.34 -8.92 22.92
C GLY B 595 -6.60 -9.04 23.74
N ILE B 596 -7.16 -7.91 24.14
CA ILE B 596 -8.36 -7.90 24.95
C ILE B 596 -9.52 -7.21 24.23
N THR B 597 -10.74 -7.66 24.49
CA THR B 597 -11.91 -7.05 23.89
C THR B 597 -12.01 -5.63 24.40
N SER B 598 -12.42 -4.72 23.53
CA SER B 598 -12.59 -3.33 23.94
C SER B 598 -13.82 -2.72 23.26
N ILE B 599 -14.50 -1.85 24.00
CA ILE B 599 -15.69 -1.17 23.50
C ILE B 599 -15.39 0.32 23.62
N THR B 600 -15.51 1.04 22.51
CA THR B 600 -15.19 2.46 22.50
C THR B 600 -16.29 3.38 22.02
N ILE B 601 -16.37 4.55 22.67
CA ILE B 601 -17.31 5.60 22.30
C ILE B 601 -16.38 6.77 21.99
N SER B 602 -16.48 7.31 20.79
CA SER B 602 -15.61 8.41 20.38
C SER B 602 -16.17 9.24 19.23
N HIS B 603 -16.06 10.55 19.34
CA HIS B 603 -16.52 11.48 18.31
C HIS B 603 -15.49 11.56 17.17
N ASP B 604 -14.34 10.93 17.38
CA ASP B 604 -13.27 10.92 16.39
C ASP B 604 -13.37 9.64 15.57
N SER B 605 -14.11 9.73 14.46
CA SER B 605 -14.28 8.56 13.58
C SER B 605 -12.95 7.98 13.14
N VAL B 606 -11.91 8.83 13.08
CA VAL B 606 -10.61 8.36 12.68
C VAL B 606 -10.04 7.44 13.76
N PHE B 607 -10.29 7.77 15.04
CA PHE B 607 -9.82 6.90 16.12
C PHE B 607 -10.59 5.58 16.03
N LEU B 608 -11.87 5.66 15.68
CA LEU B 608 -12.70 4.45 15.56
C LEU B 608 -12.25 3.57 14.39
N ASP B 609 -11.78 4.18 13.30
CA ASP B 609 -11.31 3.43 12.14
C ASP B 609 -9.99 2.69 12.41
N ASN B 610 -9.16 3.25 13.28
CA ASN B 610 -7.88 2.65 13.61
C ASN B 610 -7.99 1.55 14.64
N VAL B 611 -9.09 1.53 15.38
CA VAL B 611 -9.26 0.55 16.45
C VAL B 611 -10.37 -0.50 16.33
N CYS B 612 -11.54 -0.07 15.86
CA CYS B 612 -12.70 -0.95 15.77
C CYS B 612 -12.74 -1.97 14.64
N GLU B 613 -13.35 -3.12 14.94
CA GLU B 613 -13.52 -4.21 14.00
C GLU B 613 -15.01 -4.37 13.72
N TYR B 614 -15.82 -3.82 14.62
CA TYR B 614 -17.28 -3.88 14.50
C TYR B 614 -17.89 -2.59 15.02
N ILE B 615 -19.05 -2.25 14.48
CA ILE B 615 -19.76 -1.06 14.91
C ILE B 615 -21.14 -1.48 15.41
N ILE B 616 -21.43 -1.15 16.67
CA ILE B 616 -22.73 -1.43 17.26
C ILE B 616 -23.40 -0.05 17.22
N ASN B 617 -24.42 0.07 16.38
CA ASN B 617 -25.12 1.33 16.19
C ASN B 617 -26.53 1.42 16.76
N TYR B 618 -26.84 2.55 17.36
CA TYR B 618 -28.18 2.79 17.91
C TYR B 618 -29.08 3.17 16.74
N GLU B 619 -30.16 2.42 16.54
CA GLU B 619 -31.11 2.70 15.48
C GLU B 619 -32.49 2.60 16.12
N GLY B 620 -33.12 3.74 16.33
CA GLY B 620 -34.40 3.76 16.99
C GLY B 620 -34.09 3.31 18.40
N LEU B 621 -34.75 2.26 18.85
CA LEU B 621 -34.52 1.74 20.19
C LEU B 621 -33.90 0.36 20.09
N LYS B 622 -33.11 0.12 19.04
CA LYS B 622 -32.45 -1.17 18.84
C LYS B 622 -30.96 -1.00 18.56
N LEU B 623 -30.19 -2.05 18.85
CA LEU B 623 -28.75 -2.03 18.58
C LEU B 623 -28.54 -2.92 17.35
N ARG B 624 -27.82 -2.40 16.37
CA ARG B 624 -27.54 -3.17 15.17
C ARG B 624 -26.05 -3.24 14.94
N LYS B 625 -25.55 -4.46 14.75
CA LYS B 625 -24.12 -4.65 14.55
C LYS B 625 -23.76 -4.65 13.08
N TYR B 626 -22.58 -4.08 12.79
CA TYR B 626 -22.06 -3.98 11.44
C TYR B 626 -20.62 -4.48 11.43
N LYS B 627 -20.24 -5.19 10.38
CA LYS B 627 -18.88 -5.69 10.28
C LYS B 627 -17.99 -4.59 9.73
N GLY B 628 -16.81 -4.42 10.33
CA GLY B 628 -15.89 -3.38 9.87
C GLY B 628 -15.78 -2.17 10.79
N ASN B 629 -14.89 -1.24 10.46
CA ASN B 629 -14.72 -0.03 11.25
C ASN B 629 -15.73 1.02 10.84
N PHE B 630 -15.54 2.27 11.28
CA PHE B 630 -16.50 3.33 10.96
C PHE B 630 -16.71 3.58 9.47
N THR B 631 -15.61 3.73 8.74
CA THR B 631 -15.67 3.94 7.29
C THR B 631 -16.51 2.86 6.60
N GLU B 632 -16.34 1.61 7.01
CA GLU B 632 -17.11 0.51 6.43
C GLU B 632 -18.57 0.57 6.90
N PHE B 633 -18.75 0.99 8.14
CA PHE B 633 -20.06 1.12 8.75
C PHE B 633 -20.90 2.11 7.93
N VAL B 634 -20.33 3.28 7.68
CA VAL B 634 -21.01 4.33 6.93
C VAL B 634 -21.45 3.91 5.52
N LYS B 635 -20.82 2.87 4.97
CA LYS B 635 -21.21 2.38 3.65
C LYS B 635 -22.55 1.67 3.73
N LYS B 636 -22.73 0.87 4.76
CA LYS B 636 -23.98 0.12 4.97
C LYS B 636 -25.06 1.00 5.60
N CYS B 637 -24.63 2.07 6.28
CA CYS B 637 -25.56 2.99 6.93
C CYS B 637 -25.18 4.44 6.58
N PRO B 638 -25.61 4.92 5.40
CA PRO B 638 -25.33 6.27 4.93
C PRO B 638 -25.87 7.41 5.82
N ALA B 639 -26.89 7.11 6.61
CA ALA B 639 -27.49 8.11 7.49
C ALA B 639 -26.49 8.51 8.57
N ALA B 640 -25.47 7.68 8.73
CA ALA B 640 -24.44 7.91 9.73
C ALA B 640 -23.50 9.06 9.41
N LYS B 641 -23.60 9.64 8.22
CA LYS B 641 -22.74 10.76 7.85
C LYS B 641 -23.25 12.07 8.45
N ALA B 642 -24.39 12.02 9.13
CA ALA B 642 -24.98 13.21 9.73
C ALA B 642 -24.96 13.17 11.27
N TYR B 643 -23.95 12.51 11.84
CA TYR B 643 -23.86 12.40 13.29
C TYR B 643 -23.41 13.66 14.03
N GLU B 644 -22.66 14.52 13.37
CA GLU B 644 -22.19 15.75 13.99
C GLU B 644 -22.91 16.94 13.37
N GLU B 645 -24.15 16.71 12.94
CA GLU B 645 -24.94 17.72 12.26
C GLU B 645 -25.92 18.54 13.08
N LEU B 646 -26.59 17.91 14.05
CA LEU B 646 -27.58 18.58 14.89
C LEU B 646 -27.64 20.11 15.08
N SER B 647 -26.49 20.78 15.11
CA SER B 647 -26.50 22.23 15.26
C SER B 647 -26.07 22.98 14.01
N ASN B 648 -26.85 23.98 13.63
CA ASN B 648 -26.58 24.78 12.44
C ASN B 648 -25.16 25.34 12.30
N THR B 649 -24.42 25.40 13.40
CA THR B 649 -23.08 25.97 13.37
C THR B 649 -22.02 25.12 12.65
N ASP B 650 -22.16 23.81 12.68
CA ASP B 650 -21.20 22.91 12.04
C ASP B 650 -21.19 23.03 10.51
N LEU B 651 -22.16 23.77 9.97
CA LEU B 651 -22.27 23.97 8.52
C LEU B 651 -21.44 25.15 8.02
N GLU B 652 -21.12 26.09 8.90
CA GLU B 652 -20.35 27.28 8.53
C GLU B 652 -18.88 27.07 8.18
N PHE B 653 -18.36 27.98 7.38
CA PHE B 653 -16.97 27.93 6.96
C PHE B 653 -16.51 29.35 6.60
N LYS B 654 -15.20 29.53 6.46
CA LYS B 654 -14.65 30.83 6.11
C LYS B 654 -13.59 30.64 5.04
N PHE B 655 -13.54 31.57 4.10
CA PHE B 655 -12.53 31.49 3.06
C PHE B 655 -11.24 32.08 3.64
N PRO B 656 -10.09 31.69 3.10
CA PRO B 656 -8.84 32.24 3.64
C PRO B 656 -8.62 33.71 3.28
N GLU B 657 -7.68 34.33 3.98
CA GLU B 657 -7.32 35.72 3.74
C GLU B 657 -6.53 35.71 2.45
N PRO B 658 -6.83 36.61 1.51
CA PRO B 658 -6.02 36.57 0.30
C PRO B 658 -4.56 36.90 0.62
N GLY B 659 -3.64 36.33 -0.16
CA GLY B 659 -2.24 36.58 0.06
C GLY B 659 -1.90 38.05 -0.06
N TYR B 660 -0.79 38.44 0.55
CA TYR B 660 -0.30 39.81 0.55
C TYR B 660 0.12 40.29 -0.84
N LEU B 661 -0.18 41.57 -1.12
CA LEU B 661 0.18 42.21 -2.39
C LEU B 661 0.84 43.53 -2.05
N GLU B 662 2.01 43.82 -2.64
CA GLU B 662 2.68 45.08 -2.35
C GLU B 662 2.02 46.19 -3.15
N GLY B 663 2.04 47.41 -2.62
CA GLY B 663 1.47 48.53 -3.34
C GLY B 663 -0.05 48.62 -3.28
N VAL B 664 -0.66 47.83 -2.43
CA VAL B 664 -2.10 47.86 -2.29
C VAL B 664 -2.37 48.13 -0.81
N LYS B 665 -2.75 49.37 -0.52
CA LYS B 665 -2.98 49.78 0.85
C LYS B 665 -4.44 50.00 1.21
N THR B 666 -5.33 49.88 0.23
CA THR B 666 -6.77 50.03 0.47
C THR B 666 -7.50 48.91 -0.27
N LYS B 667 -8.73 48.63 0.11
CA LYS B 667 -9.49 47.58 -0.54
C LYS B 667 -10.19 48.09 -1.80
N GLN B 668 -10.01 49.36 -2.12
CA GLN B 668 -10.61 49.96 -3.30
C GLN B 668 -9.61 50.11 -4.44
N LYS B 669 -8.35 49.88 -4.10
CA LYS B 669 -7.28 49.93 -5.07
C LYS B 669 -7.48 48.85 -6.14
N ALA B 670 -7.60 49.24 -7.40
CA ALA B 670 -7.80 48.28 -8.46
C ALA B 670 -6.63 47.30 -8.64
N ILE B 671 -6.93 46.01 -8.65
CA ILE B 671 -5.91 44.98 -8.84
C ILE B 671 -6.12 44.36 -10.21
N VAL B 672 -7.24 44.71 -10.83
CA VAL B 672 -7.58 44.25 -12.18
C VAL B 672 -8.31 45.40 -12.86
N LYS B 673 -7.85 45.79 -14.04
CA LYS B 673 -8.50 46.86 -14.75
C LYS B 673 -8.51 46.57 -16.24
N VAL B 674 -9.70 46.61 -16.83
CA VAL B 674 -9.87 46.35 -18.24
C VAL B 674 -10.45 47.57 -18.94
N THR B 675 -9.85 47.96 -20.07
CA THR B 675 -10.35 49.12 -20.81
C THR B 675 -10.55 48.85 -22.31
N ASN B 676 -11.61 49.42 -22.88
CA ASN B 676 -11.92 49.26 -24.30
C ASN B 676 -11.81 47.81 -24.78
N GLU B 678 -12.74 44.09 -26.15
CA GLU B 678 -13.64 43.51 -27.12
C GLU B 678 -13.24 42.08 -27.42
N PHE B 679 -14.21 41.22 -27.69
CA PHE B 679 -13.88 39.86 -28.08
C PHE B 679 -14.78 39.47 -29.22
N GLN B 680 -14.19 38.88 -30.25
CA GLN B 680 -14.94 38.44 -31.42
C GLN B 680 -14.32 37.15 -31.89
N TYR B 681 -15.13 36.10 -31.96
CA TYR B 681 -14.66 34.80 -32.41
C TYR B 681 -14.37 34.89 -33.91
N PRO B 682 -13.27 34.29 -34.35
CA PRO B 682 -12.99 34.36 -35.78
C PRO B 682 -14.11 33.59 -36.49
N GLY B 683 -14.74 34.20 -37.49
CA GLY B 683 -15.81 33.53 -38.20
C GLY B 683 -17.20 34.08 -37.90
N THR B 684 -17.33 34.95 -36.91
CA THR B 684 -18.64 35.52 -36.58
C THR B 684 -18.79 36.92 -37.22
N SER B 685 -20.02 37.30 -37.56
CA SER B 685 -20.25 38.59 -38.21
C SER B 685 -20.04 39.84 -37.38
N LYS B 686 -19.92 39.68 -36.06
CA LYS B 686 -19.72 40.82 -35.19
C LYS B 686 -19.26 40.38 -33.81
N PRO B 687 -18.43 41.19 -33.13
CA PRO B 687 -17.94 40.82 -31.80
C PRO B 687 -19.08 40.47 -30.84
N GLN B 688 -18.79 39.60 -29.88
CA GLN B 688 -19.79 39.19 -28.90
C GLN B 688 -19.92 40.26 -27.82
N ILE B 689 -18.82 40.90 -27.47
CA ILE B 689 -18.83 41.97 -26.48
C ILE B 689 -17.88 43.03 -27.02
N THR B 690 -18.16 44.28 -26.72
CA THR B 690 -17.29 45.36 -27.17
C THR B 690 -17.32 46.56 -26.24
N ASP B 691 -16.29 47.37 -26.33
CA ASP B 691 -16.14 48.58 -25.52
C ASP B 691 -16.33 48.33 -24.02
N ILE B 692 -15.77 47.23 -23.52
CA ILE B 692 -15.89 46.87 -22.11
C ILE B 692 -14.86 47.52 -21.18
N ASN B 693 -15.33 48.09 -20.07
CA ASN B 693 -14.46 48.72 -19.09
C ASN B 693 -14.90 48.29 -17.69
N PHE B 694 -13.94 47.91 -16.85
CA PHE B 694 -14.23 47.53 -15.47
C PHE B 694 -12.98 47.37 -14.61
N GLN B 695 -13.17 47.35 -13.29
CA GLN B 695 -12.07 47.18 -12.35
C GLN B 695 -12.46 46.26 -11.21
N CYS B 696 -11.48 45.61 -10.62
CA CYS B 696 -11.71 44.73 -9.49
C CYS B 696 -10.73 45.08 -8.39
N SER B 697 -11.22 45.06 -7.16
CA SER B 697 -10.39 45.37 -5.99
C SER B 697 -10.78 44.37 -4.91
N LEU B 698 -9.98 44.32 -3.85
CA LEU B 698 -10.25 43.42 -2.73
C LEU B 698 -11.62 43.67 -2.11
N SER B 699 -12.28 44.75 -2.50
CA SER B 699 -13.58 45.06 -1.91
C SER B 699 -14.73 44.85 -2.89
N SER B 700 -14.41 44.41 -4.10
CA SER B 700 -15.43 44.19 -5.10
C SER B 700 -16.55 43.27 -4.59
N ARG B 701 -17.79 43.67 -4.86
CA ARG B 701 -18.97 42.89 -4.49
C ARG B 701 -19.88 43.06 -5.69
N ILE B 702 -19.59 42.26 -6.71
CA ILE B 702 -20.28 42.32 -7.99
C ILE B 702 -21.24 41.17 -8.32
N ALA B 703 -22.32 41.53 -9.00
CA ALA B 703 -23.30 40.55 -9.44
C ALA B 703 -23.39 40.69 -10.95
N VAL B 704 -23.10 39.61 -11.67
CA VAL B 704 -23.21 39.63 -13.12
C VAL B 704 -24.62 39.10 -13.39
N ILE B 705 -25.55 40.04 -13.48
CA ILE B 705 -26.98 39.76 -13.65
C ILE B 705 -27.43 39.53 -15.08
N GLY B 706 -28.69 39.13 -15.24
CA GLY B 706 -29.25 38.92 -16.56
C GLY B 706 -29.40 37.50 -17.05
N PRO B 707 -30.23 37.30 -18.09
CA PRO B 707 -30.45 35.97 -18.65
C PRO B 707 -29.16 35.54 -19.33
N ASN B 708 -29.01 34.25 -19.60
CA ASN B 708 -27.83 33.74 -20.28
C ASN B 708 -27.77 34.33 -21.68
N GLY B 709 -26.58 34.35 -22.29
CA GLY B 709 -26.47 34.91 -23.62
C GLY B 709 -25.04 34.95 -24.13
N ALA B 710 -24.89 35.28 -25.40
CA ALA B 710 -23.57 35.35 -26.03
C ALA B 710 -22.66 36.39 -25.37
N GLY B 711 -23.22 37.56 -25.07
CA GLY B 711 -22.45 38.62 -24.46
C GLY B 711 -22.06 38.35 -23.01
N LYS B 712 -23.02 37.96 -22.20
CA LYS B 712 -22.78 37.69 -20.79
C LYS B 712 -21.74 36.57 -20.64
N SER B 713 -21.95 35.47 -21.34
CA SER B 713 -21.03 34.35 -21.24
C SER B 713 -19.61 34.71 -21.68
N THR B 714 -19.49 35.44 -22.78
CA THR B 714 -18.18 35.82 -23.29
C THR B 714 -17.48 36.74 -22.30
N LEU B 715 -18.21 37.70 -21.75
CA LEU B 715 -17.64 38.60 -20.76
C LEU B 715 -17.01 37.80 -19.61
N ILE B 716 -17.73 36.80 -19.12
CA ILE B 716 -17.26 35.95 -18.03
C ILE B 716 -16.04 35.16 -18.47
N ASN B 717 -16.10 34.61 -19.68
CA ASN B 717 -15.00 33.82 -20.22
C ASN B 717 -13.71 34.63 -20.40
N VAL B 718 -13.83 35.95 -20.53
CA VAL B 718 -12.64 36.78 -20.64
C VAL B 718 -12.19 37.12 -19.22
N LEU B 719 -13.16 37.40 -18.36
CA LEU B 719 -12.89 37.74 -16.96
C LEU B 719 -12.13 36.64 -16.24
N THR B 720 -12.49 35.39 -16.50
CA THR B 720 -11.86 34.25 -15.83
C THR B 720 -10.60 33.74 -16.51
N GLY B 721 -10.24 34.34 -17.63
CA GLY B 721 -9.02 33.93 -18.30
C GLY B 721 -9.12 32.92 -19.43
N GLU B 722 -10.29 32.37 -19.65
CA GLU B 722 -10.43 31.38 -20.70
C GLU B 722 -10.20 31.96 -22.10
N LEU B 723 -10.83 33.09 -22.39
CA LEU B 723 -10.69 33.71 -23.70
C LEU B 723 -9.79 34.93 -23.72
N LEU B 724 -8.84 34.95 -24.64
CA LEU B 724 -7.93 36.09 -24.76
C LEU B 724 -8.68 37.18 -25.52
N PRO B 725 -8.70 38.40 -24.97
CA PRO B 725 -9.41 39.49 -25.65
C PRO B 725 -8.85 39.80 -27.05
N THR B 726 -9.76 40.15 -27.96
CA THR B 726 -9.43 40.47 -29.34
C THR B 726 -8.89 41.90 -29.48
N SER B 727 -9.24 42.75 -28.54
CA SER B 727 -8.80 44.14 -28.56
C SER B 727 -8.96 44.73 -27.16
N GLY B 728 -8.24 45.79 -26.85
CA GLY B 728 -8.36 46.41 -25.55
C GLY B 728 -7.17 46.15 -24.63
N GLU B 729 -7.17 46.81 -23.47
CA GLU B 729 -6.08 46.67 -22.52
C GLU B 729 -6.51 45.97 -21.22
N VAL B 730 -5.58 45.24 -20.64
CA VAL B 730 -5.84 44.54 -19.41
C VAL B 730 -4.68 44.76 -18.47
N TYR B 731 -4.97 45.25 -17.27
CA TYR B 731 -3.95 45.45 -16.26
C TYR B 731 -4.26 44.46 -15.15
N THR B 732 -3.24 43.75 -14.70
CA THR B 732 -3.40 42.77 -13.63
C THR B 732 -2.27 43.03 -12.67
N HIS B 733 -2.59 43.27 -11.40
CA HIS B 733 -1.55 43.49 -10.42
C HIS B 733 -0.72 42.22 -10.37
N GLU B 734 0.57 42.38 -10.15
CA GLU B 734 1.49 41.26 -10.07
C GLU B 734 1.03 40.34 -8.92
N ASN B 735 1.05 39.03 -9.17
CA ASN B 735 0.66 38.03 -8.16
C ASN B 735 -0.85 37.93 -7.91
N CYS B 736 -1.65 38.65 -8.66
CA CYS B 736 -3.11 38.61 -8.47
C CYS B 736 -3.61 37.22 -8.87
N ARG B 737 -4.38 36.60 -7.99
CA ARG B 737 -4.92 35.29 -8.27
C ARG B 737 -6.44 35.33 -8.19
N ILE B 738 -7.06 34.62 -9.13
CA ILE B 738 -8.51 34.53 -9.18
C ILE B 738 -8.91 33.07 -9.00
N ALA B 739 -10.03 32.85 -8.33
CA ALA B 739 -10.52 31.50 -8.12
C ALA B 739 -11.87 31.45 -8.82
N TYR B 740 -12.03 30.50 -9.72
CA TYR B 740 -13.30 30.35 -10.43
C TYR B 740 -13.98 29.10 -9.90
N ILE B 741 -15.06 29.31 -9.14
CA ILE B 741 -15.84 28.22 -8.54
C ILE B 741 -17.00 27.84 -9.45
N LYS B 742 -16.92 26.67 -10.05
CA LYS B 742 -17.94 26.19 -10.98
C LYS B 742 -18.53 24.90 -10.42
N GLN B 743 -19.77 24.57 -10.80
CA GLN B 743 -20.41 23.35 -10.30
C GLN B 743 -19.70 22.08 -10.78
N HIS B 744 -18.96 22.19 -11.87
CA HIS B 744 -18.21 21.05 -12.42
C HIS B 744 -17.32 20.33 -11.40
N ALA B 745 -16.57 21.08 -10.62
CA ALA B 745 -15.70 20.47 -9.62
C ALA B 745 -16.48 19.71 -8.52
N PHE B 746 -17.67 20.20 -8.19
CA PHE B 746 -18.50 19.58 -7.16
C PHE B 746 -19.02 18.22 -7.57
N ALA B 747 -19.36 18.05 -8.84
CA ALA B 747 -19.87 16.78 -9.31
C ALA B 747 -18.75 15.78 -9.64
N HIS B 748 -17.68 16.26 -10.26
CA HIS B 748 -16.58 15.40 -10.66
C HIS B 748 -15.70 14.85 -9.55
N ILE B 749 -15.91 15.28 -8.32
CA ILE B 749 -15.11 14.77 -7.22
C ILE B 749 -15.53 13.32 -6.95
N GLU B 750 -16.66 12.88 -7.51
CA GLU B 750 -17.12 11.53 -7.29
C GLU B 750 -16.23 10.53 -8.00
N SER B 751 -15.22 11.06 -8.70
CA SER B 751 -14.24 10.21 -9.40
C SER B 751 -13.03 9.98 -8.49
N HIS B 752 -13.02 10.65 -7.32
CA HIS B 752 -11.90 10.55 -6.41
C HIS B 752 -12.29 10.08 -5.01
N LEU B 753 -13.36 9.31 -4.90
CA LEU B 753 -13.84 8.83 -3.61
C LEU B 753 -12.80 8.03 -2.86
N ASP B 754 -11.86 7.47 -3.60
CA ASP B 754 -10.78 6.66 -3.04
C ASP B 754 -9.71 7.50 -2.33
N LYS B 755 -9.58 8.76 -2.73
CA LYS B 755 -8.58 9.65 -2.14
C LYS B 755 -9.04 10.29 -0.82
N THR B 756 -8.06 10.74 -0.03
CA THR B 756 -8.40 11.46 1.20
C THR B 756 -8.56 12.91 0.72
N PRO B 757 -9.22 13.76 1.52
CA PRO B 757 -9.37 15.15 1.09
C PRO B 757 -8.00 15.76 0.77
N SER B 758 -7.00 15.43 1.57
CA SER B 758 -5.65 15.94 1.37
C SER B 758 -5.07 15.50 0.02
N GLU B 759 -5.26 14.24 -0.33
CA GLU B 759 -4.75 13.75 -1.61
C GLU B 759 -5.47 14.40 -2.78
N TYR B 760 -6.76 14.65 -2.60
CA TYR B 760 -7.55 15.30 -3.63
C TYR B 760 -6.99 16.67 -3.95
N ILE B 761 -6.69 17.43 -2.90
CA ILE B 761 -6.14 18.77 -3.07
C ILE B 761 -4.75 18.70 -3.71
N GLN B 762 -3.97 17.70 -3.36
CA GLN B 762 -2.64 17.55 -3.95
C GLN B 762 -2.78 17.20 -5.43
N TRP B 763 -3.86 16.51 -5.77
CA TRP B 763 -4.13 16.12 -7.15
C TRP B 763 -4.50 17.35 -7.99
N ARG B 764 -5.40 18.17 -7.46
CA ARG B 764 -5.82 19.35 -8.21
C ARG B 764 -4.73 20.37 -8.50
N PHE B 765 -3.71 20.41 -7.66
CA PHE B 765 -2.59 21.35 -7.82
C PHE B 765 -1.26 20.63 -8.06
N GLN B 766 -1.34 19.44 -8.62
CA GLN B 766 -0.15 18.64 -8.88
C GLN B 766 0.92 19.44 -9.64
N THR B 767 0.47 20.26 -10.58
CA THR B 767 1.39 21.07 -11.38
C THR B 767 1.56 22.50 -10.88
N GLY B 768 1.14 22.76 -9.64
CA GLY B 768 1.27 24.11 -9.11
C GLY B 768 0.10 25.02 -9.45
N GLU B 769 -0.71 24.60 -10.42
CA GLU B 769 -1.89 25.37 -10.81
C GLU B 769 -3.13 24.48 -10.71
N ASP B 770 -4.31 25.10 -10.64
CA ASP B 770 -5.56 24.36 -10.52
C ASP B 770 -5.97 23.75 -11.87
N ARG B 771 -5.85 22.44 -12.00
CA ARG B 771 -6.19 21.77 -13.24
C ARG B 771 -7.69 21.78 -13.55
N GLU B 772 -8.52 22.12 -12.56
CA GLU B 772 -9.97 22.16 -12.76
C GLU B 772 -10.40 23.40 -13.52
N THR B 773 -9.68 24.50 -13.36
CA THR B 773 -10.08 25.74 -14.01
C THR B 773 -9.11 26.35 -15.01
N ASP B 775 -6.70 26.53 -18.33
CA ASP B 775 -6.79 25.97 -19.68
C ASP B 775 -8.11 25.28 -20.06
N ARG B 776 -9.23 25.93 -19.78
CA ARG B 776 -10.54 25.36 -20.14
C ARG B 776 -10.82 25.44 -21.63
N ALA B 777 -9.98 26.12 -22.38
CA ALA B 777 -10.16 26.27 -23.81
C ALA B 777 -9.27 25.32 -24.57
N ASN B 778 -8.59 24.43 -23.84
CA ASN B 778 -7.69 23.47 -24.46
C ASN B 778 -8.06 22.05 -24.08
N ARG B 779 -7.75 21.11 -24.97
CA ARG B 779 -8.03 19.69 -24.73
C ARG B 779 -7.27 19.21 -23.50
N GLN B 780 -6.00 19.60 -23.39
CA GLN B 780 -5.17 19.25 -22.24
C GLN B 780 -5.14 17.76 -21.83
N ILE B 781 -5.88 16.90 -22.53
CA ILE B 781 -5.88 15.46 -22.18
C ILE B 781 -4.64 14.77 -22.74
N ASN B 782 -3.62 15.56 -23.08
CA ASN B 782 -2.40 15.01 -23.63
C ASN B 782 -1.34 14.74 -22.57
N GLU B 783 -1.36 13.52 -22.02
CA GLU B 783 -0.39 13.12 -21.01
C GLU B 783 0.59 12.15 -21.66
N ASN B 784 0.05 11.29 -22.53
CA ASN B 784 0.85 10.33 -23.27
C ASN B 784 1.14 11.01 -24.59
N ASP B 785 1.54 12.28 -24.47
CA ASP B 785 1.85 13.15 -25.59
C ASP B 785 3.37 13.15 -25.78
N ALA B 786 3.88 12.16 -26.48
CA ALA B 786 5.32 12.05 -26.71
C ALA B 786 5.75 12.49 -28.11
N GLU B 787 4.90 12.22 -29.11
CA GLU B 787 5.23 12.63 -30.48
C GLU B 787 4.39 13.84 -30.86
N ALA B 788 3.72 14.42 -29.87
CA ALA B 788 2.92 15.60 -30.09
C ALA B 788 3.69 16.77 -29.49
N ASN B 790 6.48 17.07 -30.53
CA ASN B 790 7.26 17.29 -31.72
C ASN B 790 6.42 18.24 -32.56
N LYS B 791 5.57 18.99 -31.88
CA LYS B 791 4.72 19.96 -32.54
C LYS B 791 5.62 20.99 -33.18
N ILE B 792 5.32 21.33 -34.43
CA ILE B 792 6.10 22.30 -35.17
C ILE B 792 5.50 23.69 -35.06
N PHE B 793 6.25 24.60 -34.44
CA PHE B 793 5.81 25.98 -34.29
C PHE B 793 6.40 26.82 -35.41
N LYS B 794 5.54 27.58 -36.08
CA LYS B 794 6.00 28.44 -37.16
C LYS B 794 6.29 29.83 -36.64
N ILE B 795 7.57 30.12 -36.41
CA ILE B 795 7.98 31.42 -35.90
C ILE B 795 8.84 32.16 -36.91
N GLU B 796 8.45 33.41 -37.18
CA GLU B 796 9.14 34.26 -38.15
C GLU B 796 9.28 33.55 -39.49
N GLY B 797 8.24 32.80 -39.84
CA GLY B 797 8.22 32.07 -41.10
C GLY B 797 9.09 30.82 -41.15
N THR B 798 9.65 30.43 -40.01
CA THR B 798 10.51 29.25 -39.97
C THR B 798 9.92 28.18 -39.05
N PRO B 799 9.99 26.90 -39.47
CA PRO B 799 9.49 25.76 -38.71
C PRO B 799 10.40 25.45 -37.54
N ARG B 800 9.84 25.43 -36.33
CA ARG B 800 10.65 25.14 -35.15
C ARG B 800 9.97 24.21 -34.16
N ARG B 801 10.79 23.61 -33.30
CA ARG B 801 10.33 22.72 -32.25
C ARG B 801 10.90 23.33 -31.00
N ILE B 802 10.16 23.20 -29.90
CA ILE B 802 10.60 23.76 -28.64
C ILE B 802 11.68 22.92 -27.99
N ALA B 803 12.78 23.57 -27.64
CA ALA B 803 13.89 22.90 -26.99
C ALA B 803 13.75 23.09 -25.48
N GLY B 804 13.08 24.18 -25.09
CA GLY B 804 12.87 24.46 -23.69
C GLY B 804 12.11 25.75 -23.43
N ILE B 805 11.49 25.83 -22.25
CA ILE B 805 10.75 27.03 -21.86
C ILE B 805 11.52 27.59 -20.67
N HIS B 806 11.79 28.89 -20.68
CA HIS B 806 12.63 29.47 -19.63
C HIS B 806 12.04 30.48 -18.64
N SER B 807 11.07 31.28 -19.07
CA SER B 807 10.46 32.25 -18.17
C SER B 807 9.02 32.54 -18.56
N ARG B 808 8.34 33.30 -17.71
CA ARG B 808 6.94 33.62 -17.93
C ARG B 808 6.73 35.11 -17.74
N ARG B 809 5.72 35.66 -18.41
CA ARG B 809 5.41 37.07 -18.26
C ARG B 809 3.93 37.27 -18.54
N LYS B 810 3.32 38.24 -17.88
CA LYS B 810 1.90 38.52 -18.05
C LYS B 810 1.61 39.06 -19.44
N PHE B 811 0.49 38.64 -20.00
CA PHE B 811 0.06 39.05 -21.33
C PHE B 811 -1.46 39.09 -21.33
N LYS B 812 -2.02 40.29 -21.19
CA LYS B 812 -3.46 40.46 -21.17
C LYS B 812 -4.03 39.70 -19.95
N ASN B 813 -4.99 38.82 -20.18
CA ASN B 813 -5.59 38.07 -19.09
C ASN B 813 -4.95 36.68 -18.94
N THR B 814 -3.78 36.49 -19.53
CA THR B 814 -3.09 35.22 -19.42
C THR B 814 -1.56 35.33 -19.37
N TYR B 815 -0.88 34.30 -19.85
CA TYR B 815 0.59 34.29 -19.80
C TYR B 815 1.34 33.91 -21.08
N GLU B 816 2.51 34.51 -21.23
CA GLU B 816 3.41 34.24 -22.35
C GLU B 816 4.65 33.53 -21.81
N TYR B 817 5.23 32.65 -22.62
CA TYR B 817 6.42 31.88 -22.20
C TYR B 817 7.60 32.03 -23.15
N GLU B 818 8.76 32.33 -22.56
CA GLU B 818 10.00 32.49 -23.34
C GLU B 818 10.51 31.10 -23.70
N CYS B 819 10.46 30.76 -24.98
CA CYS B 819 10.91 29.45 -25.42
C CYS B 819 12.19 29.51 -26.27
N SER B 820 12.99 28.44 -26.20
CA SER B 820 14.20 28.30 -27.00
C SER B 820 13.81 27.26 -28.05
N PHE B 821 14.41 27.32 -29.24
CA PHE B 821 14.02 26.40 -30.30
C PHE B 821 15.05 25.51 -30.98
N LEU B 822 14.51 24.57 -31.76
CA LEU B 822 15.29 23.64 -32.56
C LEU B 822 14.82 24.01 -33.97
N LEU B 823 15.73 24.50 -34.79
CA LEU B 823 15.38 24.88 -36.15
C LEU B 823 15.35 23.65 -37.05
N GLY B 824 14.27 23.51 -37.81
CA GLY B 824 14.14 22.39 -38.71
C GLY B 824 14.82 22.65 -40.04
N GLU B 825 15.63 21.70 -40.49
CA GLU B 825 16.36 21.82 -41.74
C GLU B 825 16.15 20.57 -42.59
N ASN B 826 16.03 20.77 -43.90
CA ASN B 826 15.81 19.65 -44.82
C ASN B 826 14.58 18.87 -44.36
N ILE B 827 13.53 19.59 -43.96
CA ILE B 827 12.31 18.95 -43.51
C ILE B 827 11.73 18.19 -44.70
N GLY B 828 11.58 16.88 -44.53
CA GLY B 828 11.07 16.06 -45.61
C GLY B 828 12.13 15.12 -46.13
N LYS B 830 15.97 13.12 -46.36
CA LYS B 830 16.61 12.11 -45.52
C LYS B 830 17.59 12.76 -44.55
N SER B 831 18.04 13.95 -44.92
CA SER B 831 19.00 14.71 -44.13
C SER B 831 18.36 15.62 -43.08
N GLU B 832 17.03 15.61 -43.04
CA GLU B 832 16.29 16.44 -42.07
C GLU B 832 16.89 16.39 -40.68
N ARG B 833 16.93 17.54 -40.03
CA ARG B 833 17.44 17.62 -38.68
C ARG B 833 16.95 18.84 -37.94
N TRP B 834 16.94 18.75 -36.62
CA TRP B 834 16.49 19.83 -35.76
C TRP B 834 17.68 20.34 -34.98
N VAL B 835 18.17 21.50 -35.39
CA VAL B 835 19.34 22.09 -34.79
C VAL B 835 19.00 23.18 -33.79
N PRO B 836 19.47 23.03 -32.55
CA PRO B 836 19.20 24.01 -31.51
C PRO B 836 19.65 25.40 -31.94
N SER B 839 19.99 31.72 -27.96
CA SER B 839 19.08 32.50 -27.11
C SER B 839 18.50 33.70 -27.83
N VAL B 840 19.28 34.30 -28.71
CA VAL B 840 18.87 35.47 -29.47
C VAL B 840 17.59 35.22 -30.25
N ASP B 841 17.31 33.95 -30.54
CA ASP B 841 16.12 33.60 -31.30
C ASP B 841 14.94 33.13 -30.46
N ASN B 842 15.08 33.18 -29.15
CA ASN B 842 13.98 32.79 -28.28
C ASN B 842 12.78 33.70 -28.60
N ALA B 843 11.58 33.20 -28.35
CA ALA B 843 10.39 33.99 -28.62
C ALA B 843 9.33 33.74 -27.55
N TRP B 844 8.46 34.73 -27.35
CA TRP B 844 7.38 34.62 -26.38
C TRP B 844 6.14 34.03 -27.03
N ILE B 845 5.69 32.91 -26.51
CA ILE B 845 4.51 32.23 -27.05
C ILE B 845 3.42 32.17 -25.98
N PRO B 846 2.16 32.48 -26.34
CA PRO B 846 1.01 32.46 -25.42
C PRO B 846 0.81 31.07 -24.83
N ARG B 847 0.34 31.02 -23.59
CA ARG B 847 0.10 29.75 -22.90
C ARG B 847 -0.86 28.83 -23.65
N GLY B 848 -1.91 29.41 -24.22
CA GLY B 848 -2.88 28.61 -24.94
C GLY B 848 -2.30 27.76 -26.05
N GLU B 849 -1.23 28.25 -26.67
CA GLU B 849 -0.59 27.53 -27.76
C GLU B 849 0.45 26.49 -27.33
N LEU B 850 0.79 26.45 -26.04
CA LEU B 850 1.79 25.52 -25.53
C LEU B 850 1.28 24.37 -24.66
N VAL B 851 0.24 24.63 -23.88
CA VAL B 851 -0.33 23.63 -22.96
C VAL B 851 -0.67 22.24 -23.49
N GLU B 852 -1.24 22.16 -24.68
CA GLU B 852 -1.62 20.86 -25.24
C GLU B 852 -0.46 19.96 -25.65
N SER B 853 0.71 20.55 -25.86
CA SER B 853 1.86 19.74 -26.28
C SER B 853 3.05 19.82 -25.33
N HIS B 854 3.10 20.86 -24.51
CA HIS B 854 4.21 21.03 -23.59
C HIS B 854 3.77 21.39 -22.16
N SER B 855 2.72 20.74 -21.69
CA SER B 855 2.22 21.02 -20.34
C SER B 855 3.28 20.86 -19.24
N LYS B 856 4.01 19.75 -19.26
CA LYS B 856 5.03 19.52 -18.25
C LYS B 856 6.03 20.67 -18.17
N VAL B 858 5.67 23.74 -19.17
CA VAL B 858 5.00 24.96 -18.74
C VAL B 858 4.78 24.94 -17.22
N ALA B 859 4.42 23.78 -16.68
CA ALA B 859 4.19 23.66 -15.25
C ALA B 859 5.51 23.91 -14.50
N GLU B 860 6.62 23.53 -15.12
CA GLU B 860 7.92 23.72 -14.49
C GLU B 860 8.30 25.19 -14.43
N VAL B 861 7.84 25.97 -15.41
CA VAL B 861 8.13 27.40 -15.41
C VAL B 861 7.22 28.08 -14.39
N ASP B 862 5.93 27.73 -14.42
CA ASP B 862 4.96 28.31 -13.50
C ASP B 862 5.43 28.05 -12.08
N LYS B 864 8.58 27.67 -11.00
CA LYS B 864 9.72 28.51 -10.64
C LYS B 864 9.29 29.94 -10.37
N GLU B 865 8.33 30.45 -11.16
CA GLU B 865 7.86 31.81 -10.97
C GLU B 865 7.15 31.92 -9.62
N ALA B 866 6.42 30.87 -9.24
CA ALA B 866 5.70 30.85 -7.97
C ALA B 866 6.69 30.90 -6.80
N LEU B 867 7.79 30.15 -6.93
CA LEU B 867 8.83 30.11 -5.90
C LEU B 867 9.56 31.43 -5.83
N ALA B 868 9.89 31.99 -6.99
CA ALA B 868 10.60 33.27 -7.05
C ALA B 868 9.73 34.42 -6.54
N SER B 869 8.46 34.44 -6.92
CA SER B 869 7.56 35.50 -6.49
C SER B 869 7.16 35.24 -5.03
N GLY B 870 7.66 34.15 -4.47
CA GLY B 870 7.35 33.81 -3.09
C GLY B 870 5.87 33.54 -2.84
N GLN B 871 5.13 33.20 -3.90
CA GLN B 871 3.72 32.93 -3.77
C GLN B 871 3.38 31.46 -3.58
N PHE B 872 4.36 30.58 -3.80
CA PHE B 872 4.14 29.15 -3.67
C PHE B 872 3.68 28.67 -2.29
N ARG B 873 2.74 27.74 -2.29
CA ARG B 873 2.21 27.18 -1.07
C ARG B 873 2.49 25.69 -1.08
N PRO B 874 3.45 25.23 -0.26
CA PRO B 874 3.76 23.80 -0.25
C PRO B 874 2.59 22.95 0.22
N LEU B 875 2.38 21.81 -0.43
CA LEU B 875 1.29 20.90 -0.09
C LEU B 875 1.62 20.00 1.11
N THR B 876 2.01 20.59 2.22
CA THR B 876 2.35 19.82 3.41
C THR B 876 1.05 19.46 4.11
N ARG B 877 1.05 18.34 4.81
CA ARG B 877 -0.12 17.90 5.54
C ARG B 877 -0.62 18.98 6.51
N LYS B 878 0.30 19.61 7.23
CA LYS B 878 -0.09 20.64 8.20
C LYS B 878 -0.84 21.82 7.59
N GLU B 879 -0.33 22.37 6.49
CA GLU B 879 -0.99 23.51 5.86
C GLU B 879 -2.32 23.11 5.27
N ILE B 880 -2.38 21.92 4.66
CA ILE B 880 -3.61 21.45 4.05
C ILE B 880 -4.69 21.27 5.11
N GLU B 881 -4.29 20.78 6.28
CA GLU B 881 -5.24 20.61 7.38
C GLU B 881 -5.67 21.97 7.91
N GLU B 882 -4.72 22.87 8.09
CA GLU B 882 -5.01 24.21 8.58
C GLU B 882 -6.00 24.91 7.67
N HIS B 883 -5.82 24.72 6.36
CA HIS B 883 -6.69 25.35 5.37
C HIS B 883 -8.08 24.73 5.33
N CYS B 884 -8.16 23.42 5.40
CA CYS B 884 -9.47 22.77 5.37
C CYS B 884 -10.25 23.00 6.66
N SER B 885 -9.54 23.25 7.76
CA SER B 885 -10.26 23.47 9.01
C SER B 885 -11.00 24.80 8.93
N LEU B 887 -12.40 25.90 6.34
CA LEU B 887 -13.60 25.61 5.58
C LEU B 887 -14.51 24.61 6.28
N GLY B 888 -14.29 24.45 7.58
CA GLY B 888 -15.14 23.57 8.38
C GLY B 888 -14.92 22.09 8.35
N LEU B 889 -13.73 21.66 7.98
CA LEU B 889 -13.43 20.22 7.96
C LEU B 889 -12.43 19.88 9.05
N ASP B 890 -12.65 18.73 9.69
CA ASP B 890 -11.75 18.27 10.77
C ASP B 890 -10.42 17.78 10.18
N PRO B 891 -9.31 18.16 10.83
CA PRO B 891 -7.93 17.80 10.44
C PRO B 891 -7.67 16.30 10.27
N GLU B 892 -8.15 15.51 11.23
CA GLU B 892 -7.97 14.06 11.21
C GLU B 892 -8.63 13.46 9.96
N ILE B 893 -9.83 13.93 9.66
CA ILE B 893 -10.59 13.47 8.52
C ILE B 893 -9.91 13.83 7.19
N VAL B 894 -9.28 14.99 7.15
CA VAL B 894 -8.62 15.47 5.95
C VAL B 894 -7.38 14.68 5.52
N SER B 895 -6.64 14.16 6.48
CA SER B 895 -5.44 13.39 6.16
C SER B 895 -5.57 11.88 6.29
N HIS B 896 -6.66 11.39 6.90
CA HIS B 896 -6.79 9.96 7.09
C HIS B 896 -8.07 9.29 6.60
N SER B 897 -9.12 10.08 6.35
CA SER B 897 -10.38 9.53 5.87
C SER B 897 -10.58 9.67 4.36
N ARG B 898 -11.17 8.65 3.75
CA ARG B 898 -11.43 8.67 2.33
C ARG B 898 -12.66 9.53 2.04
N ILE B 899 -12.59 10.30 0.97
CA ILE B 899 -13.67 11.20 0.55
C ILE B 899 -15.01 10.47 0.40
N ARG B 900 -14.92 9.17 0.11
CA ARG B 900 -16.11 8.36 -0.05
C ARG B 900 -17.00 8.40 1.19
N GLY B 901 -16.39 8.59 2.35
CA GLY B 901 -17.14 8.63 3.59
C GLY B 901 -17.74 9.98 3.94
N LEU B 902 -17.51 10.99 3.09
CA LEU B 902 -18.04 12.33 3.36
C LEU B 902 -19.46 12.48 2.81
N SER B 903 -20.24 13.34 3.47
CA SER B 903 -21.60 13.65 3.04
C SER B 903 -21.55 14.66 1.90
N GLY B 904 -22.68 14.88 1.23
CA GLY B 904 -22.72 15.84 0.14
C GLY B 904 -22.31 17.24 0.59
N GLY B 905 -22.74 17.63 1.79
CA GLY B 905 -22.40 18.94 2.32
C GLY B 905 -20.92 19.04 2.64
N GLN B 906 -20.31 17.93 3.05
CA GLN B 906 -18.90 17.95 3.37
C GLN B 906 -18.08 18.01 2.08
N LYS B 907 -18.56 17.34 1.02
CA LYS B 907 -17.87 17.37 -0.27
C LYS B 907 -17.82 18.81 -0.78
N VAL B 908 -18.88 19.59 -0.51
CA VAL B 908 -18.96 20.99 -0.90
C VAL B 908 -17.86 21.81 -0.18
N LYS B 909 -17.73 21.62 1.13
CA LYS B 909 -16.68 22.33 1.86
C LYS B 909 -15.32 21.98 1.25
N LEU B 910 -15.13 20.71 0.94
CA LEU B 910 -13.88 20.25 0.37
C LEU B 910 -13.55 20.90 -0.99
N VAL B 911 -14.52 20.94 -1.89
CA VAL B 911 -14.28 21.52 -3.20
C VAL B 911 -13.98 23.01 -3.08
N LEU B 912 -14.67 23.67 -2.16
CA LEU B 912 -14.46 25.10 -1.91
C LEU B 912 -13.05 25.25 -1.36
N ALA B 913 -12.64 24.31 -0.50
CA ALA B 913 -11.31 24.34 0.09
C ALA B 913 -10.25 24.21 -1.01
N ALA B 914 -10.47 23.29 -1.94
CA ALA B 914 -9.54 23.08 -3.03
C ALA B 914 -9.43 24.35 -3.89
N GLY B 915 -10.58 24.86 -4.31
CA GLY B 915 -10.60 26.06 -5.14
C GLY B 915 -9.95 27.31 -4.57
N THR B 916 -9.96 27.45 -3.24
CA THR B 916 -9.37 28.63 -2.60
C THR B 916 -8.03 28.33 -1.95
N TRP B 917 -7.46 27.16 -2.26
CA TRP B 917 -6.18 26.74 -1.71
C TRP B 917 -5.03 27.74 -1.87
N GLN B 918 -4.97 28.41 -3.01
CA GLN B 918 -3.90 29.37 -3.25
C GLN B 918 -4.20 30.75 -2.68
N ARG B 919 -5.28 30.87 -1.90
CA ARG B 919 -5.64 32.13 -1.29
C ARG B 919 -5.82 33.26 -2.31
N PRO B 920 -6.76 33.09 -3.24
CA PRO B 920 -7.03 34.09 -4.27
C PRO B 920 -7.42 35.44 -3.70
N HIS B 921 -7.30 36.47 -4.51
CA HIS B 921 -7.66 37.83 -4.11
C HIS B 921 -9.06 38.13 -4.61
N LEU B 922 -9.55 37.28 -5.52
CA LEU B 922 -10.90 37.46 -6.07
C LEU B 922 -11.54 36.09 -6.23
N ILE B 923 -12.82 36.00 -5.89
CA ILE B 923 -13.51 34.74 -6.04
C ILE B 923 -14.66 34.97 -7.01
N VAL B 924 -14.66 34.21 -8.10
CA VAL B 924 -15.71 34.31 -9.10
C VAL B 924 -16.56 33.06 -8.97
N LEU B 925 -17.83 33.22 -8.60
CA LEU B 925 -18.72 32.06 -8.47
C LEU B 925 -19.74 32.02 -9.59
N ASP B 926 -19.76 30.88 -10.28
CA ASP B 926 -20.66 30.67 -11.40
C ASP B 926 -21.98 30.01 -11.02
N GLU B 927 -23.03 30.82 -10.96
CA GLU B 927 -24.36 30.33 -10.63
C GLU B 927 -24.40 29.40 -9.43
N PRO B 928 -23.89 29.86 -8.27
CA PRO B 928 -23.89 28.99 -7.08
C PRO B 928 -25.26 28.46 -6.67
N THR B 929 -26.32 29.24 -6.89
CA THR B 929 -27.64 28.79 -6.49
C THR B 929 -28.20 27.64 -7.34
N ASN B 930 -27.55 27.34 -8.45
CA ASN B 930 -28.00 26.28 -9.34
C ASN B 930 -27.76 24.86 -8.81
N TYR B 931 -26.77 24.67 -7.92
CA TYR B 931 -26.45 23.33 -7.39
C TYR B 931 -26.29 23.24 -5.86
N LEU B 932 -26.68 24.29 -5.15
CA LEU B 932 -26.56 24.29 -3.70
C LEU B 932 -27.92 24.44 -3.05
N ASP B 933 -28.16 23.71 -1.96
CA ASP B 933 -29.44 23.82 -1.28
C ASP B 933 -29.42 24.96 -0.27
N ARG B 934 -30.59 25.27 0.29
CA ARG B 934 -30.75 26.36 1.26
C ARG B 934 -29.67 26.40 2.35
N ASP B 935 -29.35 25.24 2.93
CA ASP B 935 -28.34 25.18 3.99
C ASP B 935 -26.95 25.59 3.52
N SER B 936 -26.51 25.08 2.38
CA SER B 936 -25.19 25.41 1.84
C SER B 936 -25.12 26.89 1.46
N LEU B 937 -26.19 27.39 0.85
CA LEU B 937 -26.25 28.78 0.43
C LEU B 937 -26.12 29.73 1.62
N GLY B 938 -26.84 29.42 2.70
CA GLY B 938 -26.76 30.25 3.88
C GLY B 938 -25.33 30.36 4.37
N ALA B 939 -24.66 29.22 4.48
CA ALA B 939 -23.27 29.20 4.94
C ALA B 939 -22.39 29.95 3.93
N LEU B 940 -22.61 29.72 2.64
CA LEU B 940 -21.80 30.37 1.61
C LEU B 940 -21.99 31.88 1.65
N SER B 941 -23.23 32.31 1.85
CA SER B 941 -23.53 33.74 1.89
C SER B 941 -22.72 34.42 2.99
N LYS B 942 -22.73 33.83 4.18
CA LYS B 942 -22.00 34.40 5.30
C LYS B 942 -20.50 34.44 5.02
N ALA B 943 -19.96 33.39 4.41
CA ALA B 943 -18.53 33.34 4.12
C ALA B 943 -18.13 34.40 3.09
N LEU B 944 -19.02 34.68 2.14
CA LEU B 944 -18.73 35.67 1.13
C LEU B 944 -18.77 37.07 1.73
N LYS B 945 -19.72 37.31 2.63
CA LYS B 945 -19.83 38.60 3.28
C LYS B 945 -18.57 38.96 4.05
N GLU B 946 -17.92 37.96 4.64
CA GLU B 946 -16.71 38.19 5.44
C GLU B 946 -15.40 38.04 4.67
N PHE B 947 -15.48 37.59 3.43
CA PHE B 947 -14.27 37.39 2.64
C PHE B 947 -13.48 38.71 2.49
N GLU B 948 -12.21 38.68 2.90
CA GLU B 948 -11.36 39.87 2.83
C GLU B 948 -10.86 40.17 1.43
N GLY B 949 -11.38 39.46 0.44
CA GLY B 949 -10.99 39.71 -0.94
C GLY B 949 -12.24 40.06 -1.71
N GLY B 950 -12.10 40.26 -3.02
CA GLY B 950 -13.24 40.60 -3.83
C GLY B 950 -14.09 39.40 -4.20
N VAL B 951 -15.36 39.65 -4.52
CA VAL B 951 -16.29 38.58 -4.89
C VAL B 951 -17.08 39.00 -6.12
N ILE B 952 -17.21 38.07 -7.07
CA ILE B 952 -17.97 38.31 -8.30
C ILE B 952 -18.94 37.15 -8.44
N ILE B 953 -20.23 37.44 -8.35
CA ILE B 953 -21.26 36.40 -8.42
C ILE B 953 -22.09 36.44 -9.68
N ILE B 954 -22.00 35.37 -10.47
CA ILE B 954 -22.76 35.25 -11.71
C ILE B 954 -24.03 34.53 -11.30
N THR B 955 -25.12 35.26 -11.19
CA THR B 955 -26.36 34.66 -10.74
C THR B 955 -27.61 35.21 -11.41
N HIS B 956 -28.74 34.57 -11.17
CA HIS B 956 -30.01 35.03 -11.72
C HIS B 956 -30.85 35.43 -10.50
N SER B 957 -30.37 35.04 -9.31
CA SER B 957 -31.06 35.29 -8.05
C SER B 957 -30.80 36.63 -7.38
N ALA B 958 -31.79 37.51 -7.45
CA ALA B 958 -31.69 38.83 -6.81
C ALA B 958 -31.74 38.59 -5.31
N GLU B 959 -32.40 37.50 -4.94
CA GLU B 959 -32.56 37.13 -3.55
C GLU B 959 -31.22 36.81 -2.88
N PHE B 960 -30.38 36.04 -3.55
CA PHE B 960 -29.07 35.64 -3.01
C PHE B 960 -28.07 36.80 -2.94
N THR B 961 -28.23 37.79 -3.81
CA THR B 961 -27.31 38.92 -3.83
C THR B 961 -27.70 40.09 -2.93
N LYS B 962 -28.97 40.14 -2.53
CA LYS B 962 -29.43 41.23 -1.67
C LYS B 962 -28.63 41.26 -0.36
N ASN B 963 -27.93 42.37 -0.14
CA ASN B 963 -27.09 42.57 1.01
C ASN B 963 -25.75 41.84 0.90
N LEU B 964 -25.41 41.42 -0.32
CA LEU B 964 -24.14 40.75 -0.60
C LEU B 964 -23.39 41.62 -1.60
N THR B 965 -24.04 41.90 -2.72
CA THR B 965 -23.44 42.71 -3.77
C THR B 965 -24.09 44.08 -3.89
N GLU B 966 -23.37 45.02 -4.49
CA GLU B 966 -23.89 46.36 -4.67
C GLU B 966 -23.47 46.89 -6.05
N GLU B 967 -22.50 46.22 -6.67
CA GLU B 967 -22.05 46.61 -8.02
C GLU B 967 -22.79 45.68 -8.99
N VAL B 968 -23.21 46.21 -10.14
CA VAL B 968 -23.95 45.42 -11.11
C VAL B 968 -23.35 45.42 -12.51
N TRP B 969 -23.24 44.23 -13.10
CA TRP B 969 -22.74 44.08 -14.47
C TRP B 969 -23.86 43.42 -15.27
N ALA B 970 -24.44 44.17 -16.21
CA ALA B 970 -25.51 43.64 -17.03
C ALA B 970 -25.19 43.88 -18.49
N VAL B 971 -25.09 42.81 -19.25
CA VAL B 971 -24.76 42.95 -20.67
C VAL B 971 -26.01 43.21 -21.52
N LYS B 972 -25.89 44.19 -22.41
CA LYS B 972 -26.99 44.55 -23.30
C LYS B 972 -26.42 44.88 -24.67
N ASP B 973 -26.77 44.05 -25.66
CA ASP B 973 -26.30 44.24 -27.03
C ASP B 973 -24.78 44.28 -27.16
N GLY B 974 -24.11 43.35 -26.50
CA GLY B 974 -22.67 43.27 -26.57
C GLY B 974 -21.94 44.33 -25.76
N ARG B 975 -22.67 45.12 -25.00
CA ARG B 975 -22.06 46.19 -24.20
C ARG B 975 -22.41 46.05 -22.72
N THR B 977 -21.75 48.43 -18.94
CA THR B 977 -21.19 49.53 -18.14
C THR B 977 -21.53 49.21 -16.69
N PRO B 978 -20.53 49.12 -15.81
CA PRO B 978 -20.89 48.81 -14.42
C PRO B 978 -21.81 49.85 -13.79
N SER B 979 -22.78 49.39 -13.00
CA SER B 979 -23.70 50.30 -12.32
C SER B 979 -23.77 49.94 -10.85
N GLY B 980 -24.50 50.74 -10.08
CA GLY B 980 -24.60 50.48 -8.65
C GLY B 980 -23.54 51.25 -7.90
N HIS B 981 -23.11 50.74 -6.75
CA HIS B 981 -22.10 51.42 -5.96
C HIS B 981 -21.21 50.47 -5.16
N ASN B 982 -20.16 51.03 -4.58
CA ASN B 982 -19.20 50.28 -3.78
C ASN B 982 -18.96 51.05 -2.49
N TRP B 983 -18.33 52.12 -2.56
#